data_6BJN
# 
_entry.id   6BJN 
# 
_audit_conform.dict_name       mmcif_pdbx.dic 
_audit_conform.dict_version    5.397 
_audit_conform.dict_location   http://mmcif.pdb.org/dictionaries/ascii/mmcif_pdbx.dic 
# 
loop_
_database_2.database_id 
_database_2.database_code 
_database_2.pdbx_database_accession 
_database_2.pdbx_DOI 
PDB   6BJN         pdb_00006bjn 10.2210/pdb6bjn/pdb 
WWPDB D_1000230966 ?            ?                   
# 
loop_
_pdbx_audit_revision_history.ordinal 
_pdbx_audit_revision_history.data_content_type 
_pdbx_audit_revision_history.major_revision 
_pdbx_audit_revision_history.minor_revision 
_pdbx_audit_revision_history.revision_date 
1 'Structure model' 1 0 2018-01-10 
2 'Structure model' 1 1 2018-01-24 
3 'Structure model' 1 2 2018-02-28 
4 'Structure model' 1 3 2024-10-23 
# 
_pdbx_audit_revision_details.ordinal             1 
_pdbx_audit_revision_details.revision_ordinal    1 
_pdbx_audit_revision_details.data_content_type   'Structure model' 
_pdbx_audit_revision_details.provider            repository 
_pdbx_audit_revision_details.type                'Initial release' 
_pdbx_audit_revision_details.description         ? 
_pdbx_audit_revision_details.details             ? 
# 
loop_
_pdbx_audit_revision_group.ordinal 
_pdbx_audit_revision_group.revision_ordinal 
_pdbx_audit_revision_group.data_content_type 
_pdbx_audit_revision_group.group 
1 2 'Structure model' 'Structure summary'   
2 3 'Structure model' 'Database references' 
3 4 'Structure model' 'Data collection'     
4 4 'Structure model' 'Database references' 
5 4 'Structure model' 'Structure summary'   
# 
loop_
_pdbx_audit_revision_category.ordinal 
_pdbx_audit_revision_category.revision_ordinal 
_pdbx_audit_revision_category.data_content_type 
_pdbx_audit_revision_category.category 
1 2 'Structure model' struct                    
2 3 'Structure model' citation                  
3 4 'Structure model' chem_comp_atom            
4 4 'Structure model' chem_comp_bond            
5 4 'Structure model' database_2                
6 4 'Structure model' pdbx_entry_details        
7 4 'Structure model' pdbx_modification_feature 
# 
loop_
_pdbx_audit_revision_item.ordinal 
_pdbx_audit_revision_item.revision_ordinal 
_pdbx_audit_revision_item.data_content_type 
_pdbx_audit_revision_item.item 
1 2 'Structure model' '_struct.title'                       
2 3 'Structure model' '_citation.journal_volume'            
3 3 'Structure model' '_citation.page_first'                
4 3 'Structure model' '_citation.page_last'                 
5 3 'Structure model' '_citation.title'                     
6 3 'Structure model' '_citation.year'                      
7 4 'Structure model' '_database_2.pdbx_DOI'                
8 4 'Structure model' '_database_2.pdbx_database_accession' 
# 
_pdbx_database_status.status_code                     REL 
_pdbx_database_status.status_code_sf                  REL 
_pdbx_database_status.status_code_mr                  ? 
_pdbx_database_status.entry_id                        6BJN 
_pdbx_database_status.recvd_initial_deposition_date   2017-11-06 
_pdbx_database_status.SG_entry                        N 
_pdbx_database_status.deposit_site                    RCSB 
_pdbx_database_status.process_site                    RCSB 
_pdbx_database_status.status_code_cs                  ? 
_pdbx_database_status.methods_development_category    ? 
_pdbx_database_status.pdb_format_compatible           Y 
_pdbx_database_status.status_code_nmr_data            ? 
# 
_audit_author.name               'Marcotte, D.J.' 
_audit_author.pdbx_ordinal       1 
_audit_author.identifier_ORCID   ? 
# 
_citation.abstract                  ? 
_citation.abstract_id_CAS           ? 
_citation.book_id_ISBN              ? 
_citation.book_publisher            ? 
_citation.book_publisher_city       ? 
_citation.book_title                ? 
_citation.coordinate_linkage        ? 
_citation.country                   US 
_citation.database_id_Medline       ? 
_citation.details                   ? 
_citation.id                        primary 
_citation.journal_abbrev            'Protein Sci.' 
_citation.journal_id_ASTM           PRCIEI 
_citation.journal_id_CSD            0795 
_citation.journal_id_ISSN           1469-896X 
_citation.journal_full              ? 
_citation.journal_issue             ? 
_citation.journal_volume            27 
_citation.language                  ? 
_citation.page_first                672 
_citation.page_last                 680 
_citation.title                     
'Lock and chop: A novel method for the generation of a PICK1 PDZ domain and piperidine-based inhibitor co-crystal structure.' 
_citation.year                      2018 
_citation.database_id_CSD           ? 
_citation.pdbx_database_id_DOI      10.1002/pro.3361 
_citation.pdbx_database_id_PubMed   29280296 
_citation.unpublished_flag          ? 
# 
loop_
_citation_author.citation_id 
_citation_author.name 
_citation_author.ordinal 
_citation_author.identifier_ORCID 
primary 'Marcotte, D.J.' 1  ? 
primary 'Hus, J.C.'      2  ? 
primary 'Banos, C.C.'    3  ? 
primary 'Wildes, C.'     4  ? 
primary 'Arduini, R.'    5  ? 
primary 'Bergeron, C.'   6  ? 
primary 'Hession, C.A.'  7  ? 
primary 'Baker, D.P.'    8  ? 
primary 'Lin, E.'        9  ? 
primary 'Guckian, K.M.'  10 ? 
primary 'Dunah, A.W.'    11 ? 
primary 'Silvian, L.F.'  12 ? 
# 
loop_
_entity.id 
_entity.type 
_entity.src_method 
_entity.pdbx_description 
_entity.formula_weight 
_entity.pdbx_number_of_molecules 
_entity.pdbx_ec 
_entity.pdbx_mutation 
_entity.pdbx_fragment 
_entity.details 
1 polymer man 'PRKCA-binding protein' 13540.405 2  ? ? ? ? 
2 water   nat water                   18.015    31 ? ? ? ? 
# 
_entity_name_com.entity_id   1 
_entity_name_com.name        'Protein interacting with C kinase 1,Protein kinase C-alpha-binding protein' 
# 
_entity_poly.entity_id                      1 
_entity_poly.type                           'polypeptide(L)' 
_entity_poly.nstd_linkage                   no 
_entity_poly.nstd_monomer                   no 
_entity_poly.pdbx_seq_one_letter_code       
;MGHHHHHHHHLVPRGSMFADLDYDIEEDKLGIPTVPGKVTLQKDAQNLIGISIGGGAQYCPCLYIVQVFDNTPAALDGTV
AAGDEITGVNGRSIKGKTKVEVAKMIQEVKGEVTIHYNKLQQSAV
;
_entity_poly.pdbx_seq_one_letter_code_can   
;MGHHHHHHHHLVPRGSMFADLDYDIEEDKLGIPTVPGKVTLQKDAQNLIGISIGGGAQYCPCLYIVQVFDNTPAALDGTV
AAGDEITGVNGRSIKGKTKVEVAKMIQEVKGEVTIHYNKLQQSAV
;
_entity_poly.pdbx_strand_id                 A,B 
_entity_poly.pdbx_target_identifier         ? 
# 
_pdbx_entity_nonpoly.entity_id   2 
_pdbx_entity_nonpoly.name        water 
_pdbx_entity_nonpoly.comp_id     HOH 
# 
loop_
_entity_poly_seq.entity_id 
_entity_poly_seq.num 
_entity_poly_seq.mon_id 
_entity_poly_seq.hetero 
1 1   MET n 
1 2   GLY n 
1 3   HIS n 
1 4   HIS n 
1 5   HIS n 
1 6   HIS n 
1 7   HIS n 
1 8   HIS n 
1 9   HIS n 
1 10  HIS n 
1 11  LEU n 
1 12  VAL n 
1 13  PRO n 
1 14  ARG n 
1 15  GLY n 
1 16  SER n 
1 17  MET n 
1 18  PHE n 
1 19  ALA n 
1 20  ASP n 
1 21  LEU n 
1 22  ASP n 
1 23  TYR n 
1 24  ASP n 
1 25  ILE n 
1 26  GLU n 
1 27  GLU n 
1 28  ASP n 
1 29  LYS n 
1 30  LEU n 
1 31  GLY n 
1 32  ILE n 
1 33  PRO n 
1 34  THR n 
1 35  VAL n 
1 36  PRO n 
1 37  GLY n 
1 38  LYS n 
1 39  VAL n 
1 40  THR n 
1 41  LEU n 
1 42  GLN n 
1 43  LYS n 
1 44  ASP n 
1 45  ALA n 
1 46  GLN n 
1 47  ASN n 
1 48  LEU n 
1 49  ILE n 
1 50  GLY n 
1 51  ILE n 
1 52  SER n 
1 53  ILE n 
1 54  GLY n 
1 55  GLY n 
1 56  GLY n 
1 57  ALA n 
1 58  GLN n 
1 59  TYR n 
1 60  CYS n 
1 61  PRO n 
1 62  CYS n 
1 63  LEU n 
1 64  TYR n 
1 65  ILE n 
1 66  VAL n 
1 67  GLN n 
1 68  VAL n 
1 69  PHE n 
1 70  ASP n 
1 71  ASN n 
1 72  THR n 
1 73  PRO n 
1 74  ALA n 
1 75  ALA n 
1 76  LEU n 
1 77  ASP n 
1 78  GLY n 
1 79  THR n 
1 80  VAL n 
1 81  ALA n 
1 82  ALA n 
1 83  GLY n 
1 84  ASP n 
1 85  GLU n 
1 86  ILE n 
1 87  THR n 
1 88  GLY n 
1 89  VAL n 
1 90  ASN n 
1 91  GLY n 
1 92  ARG n 
1 93  SER n 
1 94  ILE n 
1 95  LYS n 
1 96  GLY n 
1 97  LYS n 
1 98  THR n 
1 99  LYS n 
1 100 VAL n 
1 101 GLU n 
1 102 VAL n 
1 103 ALA n 
1 104 LYS n 
1 105 MET n 
1 106 ILE n 
1 107 GLN n 
1 108 GLU n 
1 109 VAL n 
1 110 LYS n 
1 111 GLY n 
1 112 GLU n 
1 113 VAL n 
1 114 THR n 
1 115 ILE n 
1 116 HIS n 
1 117 TYR n 
1 118 ASN n 
1 119 LYS n 
1 120 LEU n 
1 121 GLN n 
1 122 GLN n 
1 123 SER n 
1 124 ALA n 
1 125 VAL n 
# 
_entity_src_gen.entity_id                          1 
_entity_src_gen.pdbx_src_id                        1 
_entity_src_gen.pdbx_alt_source_flag               sample 
_entity_src_gen.pdbx_seq_type                      'Biological sequence' 
_entity_src_gen.pdbx_beg_seq_num                   1 
_entity_src_gen.pdbx_end_seq_num                   125 
_entity_src_gen.gene_src_common_name               Human 
_entity_src_gen.gene_src_genus                     ? 
_entity_src_gen.pdbx_gene_src_gene                 'PICK1, PRKCABP' 
_entity_src_gen.gene_src_species                   ? 
_entity_src_gen.gene_src_strain                    ? 
_entity_src_gen.gene_src_tissue                    ? 
_entity_src_gen.gene_src_tissue_fraction           ? 
_entity_src_gen.gene_src_details                   ? 
_entity_src_gen.pdbx_gene_src_fragment             ? 
_entity_src_gen.pdbx_gene_src_scientific_name      'Homo sapiens' 
_entity_src_gen.pdbx_gene_src_ncbi_taxonomy_id     9606 
_entity_src_gen.pdbx_gene_src_variant              ? 
_entity_src_gen.pdbx_gene_src_cell_line            ? 
_entity_src_gen.pdbx_gene_src_atcc                 ? 
_entity_src_gen.pdbx_gene_src_organ                ? 
_entity_src_gen.pdbx_gene_src_organelle            ? 
_entity_src_gen.pdbx_gene_src_cell                 ? 
_entity_src_gen.pdbx_gene_src_cellular_location    ? 
_entity_src_gen.host_org_common_name               ? 
_entity_src_gen.pdbx_host_org_scientific_name      'Escherichia coli' 
_entity_src_gen.pdbx_host_org_ncbi_taxonomy_id     562 
_entity_src_gen.host_org_genus                     ? 
_entity_src_gen.pdbx_host_org_gene                 ? 
_entity_src_gen.pdbx_host_org_organ                ? 
_entity_src_gen.host_org_species                   ? 
_entity_src_gen.pdbx_host_org_tissue               ? 
_entity_src_gen.pdbx_host_org_tissue_fraction      ? 
_entity_src_gen.pdbx_host_org_strain               ? 
_entity_src_gen.pdbx_host_org_variant              ? 
_entity_src_gen.pdbx_host_org_cell_line            ? 
_entity_src_gen.pdbx_host_org_atcc                 ? 
_entity_src_gen.pdbx_host_org_culture_collection   ? 
_entity_src_gen.pdbx_host_org_cell                 ? 
_entity_src_gen.pdbx_host_org_organelle            ? 
_entity_src_gen.pdbx_host_org_cellular_location    ? 
_entity_src_gen.pdbx_host_org_vector_type          ? 
_entity_src_gen.pdbx_host_org_vector               ? 
_entity_src_gen.host_org_details                   ? 
_entity_src_gen.expression_system_id               ? 
_entity_src_gen.plasmid_name                       ? 
_entity_src_gen.plasmid_details                    ? 
_entity_src_gen.pdbx_description                   ? 
# 
loop_
_chem_comp.id 
_chem_comp.type 
_chem_comp.mon_nstd_flag 
_chem_comp.name 
_chem_comp.pdbx_synonyms 
_chem_comp.formula 
_chem_comp.formula_weight 
ALA 'L-peptide linking' y ALANINE         ? 'C3 H7 N O2'     89.093  
ARG 'L-peptide linking' y ARGININE        ? 'C6 H15 N4 O2 1' 175.209 
ASN 'L-peptide linking' y ASPARAGINE      ? 'C4 H8 N2 O3'    132.118 
ASP 'L-peptide linking' y 'ASPARTIC ACID' ? 'C4 H7 N O4'     133.103 
CYS 'L-peptide linking' y CYSTEINE        ? 'C3 H7 N O2 S'   121.158 
GLN 'L-peptide linking' y GLUTAMINE       ? 'C5 H10 N2 O3'   146.144 
GLU 'L-peptide linking' y 'GLUTAMIC ACID' ? 'C5 H9 N O4'     147.129 
GLY 'peptide linking'   y GLYCINE         ? 'C2 H5 N O2'     75.067  
HIS 'L-peptide linking' y HISTIDINE       ? 'C6 H10 N3 O2 1' 156.162 
HOH non-polymer         . WATER           ? 'H2 O'           18.015  
ILE 'L-peptide linking' y ISOLEUCINE      ? 'C6 H13 N O2'    131.173 
LEU 'L-peptide linking' y LEUCINE         ? 'C6 H13 N O2'    131.173 
LYS 'L-peptide linking' y LYSINE          ? 'C6 H15 N2 O2 1' 147.195 
MET 'L-peptide linking' y METHIONINE      ? 'C5 H11 N O2 S'  149.211 
PHE 'L-peptide linking' y PHENYLALANINE   ? 'C9 H11 N O2'    165.189 
PRO 'L-peptide linking' y PROLINE         ? 'C5 H9 N O2'     115.130 
SER 'L-peptide linking' y SERINE          ? 'C3 H7 N O3'     105.093 
THR 'L-peptide linking' y THREONINE       ? 'C4 H9 N O3'     119.119 
TYR 'L-peptide linking' y TYROSINE        ? 'C9 H11 N O3'    181.189 
VAL 'L-peptide linking' y VALINE          ? 'C5 H11 N O2'    117.146 
# 
loop_
_pdbx_poly_seq_scheme.asym_id 
_pdbx_poly_seq_scheme.entity_id 
_pdbx_poly_seq_scheme.seq_id 
_pdbx_poly_seq_scheme.mon_id 
_pdbx_poly_seq_scheme.ndb_seq_num 
_pdbx_poly_seq_scheme.pdb_seq_num 
_pdbx_poly_seq_scheme.auth_seq_num 
_pdbx_poly_seq_scheme.pdb_mon_id 
_pdbx_poly_seq_scheme.auth_mon_id 
_pdbx_poly_seq_scheme.pdb_strand_id 
_pdbx_poly_seq_scheme.pdb_ins_code 
_pdbx_poly_seq_scheme.hetero 
A 1 1   MET 1   -15 ?   ?   ?   A . n 
A 1 2   GLY 2   -14 ?   ?   ?   A . n 
A 1 3   HIS 3   -13 ?   ?   ?   A . n 
A 1 4   HIS 4   -12 ?   ?   ?   A . n 
A 1 5   HIS 5   -11 ?   ?   ?   A . n 
A 1 6   HIS 6   -10 ?   ?   ?   A . n 
A 1 7   HIS 7   -9  ?   ?   ?   A . n 
A 1 8   HIS 8   -8  ?   ?   ?   A . n 
A 1 9   HIS 9   -7  ?   ?   ?   A . n 
A 1 10  HIS 10  -6  ?   ?   ?   A . n 
A 1 11  LEU 11  -5  ?   ?   ?   A . n 
A 1 12  VAL 12  -4  ?   ?   ?   A . n 
A 1 13  PRO 13  -3  ?   ?   ?   A . n 
A 1 14  ARG 14  -2  ?   ?   ?   A . n 
A 1 15  GLY 15  -1  ?   ?   ?   A . n 
A 1 16  SER 16  0   ?   ?   ?   A . n 
A 1 17  MET 17  1   ?   ?   ?   A . n 
A 1 18  PHE 18  2   ?   ?   ?   A . n 
A 1 19  ALA 19  3   ?   ?   ?   A . n 
A 1 20  ASP 20  4   ?   ?   ?   A . n 
A 1 21  LEU 21  5   ?   ?   ?   A . n 
A 1 22  ASP 22  6   ?   ?   ?   A . n 
A 1 23  TYR 23  7   ?   ?   ?   A . n 
A 1 24  ASP 24  8   ?   ?   ?   A . n 
A 1 25  ILE 25  9   ?   ?   ?   A . n 
A 1 26  GLU 26  10  ?   ?   ?   A . n 
A 1 27  GLU 27  11  ?   ?   ?   A . n 
A 1 28  ASP 28  12  ?   ?   ?   A . n 
A 1 29  LYS 29  13  ?   ?   ?   A . n 
A 1 30  LEU 30  14  ?   ?   ?   A . n 
A 1 31  GLY 31  15  ?   ?   ?   A . n 
A 1 32  ILE 32  16  ?   ?   ?   A . n 
A 1 33  PRO 33  17  ?   ?   ?   A . n 
A 1 34  THR 34  18  18  THR THR A . n 
A 1 35  VAL 35  19  19  VAL VAL A . n 
A 1 36  PRO 36  20  20  PRO PRO A . n 
A 1 37  GLY 37  21  21  GLY GLY A . n 
A 1 38  LYS 38  22  22  LYS LYS A . n 
A 1 39  VAL 39  23  23  VAL VAL A . n 
A 1 40  THR 40  24  24  THR THR A . n 
A 1 41  LEU 41  25  25  LEU LEU A . n 
A 1 42  GLN 42  26  26  GLN GLN A . n 
A 1 43  LYS 43  27  27  LYS LYS A . n 
A 1 44  ASP 44  28  28  ASP ASP A . n 
A 1 45  ALA 45  29  29  ALA ALA A . n 
A 1 46  GLN 46  30  30  GLN GLN A . n 
A 1 47  ASN 47  31  31  ASN ASN A . n 
A 1 48  LEU 48  32  32  LEU LEU A . n 
A 1 49  ILE 49  33  33  ILE ILE A . n 
A 1 50  GLY 50  34  34  GLY GLY A . n 
A 1 51  ILE 51  35  35  ILE ILE A . n 
A 1 52  SER 52  36  36  SER SER A . n 
A 1 53  ILE 53  37  37  ILE ILE A . n 
A 1 54  GLY 54  38  38  GLY GLY A . n 
A 1 55  GLY 55  39  39  GLY GLY A . n 
A 1 56  GLY 56  40  40  GLY GLY A . n 
A 1 57  ALA 57  41  41  ALA ALA A . n 
A 1 58  GLN 58  42  42  GLN GLN A . n 
A 1 59  TYR 59  43  43  TYR TYR A . n 
A 1 60  CYS 60  44  44  CYS CYS A . n 
A 1 61  PRO 61  45  45  PRO PRO A . n 
A 1 62  CYS 62  46  46  CYS CYS A . n 
A 1 63  LEU 63  47  47  LEU LEU A . n 
A 1 64  TYR 64  48  48  TYR TYR A . n 
A 1 65  ILE 65  49  49  ILE ILE A . n 
A 1 66  VAL 66  50  50  VAL VAL A . n 
A 1 67  GLN 67  51  51  GLN GLN A . n 
A 1 68  VAL 68  52  52  VAL VAL A . n 
A 1 69  PHE 69  53  53  PHE PHE A . n 
A 1 70  ASP 70  54  54  ASP ASP A . n 
A 1 71  ASN 71  55  55  ASN ASN A . n 
A 1 72  THR 72  56  56  THR THR A . n 
A 1 73  PRO 73  57  57  PRO PRO A . n 
A 1 74  ALA 74  58  58  ALA ALA A . n 
A 1 75  ALA 75  59  59  ALA ALA A . n 
A 1 76  LEU 76  60  60  LEU LEU A . n 
A 1 77  ASP 77  61  61  ASP ASP A . n 
A 1 78  GLY 78  62  62  GLY GLY A . n 
A 1 79  THR 79  63  63  THR THR A . n 
A 1 80  VAL 80  64  64  VAL VAL A . n 
A 1 81  ALA 81  65  65  ALA ALA A . n 
A 1 82  ALA 82  66  66  ALA ALA A . n 
A 1 83  GLY 83  67  67  GLY GLY A . n 
A 1 84  ASP 84  68  68  ASP ASP A . n 
A 1 85  GLU 85  69  69  GLU GLU A . n 
A 1 86  ILE 86  70  70  ILE ILE A . n 
A 1 87  THR 87  71  71  THR THR A . n 
A 1 88  GLY 88  72  72  GLY GLY A . n 
A 1 89  VAL 89  73  73  VAL VAL A . n 
A 1 90  ASN 90  74  74  ASN ASN A . n 
A 1 91  GLY 91  75  75  GLY GLY A . n 
A 1 92  ARG 92  76  76  ARG ARG A . n 
A 1 93  SER 93  77  77  SER SER A . n 
A 1 94  ILE 94  78  78  ILE ILE A . n 
A 1 95  LYS 95  79  79  LYS LYS A . n 
A 1 96  GLY 96  80  80  GLY GLY A . n 
A 1 97  LYS 97  81  81  LYS LYS A . n 
A 1 98  THR 98  82  82  THR THR A . n 
A 1 99  LYS 99  83  83  LYS LYS A . n 
A 1 100 VAL 100 84  84  VAL VAL A . n 
A 1 101 GLU 101 85  85  GLU GLU A . n 
A 1 102 VAL 102 86  86  VAL VAL A . n 
A 1 103 ALA 103 87  87  ALA ALA A . n 
A 1 104 LYS 104 88  88  LYS LYS A . n 
A 1 105 MET 105 89  89  MET MET A . n 
A 1 106 ILE 106 90  90  ILE ILE A . n 
A 1 107 GLN 107 91  91  GLN GLN A . n 
A 1 108 GLU 108 92  92  GLU GLU A . n 
A 1 109 VAL 109 93  93  VAL VAL A . n 
A 1 110 LYS 110 94  94  LYS LYS A . n 
A 1 111 GLY 111 95  95  GLY GLY A . n 
A 1 112 GLU 112 96  96  GLU GLU A . n 
A 1 113 VAL 113 97  97  VAL VAL A . n 
A 1 114 THR 114 98  98  THR THR A . n 
A 1 115 ILE 115 99  99  ILE ILE A . n 
A 1 116 HIS 116 100 100 HIS HIS A . n 
A 1 117 TYR 117 101 101 TYR TYR A . n 
A 1 118 ASN 118 102 102 ASN ASN A . n 
A 1 119 LYS 119 103 103 LYS LYS A . n 
A 1 120 LEU 120 104 104 LEU LEU A . n 
A 1 121 GLN 121 105 105 GLN GLN A . n 
A 1 122 GLN 122 106 106 GLN GLN A . n 
A 1 123 SER 123 107 107 SER SER A . n 
A 1 124 ALA 124 108 108 ALA ALA A . n 
A 1 125 VAL 125 109 109 VAL VAL A . n 
B 1 1   MET 1   -15 ?   ?   ?   B . n 
B 1 2   GLY 2   -14 ?   ?   ?   B . n 
B 1 3   HIS 3   -13 ?   ?   ?   B . n 
B 1 4   HIS 4   -12 ?   ?   ?   B . n 
B 1 5   HIS 5   -11 ?   ?   ?   B . n 
B 1 6   HIS 6   -10 ?   ?   ?   B . n 
B 1 7   HIS 7   -9  ?   ?   ?   B . n 
B 1 8   HIS 8   -8  ?   ?   ?   B . n 
B 1 9   HIS 9   -7  ?   ?   ?   B . n 
B 1 10  HIS 10  -6  ?   ?   ?   B . n 
B 1 11  LEU 11  -5  ?   ?   ?   B . n 
B 1 12  VAL 12  -4  ?   ?   ?   B . n 
B 1 13  PRO 13  -3  ?   ?   ?   B . n 
B 1 14  ARG 14  -2  ?   ?   ?   B . n 
B 1 15  GLY 15  -1  ?   ?   ?   B . n 
B 1 16  SER 16  0   ?   ?   ?   B . n 
B 1 17  MET 17  1   ?   ?   ?   B . n 
B 1 18  PHE 18  2   ?   ?   ?   B . n 
B 1 19  ALA 19  3   ?   ?   ?   B . n 
B 1 20  ASP 20  4   ?   ?   ?   B . n 
B 1 21  LEU 21  5   ?   ?   ?   B . n 
B 1 22  ASP 22  6   ?   ?   ?   B . n 
B 1 23  TYR 23  7   ?   ?   ?   B . n 
B 1 24  ASP 24  8   ?   ?   ?   B . n 
B 1 25  ILE 25  9   ?   ?   ?   B . n 
B 1 26  GLU 26  10  ?   ?   ?   B . n 
B 1 27  GLU 27  11  ?   ?   ?   B . n 
B 1 28  ASP 28  12  ?   ?   ?   B . n 
B 1 29  LYS 29  13  ?   ?   ?   B . n 
B 1 30  LEU 30  14  ?   ?   ?   B . n 
B 1 31  GLY 31  15  ?   ?   ?   B . n 
B 1 32  ILE 32  16  ?   ?   ?   B . n 
B 1 33  PRO 33  17  ?   ?   ?   B . n 
B 1 34  THR 34  18  18  THR THR B . n 
B 1 35  VAL 35  19  19  VAL VAL B . n 
B 1 36  PRO 36  20  20  PRO PRO B . n 
B 1 37  GLY 37  21  21  GLY GLY B . n 
B 1 38  LYS 38  22  22  LYS LYS B . n 
B 1 39  VAL 39  23  23  VAL VAL B . n 
B 1 40  THR 40  24  24  THR THR B . n 
B 1 41  LEU 41  25  25  LEU LEU B . n 
B 1 42  GLN 42  26  26  GLN GLN B . n 
B 1 43  LYS 43  27  27  LYS LYS B . n 
B 1 44  ASP 44  28  28  ASP ASP B . n 
B 1 45  ALA 45  29  29  ALA ALA B . n 
B 1 46  GLN 46  30  30  GLN GLN B . n 
B 1 47  ASN 47  31  31  ASN ASN B . n 
B 1 48  LEU 48  32  32  LEU LEU B . n 
B 1 49  ILE 49  33  33  ILE ILE B . n 
B 1 50  GLY 50  34  34  GLY GLY B . n 
B 1 51  ILE 51  35  35  ILE ILE B . n 
B 1 52  SER 52  36  36  SER SER B . n 
B 1 53  ILE 53  37  37  ILE ILE B . n 
B 1 54  GLY 54  38  38  GLY GLY B . n 
B 1 55  GLY 55  39  39  GLY GLY B . n 
B 1 56  GLY 56  40  40  GLY GLY B . n 
B 1 57  ALA 57  41  41  ALA ALA B . n 
B 1 58  GLN 58  42  42  GLN GLN B . n 
B 1 59  TYR 59  43  43  TYR TYR B . n 
B 1 60  CYS 60  44  44  CYS CYS B . n 
B 1 61  PRO 61  45  45  PRO PRO B . n 
B 1 62  CYS 62  46  46  CYS CYS B . n 
B 1 63  LEU 63  47  47  LEU LEU B . n 
B 1 64  TYR 64  48  48  TYR TYR B . n 
B 1 65  ILE 65  49  49  ILE ILE B . n 
B 1 66  VAL 66  50  50  VAL VAL B . n 
B 1 67  GLN 67  51  51  GLN GLN B . n 
B 1 68  VAL 68  52  52  VAL VAL B . n 
B 1 69  PHE 69  53  53  PHE PHE B . n 
B 1 70  ASP 70  54  54  ASP ASP B . n 
B 1 71  ASN 71  55  55  ASN ASN B . n 
B 1 72  THR 72  56  56  THR THR B . n 
B 1 73  PRO 73  57  57  PRO PRO B . n 
B 1 74  ALA 74  58  58  ALA ALA B . n 
B 1 75  ALA 75  59  59  ALA ALA B . n 
B 1 76  LEU 76  60  60  LEU LEU B . n 
B 1 77  ASP 77  61  61  ASP ASP B . n 
B 1 78  GLY 78  62  62  GLY GLY B . n 
B 1 79  THR 79  63  63  THR THR B . n 
B 1 80  VAL 80  64  64  VAL VAL B . n 
B 1 81  ALA 81  65  65  ALA ALA B . n 
B 1 82  ALA 82  66  66  ALA ALA B . n 
B 1 83  GLY 83  67  67  GLY GLY B . n 
B 1 84  ASP 84  68  68  ASP ASP B . n 
B 1 85  GLU 85  69  69  GLU GLU B . n 
B 1 86  ILE 86  70  70  ILE ILE B . n 
B 1 87  THR 87  71  71  THR THR B . n 
B 1 88  GLY 88  72  72  GLY GLY B . n 
B 1 89  VAL 89  73  73  VAL VAL B . n 
B 1 90  ASN 90  74  74  ASN ASN B . n 
B 1 91  GLY 91  75  75  GLY GLY B . n 
B 1 92  ARG 92  76  76  ARG ARG B . n 
B 1 93  SER 93  77  77  SER SER B . n 
B 1 94  ILE 94  78  78  ILE ILE B . n 
B 1 95  LYS 95  79  79  LYS LYS B . n 
B 1 96  GLY 96  80  80  GLY GLY B . n 
B 1 97  LYS 97  81  81  LYS LYS B . n 
B 1 98  THR 98  82  82  THR THR B . n 
B 1 99  LYS 99  83  83  LYS LYS B . n 
B 1 100 VAL 100 84  84  VAL VAL B . n 
B 1 101 GLU 101 85  85  GLU GLU B . n 
B 1 102 VAL 102 86  86  VAL VAL B . n 
B 1 103 ALA 103 87  87  ALA ALA B . n 
B 1 104 LYS 104 88  88  LYS LYS B . n 
B 1 105 MET 105 89  89  MET MET B . n 
B 1 106 ILE 106 90  90  ILE ILE B . n 
B 1 107 GLN 107 91  91  GLN GLN B . n 
B 1 108 GLU 108 92  92  GLU GLU B . n 
B 1 109 VAL 109 93  93  VAL VAL B . n 
B 1 110 LYS 110 94  94  LYS LYS B . n 
B 1 111 GLY 111 95  95  GLY GLY B . n 
B 1 112 GLU 112 96  96  GLU GLU B . n 
B 1 113 VAL 113 97  97  VAL VAL B . n 
B 1 114 THR 114 98  98  THR THR B . n 
B 1 115 ILE 115 99  99  ILE ILE B . n 
B 1 116 HIS 116 100 100 HIS HIS B . n 
B 1 117 TYR 117 101 101 TYR TYR B . n 
B 1 118 ASN 118 102 102 ASN ASN B . n 
B 1 119 LYS 119 103 103 LYS LYS B . n 
B 1 120 LEU 120 104 104 LEU LEU B . n 
B 1 121 GLN 121 105 105 GLN GLN B . n 
B 1 122 GLN 122 106 106 GLN GLN B . n 
B 1 123 SER 123 107 107 SER SER B . n 
B 1 124 ALA 124 108 108 ALA ALA B . n 
B 1 125 VAL 125 109 109 VAL VAL B . n 
# 
loop_
_pdbx_nonpoly_scheme.asym_id 
_pdbx_nonpoly_scheme.entity_id 
_pdbx_nonpoly_scheme.mon_id 
_pdbx_nonpoly_scheme.ndb_seq_num 
_pdbx_nonpoly_scheme.pdb_seq_num 
_pdbx_nonpoly_scheme.auth_seq_num 
_pdbx_nonpoly_scheme.pdb_mon_id 
_pdbx_nonpoly_scheme.auth_mon_id 
_pdbx_nonpoly_scheme.pdb_strand_id 
_pdbx_nonpoly_scheme.pdb_ins_code 
C 2 HOH 1  201 3  HOH HOH A . 
C 2 HOH 2  202 23 HOH HOH A . 
C 2 HOH 3  203 30 HOH HOH A . 
C 2 HOH 4  204 39 HOH HOH A . 
C 2 HOH 5  205 12 HOH HOH A . 
C 2 HOH 6  206 17 HOH HOH A . 
C 2 HOH 7  207 19 HOH HOH A . 
C 2 HOH 8  208 15 HOH HOH A . 
C 2 HOH 9  209 10 HOH HOH A . 
C 2 HOH 10 210 16 HOH HOH A . 
C 2 HOH 11 211 25 HOH HOH A . 
C 2 HOH 12 212 9  HOH HOH A . 
C 2 HOH 13 213 42 HOH HOH A . 
C 2 HOH 14 214 22 HOH HOH A . 
D 2 HOH 1  201 5  HOH HOH B . 
D 2 HOH 2  202 7  HOH HOH B . 
D 2 HOH 3  203 36 HOH HOH B . 
D 2 HOH 4  204 8  HOH HOH B . 
D 2 HOH 5  205 4  HOH HOH B . 
D 2 HOH 6  206 32 HOH HOH B . 
D 2 HOH 7  207 27 HOH HOH B . 
D 2 HOH 8  208 6  HOH HOH B . 
D 2 HOH 9  209 31 HOH HOH B . 
D 2 HOH 10 210 26 HOH HOH B . 
D 2 HOH 11 211 11 HOH HOH B . 
D 2 HOH 12 212 37 HOH HOH B . 
D 2 HOH 13 213 24 HOH HOH B . 
D 2 HOH 14 214 21 HOH HOH B . 
D 2 HOH 15 215 18 HOH HOH B . 
D 2 HOH 16 216 20 HOH HOH B . 
D 2 HOH 17 217 33 HOH HOH B . 
# 
loop_
_software.citation_id 
_software.classification 
_software.compiler_name 
_software.compiler_version 
_software.contact_author 
_software.contact_author_email 
_software.date 
_software.description 
_software.dependencies 
_software.hardware 
_software.language 
_software.location 
_software.mods 
_software.name 
_software.os 
_software.os_version 
_software.type 
_software.version 
_software.pdbx_ordinal 
? 'data scaling'    ? ? ? ? ? ? ? ? ? ? ? SCALA       ? ? ? .        1 
? refinement        ? ? ? ? ? ? ? ? ? ? ? REFMAC      ? ? ? 5.8.0158 2 
? 'data extraction' ? ? ? ? ? ? ? ? ? ? ? PDB_EXTRACT ? ? ? 3.22     3 
? 'data reduction'  ? ? ? ? ? ? ? ? ? ? ? HKL-2000    ? ? ? .        4 
? phasing           ? ? ? ? ? ? ? ? ? ? ? MOLREP      ? ? ? .        5 
# 
_cell.angle_alpha                  90.000 
_cell.angle_alpha_esd              ? 
_cell.angle_beta                   90.000 
_cell.angle_beta_esd               ? 
_cell.angle_gamma                  120.000 
_cell.angle_gamma_esd              ? 
_cell.entry_id                     6BJN 
_cell.details                      ? 
_cell.formula_units_Z              ? 
_cell.length_a                     54.473 
_cell.length_a_esd                 ? 
_cell.length_b                     54.473 
_cell.length_b_esd                 ? 
_cell.length_c                     78.119 
_cell.length_c_esd                 ? 
_cell.volume                       ? 
_cell.volume_esd                   ? 
_cell.Z_PDB                        6 
_cell.reciprocal_angle_alpha       ? 
_cell.reciprocal_angle_beta        ? 
_cell.reciprocal_angle_gamma       ? 
_cell.reciprocal_angle_alpha_esd   ? 
_cell.reciprocal_angle_beta_esd    ? 
_cell.reciprocal_angle_gamma_esd   ? 
_cell.reciprocal_length_a          ? 
_cell.reciprocal_length_b          ? 
_cell.reciprocal_length_c          ? 
_cell.reciprocal_length_a_esd      ? 
_cell.reciprocal_length_b_esd      ? 
_cell.reciprocal_length_c_esd      ? 
_cell.pdbx_unique_axis             ? 
# 
_symmetry.entry_id                         6BJN 
_symmetry.cell_setting                     ? 
_symmetry.Int_Tables_number                145 
_symmetry.space_group_name_Hall            ? 
_symmetry.space_group_name_H-M             'P 32' 
_symmetry.pdbx_full_space_group_name_H-M   ? 
# 
_exptl.absorpt_coefficient_mu     ? 
_exptl.absorpt_correction_T_max   ? 
_exptl.absorpt_correction_T_min   ? 
_exptl.absorpt_correction_type    ? 
_exptl.absorpt_process_details    ? 
_exptl.entry_id                   6BJN 
_exptl.crystals_number            1 
_exptl.details                    ? 
_exptl.method                     'X-RAY DIFFRACTION' 
_exptl.method_details             ? 
# 
_exptl_crystal.colour                      ? 
_exptl_crystal.density_diffrn              ? 
_exptl_crystal.density_Matthews            2.47 
_exptl_crystal.density_method              ? 
_exptl_crystal.density_percent_sol         50.22 
_exptl_crystal.description                 ? 
_exptl_crystal.F_000                       ? 
_exptl_crystal.id                          1 
_exptl_crystal.preparation                 ? 
_exptl_crystal.size_max                    ? 
_exptl_crystal.size_mid                    ? 
_exptl_crystal.size_min                    ? 
_exptl_crystal.size_rad                    ? 
_exptl_crystal.colour_lustre               ? 
_exptl_crystal.colour_modifier             ? 
_exptl_crystal.colour_primary              ? 
_exptl_crystal.density_meas                ? 
_exptl_crystal.density_meas_esd            ? 
_exptl_crystal.density_meas_gt             ? 
_exptl_crystal.density_meas_lt             ? 
_exptl_crystal.density_meas_temp           ? 
_exptl_crystal.density_meas_temp_esd       ? 
_exptl_crystal.density_meas_temp_gt        ? 
_exptl_crystal.density_meas_temp_lt        ? 
_exptl_crystal.pdbx_crystal_image_url      ? 
_exptl_crystal.pdbx_crystal_image_format   ? 
_exptl_crystal.pdbx_mosaicity              ? 
_exptl_crystal.pdbx_mosaicity_esd          ? 
# 
_exptl_crystal_grow.apparatus       ? 
_exptl_crystal_grow.atmosphere      ? 
_exptl_crystal_grow.crystal_id      1 
_exptl_crystal_grow.details         ? 
_exptl_crystal_grow.method          'VAPOR DIFFUSION, SITTING DROP' 
_exptl_crystal_grow.method_ref      ? 
_exptl_crystal_grow.pH              ? 
_exptl_crystal_grow.pressure        ? 
_exptl_crystal_grow.pressure_esd    ? 
_exptl_crystal_grow.seeding         ? 
_exptl_crystal_grow.seeding_ref     ? 
_exptl_crystal_grow.temp            289 
_exptl_crystal_grow.temp_details    ? 
_exptl_crystal_grow.temp_esd        ? 
_exptl_crystal_grow.time            ? 
_exptl_crystal_grow.pdbx_details    '0.1M BisTRIS pH 5.5 and 25% PEG3350' 
_exptl_crystal_grow.pdbx_pH_range   ? 
# 
_diffrn.ambient_environment    ? 
_diffrn.ambient_temp           100 
_diffrn.ambient_temp_details   ? 
_diffrn.ambient_temp_esd       ? 
_diffrn.crystal_id             1 
_diffrn.crystal_support        ? 
_diffrn.crystal_treatment      ? 
_diffrn.details                ? 
_diffrn.id                     1 
_diffrn.ambient_pressure       ? 
_diffrn.ambient_pressure_esd   ? 
_diffrn.ambient_pressure_gt    ? 
_diffrn.ambient_pressure_lt    ? 
_diffrn.ambient_temp_gt        ? 
_diffrn.ambient_temp_lt        ? 
# 
_diffrn_detector.details                      ? 
_diffrn_detector.detector                     'IMAGE PLATE' 
_diffrn_detector.diffrn_id                    1 
_diffrn_detector.type                         'RIGAKU RAXIS IV++' 
_diffrn_detector.area_resol_mean              ? 
_diffrn_detector.dtime                        ? 
_diffrn_detector.pdbx_frames_total            ? 
_diffrn_detector.pdbx_collection_time_total   ? 
_diffrn_detector.pdbx_collection_date         2013-08-13 
# 
_diffrn_radiation.collimation                      ? 
_diffrn_radiation.diffrn_id                        1 
_diffrn_radiation.filter_edge                      ? 
_diffrn_radiation.inhomogeneity                    ? 
_diffrn_radiation.monochromator                    ? 
_diffrn_radiation.polarisn_norm                    ? 
_diffrn_radiation.polarisn_ratio                   ? 
_diffrn_radiation.probe                            ? 
_diffrn_radiation.type                             ? 
_diffrn_radiation.xray_symbol                      ? 
_diffrn_radiation.wavelength_id                    1 
_diffrn_radiation.pdbx_monochromatic_or_laue_m_l   M 
_diffrn_radiation.pdbx_wavelength_list             ? 
_diffrn_radiation.pdbx_wavelength                  ? 
_diffrn_radiation.pdbx_diffrn_protocol             'SINGLE WAVELENGTH' 
_diffrn_radiation.pdbx_analyzer                    ? 
_diffrn_radiation.pdbx_scattering_type             x-ray 
# 
_diffrn_radiation_wavelength.id           1 
_diffrn_radiation_wavelength.wavelength   1.54 
_diffrn_radiation_wavelength.wt           1.0 
# 
_diffrn_source.current                     ? 
_diffrn_source.details                     ? 
_diffrn_source.diffrn_id                   1 
_diffrn_source.power                       ? 
_diffrn_source.size                        ? 
_diffrn_source.source                      'ROTATING ANODE' 
_diffrn_source.target                      ? 
_diffrn_source.type                        'RIGAKU FR-E+ SUPERBRIGHT' 
_diffrn_source.voltage                     ? 
_diffrn_source.take-off_angle              ? 
_diffrn_source.pdbx_wavelength_list        1.54 
_diffrn_source.pdbx_wavelength             ? 
_diffrn_source.pdbx_synchrotron_beamline   ? 
_diffrn_source.pdbx_synchrotron_site       ? 
# 
_reflns.B_iso_Wilson_estimate            ? 
_reflns.entry_id                         6BJN 
_reflns.data_reduction_details           ? 
_reflns.data_reduction_method            ? 
_reflns.d_resolution_high                2.43 
_reflns.d_resolution_low                 50 
_reflns.details                          ? 
_reflns.limit_h_max                      ? 
_reflns.limit_h_min                      ? 
_reflns.limit_k_max                      ? 
_reflns.limit_k_min                      ? 
_reflns.limit_l_max                      ? 
_reflns.limit_l_min                      ? 
_reflns.number_all                       ? 
_reflns.number_obs                       9544 
_reflns.observed_criterion               ? 
_reflns.observed_criterion_F_max         ? 
_reflns.observed_criterion_F_min         ? 
_reflns.observed_criterion_I_max         ? 
_reflns.observed_criterion_I_min         ? 
_reflns.observed_criterion_sigma_F       ? 
_reflns.observed_criterion_sigma_I       ? 
_reflns.percent_possible_obs             99.6 
_reflns.R_free_details                   ? 
_reflns.Rmerge_F_all                     ? 
_reflns.Rmerge_F_obs                     ? 
_reflns.Friedel_coverage                 ? 
_reflns.number_gt                        ? 
_reflns.threshold_expression             ? 
_reflns.pdbx_redundancy                  4.8 
_reflns.pdbx_Rmerge_I_obs                ? 
_reflns.pdbx_Rmerge_I_all                ? 
_reflns.pdbx_Rsym_value                  ? 
_reflns.pdbx_netI_over_av_sigmaI         ? 
_reflns.pdbx_netI_over_sigmaI            7.1 
_reflns.pdbx_res_netI_over_av_sigmaI_2   ? 
_reflns.pdbx_res_netI_over_sigmaI_2      ? 
_reflns.pdbx_chi_squared                 ? 
_reflns.pdbx_scaling_rejects             ? 
_reflns.pdbx_d_res_high_opt              ? 
_reflns.pdbx_d_res_low_opt               ? 
_reflns.pdbx_d_res_opt_method            ? 
_reflns.phase_calculation_details        ? 
_reflns.pdbx_Rrim_I_all                  ? 
_reflns.pdbx_Rpim_I_all                  ? 
_reflns.pdbx_d_opt                       ? 
_reflns.pdbx_number_measured_all         ? 
_reflns.pdbx_diffrn_id                   1 
_reflns.pdbx_ordinal                     1 
_reflns.pdbx_CC_half                     0.86 
_reflns.pdbx_R_split                     ? 
# 
_reflns_shell.d_res_high                  . 
_reflns_shell.d_res_low                   ? 
_reflns_shell.meanI_over_sigI_all         ? 
_reflns_shell.meanI_over_sigI_obs         ? 
_reflns_shell.number_measured_all         ? 
_reflns_shell.number_measured_obs         ? 
_reflns_shell.number_possible             ? 
_reflns_shell.number_unique_all           ? 
_reflns_shell.number_unique_obs           ? 
_reflns_shell.percent_possible_all        ? 
_reflns_shell.percent_possible_obs        ? 
_reflns_shell.Rmerge_F_all                ? 
_reflns_shell.Rmerge_F_obs                ? 
_reflns_shell.Rmerge_I_all                ? 
_reflns_shell.Rmerge_I_obs                ? 
_reflns_shell.meanI_over_sigI_gt          ? 
_reflns_shell.meanI_over_uI_all           ? 
_reflns_shell.meanI_over_uI_gt            ? 
_reflns_shell.number_measured_gt          ? 
_reflns_shell.number_unique_gt            ? 
_reflns_shell.percent_possible_gt         ? 
_reflns_shell.Rmerge_F_gt                 ? 
_reflns_shell.Rmerge_I_gt                 ? 
_reflns_shell.pdbx_redundancy             ? 
_reflns_shell.pdbx_Rsym_value             ? 
_reflns_shell.pdbx_chi_squared            ? 
_reflns_shell.pdbx_netI_over_sigmaI_all   ? 
_reflns_shell.pdbx_netI_over_sigmaI_obs   ? 
_reflns_shell.pdbx_Rrim_I_all             ? 
_reflns_shell.pdbx_Rpim_I_all             ? 
_reflns_shell.pdbx_rejects                ? 
_reflns_shell.pdbx_ordinal                1 
_reflns_shell.pdbx_diffrn_id              1 
_reflns_shell.pdbx_CC_half                ? 
_reflns_shell.pdbx_R_split                ? 
# 
_refine.aniso_B[1][1]                            -0.0000 
_refine.aniso_B[1][2]                            -0.0000 
_refine.aniso_B[1][3]                            -0.0000 
_refine.aniso_B[2][2]                            -0.0000 
_refine.aniso_B[2][3]                            -0.0000 
_refine.aniso_B[3][3]                            0.0100 
_refine.B_iso_max                                94.960 
_refine.B_iso_mean                               38.7990 
_refine.B_iso_min                                20.860 
_refine.correlation_coeff_Fo_to_Fc               0.9390 
_refine.correlation_coeff_Fo_to_Fc_free          0.9270 
_refine.details                                  ? 
_refine.diff_density_max                         ? 
_refine.diff_density_max_esd                     ? 
_refine.diff_density_min                         ? 
_refine.diff_density_min_esd                     ? 
_refine.diff_density_rms                         ? 
_refine.diff_density_rms_esd                     ? 
_refine.entry_id                                 6BJN 
_refine.pdbx_refine_id                           'X-RAY DIFFRACTION' 
_refine.ls_abs_structure_details                 ? 
_refine.ls_abs_structure_Flack                   ? 
_refine.ls_abs_structure_Flack_esd               ? 
_refine.ls_abs_structure_Rogers                  ? 
_refine.ls_abs_structure_Rogers_esd              ? 
_refine.ls_d_res_high                            2.4300 
_refine.ls_d_res_low                             47.1800 
_refine.ls_extinction_coef                       ? 
_refine.ls_extinction_coef_esd                   ? 
_refine.ls_extinction_expression                 ? 
_refine.ls_extinction_method                     ? 
_refine.ls_goodness_of_fit_all                   ? 
_refine.ls_goodness_of_fit_all_esd               ? 
_refine.ls_goodness_of_fit_obs                   ? 
_refine.ls_goodness_of_fit_obs_esd               ? 
_refine.ls_hydrogen_treatment                    ? 
_refine.ls_matrix_type                           ? 
_refine.ls_number_constraints                    ? 
_refine.ls_number_parameters                     ? 
_refine.ls_number_reflns_all                     ? 
_refine.ls_number_reflns_obs                     9039 
_refine.ls_number_reflns_R_free                  514 
_refine.ls_number_reflns_R_work                  ? 
_refine.ls_number_restraints                     ? 
_refine.ls_percent_reflns_obs                    98.3600 
_refine.ls_percent_reflns_R_free                 5.4000 
_refine.ls_R_factor_all                          ? 
_refine.ls_R_factor_obs                          0.1958 
_refine.ls_R_factor_R_free                       0.2200 
_refine.ls_R_factor_R_free_error                 ? 
_refine.ls_R_factor_R_free_error_details         ? 
_refine.ls_R_factor_R_work                       0.1944 
_refine.ls_R_Fsqd_factor_obs                     ? 
_refine.ls_R_I_factor_obs                        ? 
_refine.ls_redundancy_reflns_all                 ? 
_refine.ls_redundancy_reflns_obs                 ? 
_refine.ls_restrained_S_all                      ? 
_refine.ls_restrained_S_obs                      ? 
_refine.ls_shift_over_esd_max                    ? 
_refine.ls_shift_over_esd_mean                   ? 
_refine.ls_structure_factor_coef                 ? 
_refine.ls_weighting_details                     ? 
_refine.ls_weighting_scheme                      ? 
_refine.ls_wR_factor_all                         ? 
_refine.ls_wR_factor_obs                         ? 
_refine.ls_wR_factor_R_free                      ? 
_refine.ls_wR_factor_R_work                      ? 
_refine.occupancy_max                            ? 
_refine.occupancy_min                            ? 
_refine.solvent_model_details                    ? 
_refine.solvent_model_param_bsol                 ? 
_refine.solvent_model_param_ksol                 ? 
_refine.ls_R_factor_gt                           ? 
_refine.ls_goodness_of_fit_gt                    ? 
_refine.ls_goodness_of_fit_ref                   ? 
_refine.ls_shift_over_su_max                     ? 
_refine.ls_shift_over_su_max_lt                  ? 
_refine.ls_shift_over_su_mean                    ? 
_refine.ls_shift_over_su_mean_lt                 ? 
_refine.pdbx_ls_sigma_I                          ? 
_refine.pdbx_ls_sigma_F                          0.000 
_refine.pdbx_ls_sigma_Fsqd                       ? 
_refine.pdbx_data_cutoff_high_absF               ? 
_refine.pdbx_data_cutoff_high_rms_absF           ? 
_refine.pdbx_data_cutoff_low_absF                ? 
_refine.pdbx_isotropic_thermal_model             ? 
_refine.pdbx_ls_cross_valid_method               THROUGHOUT 
_refine.pdbx_method_to_determine_struct          ? 
_refine.pdbx_starting_model                      ? 
_refine.pdbx_stereochemistry_target_values       ? 
_refine.pdbx_R_Free_selection_details            RANDOM 
_refine.pdbx_stereochem_target_val_spec_case     ? 
_refine.pdbx_overall_ESU_R                       0.3070 
_refine.pdbx_overall_ESU_R_Free                  0.2150 
_refine.pdbx_solvent_vdw_probe_radii             1.2000 
_refine.pdbx_solvent_ion_probe_radii             0.8000 
_refine.pdbx_solvent_shrinkage_radii             0.8000 
_refine.pdbx_real_space_R                        ? 
_refine.pdbx_density_correlation                 ? 
_refine.pdbx_pd_number_of_powder_patterns        ? 
_refine.pdbx_pd_number_of_points                 ? 
_refine.pdbx_pd_meas_number_of_points            ? 
_refine.pdbx_pd_proc_ls_prof_R_factor            ? 
_refine.pdbx_pd_proc_ls_prof_wR_factor           ? 
_refine.pdbx_pd_Marquardt_correlation_coeff      ? 
_refine.pdbx_pd_Fsqrd_R_factor                   ? 
_refine.pdbx_pd_ls_matrix_band_width             ? 
_refine.pdbx_overall_phase_error                 ? 
_refine.pdbx_overall_SU_R_free_Cruickshank_DPI   ? 
_refine.pdbx_overall_SU_R_free_Blow_DPI          ? 
_refine.pdbx_overall_SU_R_Blow_DPI               ? 
_refine.pdbx_TLS_residual_ADP_flag               ? 
_refine.pdbx_diffrn_id                           1 
_refine.overall_SU_B                             6.6910 
_refine.overall_SU_ML                            0.1570 
_refine.overall_SU_R_Cruickshank_DPI             ? 
_refine.overall_SU_R_free                        ? 
_refine.overall_FOM_free_R_set                   ? 
_refine.overall_FOM_work_R_set                   ? 
_refine.pdbx_average_fsc_overall                 ? 
_refine.pdbx_average_fsc_work                    ? 
_refine.pdbx_average_fsc_free                    ? 
# 
_refine_hist.cycle_id                         final 
_refine_hist.pdbx_refine_id                   'X-RAY DIFFRACTION' 
_refine_hist.d_res_high                       2.4300 
_refine_hist.d_res_low                        47.1800 
_refine_hist.pdbx_number_atoms_ligand         0 
_refine_hist.number_atoms_solvent             31 
_refine_hist.number_atoms_total               1385 
_refine_hist.pdbx_number_residues_total       184 
_refine_hist.pdbx_B_iso_mean_solvent          46.44 
_refine_hist.pdbx_number_atoms_protein        1354 
_refine_hist.pdbx_number_atoms_nucleic_acid   0 
# 
loop_
_refine_ls_restr.pdbx_refine_id 
_refine_ls_restr.criterion 
_refine_ls_restr.dev_ideal 
_refine_ls_restr.dev_ideal_target 
_refine_ls_restr.number 
_refine_ls_restr.rejects 
_refine_ls_restr.type 
_refine_ls_restr.weight 
_refine_ls_restr.pdbx_restraint_function 
'X-RAY DIFFRACTION' ? 0.017  0.019  1370 ? r_bond_refined_d       ? ? 
'X-RAY DIFFRACTION' ? 0.002  0.020  1326 ? r_bond_other_d         ? ? 
'X-RAY DIFFRACTION' ? 1.929  1.971  1856 ? r_angle_refined_deg    ? ? 
'X-RAY DIFFRACTION' ? 1.072  3.000  3092 ? r_angle_other_deg      ? ? 
'X-RAY DIFFRACTION' ? 7.934  5.000  182  ? r_dihedral_angle_1_deg ? ? 
'X-RAY DIFFRACTION' ? 41.531 27.200 50   ? r_dihedral_angle_2_deg ? ? 
'X-RAY DIFFRACTION' ? 19.211 15.000 244  ? r_dihedral_angle_3_deg ? ? 
'X-RAY DIFFRACTION' ? 11.479 15.000 2    ? r_dihedral_angle_4_deg ? ? 
'X-RAY DIFFRACTION' ? 0.105  0.200  224  ? r_chiral_restr         ? ? 
'X-RAY DIFFRACTION' ? 0.008  0.020  1524 ? r_gen_planes_refined   ? ? 
'X-RAY DIFFRACTION' ? 0.002  0.020  222  ? r_gen_planes_other     ? ? 
# 
_refine_ls_shell.pdbx_refine_id                   'X-RAY DIFFRACTION' 
_refine_ls_shell.d_res_high                       2.4340 
_refine_ls_shell.d_res_low                        2.4980 
_refine_ls_shell.number_reflns_all                642 
_refine_ls_shell.number_reflns_obs                ? 
_refine_ls_shell.number_reflns_R_free             40 
_refine_ls_shell.number_reflns_R_work             602 
_refine_ls_shell.percent_reflns_obs               88.4300 
_refine_ls_shell.percent_reflns_R_free            ? 
_refine_ls_shell.R_factor_all                     ? 
_refine_ls_shell.R_factor_obs                     ? 
_refine_ls_shell.R_factor_R_free                  0.2850 
_refine_ls_shell.R_factor_R_free_error            0.0000 
_refine_ls_shell.R_factor_R_work                  0.2170 
_refine_ls_shell.redundancy_reflns_all            ? 
_refine_ls_shell.redundancy_reflns_obs            ? 
_refine_ls_shell.wR_factor_all                    ? 
_refine_ls_shell.wR_factor_obs                    ? 
_refine_ls_shell.wR_factor_R_free                 ? 
_refine_ls_shell.wR_factor_R_work                 ? 
_refine_ls_shell.pdbx_total_number_of_bins_used   20 
_refine_ls_shell.pdbx_phase_error                 ? 
_refine_ls_shell.pdbx_fsc_work                    ? 
_refine_ls_shell.pdbx_fsc_free                    ? 
# 
_struct.entry_id                     6BJN 
_struct.title                        'PICK1 PDZ domain in complex with the class I PDZ binding motif QSAV' 
_struct.pdbx_model_details           ? 
_struct.pdbx_formula_weight          ? 
_struct.pdbx_formula_weight_method   ? 
_struct.pdbx_model_type_details      ? 
_struct.pdbx_CASP_flag               N 
# 
_struct_keywords.entry_id        6BJN 
_struct_keywords.text            'PICK1 PDZ Domain Class II PDZ binding motif, PEPTIDE BINDING PROTEIN' 
_struct_keywords.pdbx_keywords   'PEPTIDE BINDING PROTEIN' 
# 
loop_
_struct_asym.id 
_struct_asym.pdbx_blank_PDB_chainid_flag 
_struct_asym.pdbx_modified 
_struct_asym.entity_id 
_struct_asym.details 
A N N 1 ? 
B N N 1 ? 
C N N 2 ? 
D N N 2 ? 
# 
_struct_ref.id                         1 
_struct_ref.db_name                    UNP 
_struct_ref.db_code                    PICK1_HUMAN 
_struct_ref.pdbx_db_accession          Q9NRD5 
_struct_ref.pdbx_db_isoform            Q9NRD5-2 
_struct_ref.entity_id                  1 
_struct_ref.pdbx_seq_one_letter_code   
;MFADLDYDIEEDKLGIPTVPGKVTLQKDAQNLIGISIGGGAQYCPCLYIVQVFDNTPAALDGTVAAGDEITGVNGRSIKG
KTKVEVAKMIQEVKGEVTIHYNKLQ
;
_struct_ref.pdbx_align_begin           1 
# 
loop_
_struct_ref_seq.align_id 
_struct_ref_seq.ref_id 
_struct_ref_seq.pdbx_PDB_id_code 
_struct_ref_seq.pdbx_strand_id 
_struct_ref_seq.seq_align_beg 
_struct_ref_seq.pdbx_seq_align_beg_ins_code 
_struct_ref_seq.seq_align_end 
_struct_ref_seq.pdbx_seq_align_end_ins_code 
_struct_ref_seq.pdbx_db_accession 
_struct_ref_seq.db_align_beg 
_struct_ref_seq.pdbx_db_align_beg_ins_code 
_struct_ref_seq.db_align_end 
_struct_ref_seq.pdbx_db_align_end_ins_code 
_struct_ref_seq.pdbx_auth_seq_align_beg 
_struct_ref_seq.pdbx_auth_seq_align_end 
1 1 6BJN A 17 ? 121 ? Q9NRD5 1 ? 105 ? 1 105 
2 1 6BJN B 17 ? 121 ? Q9NRD5 1 ? 105 ? 1 105 
# 
loop_
_struct_ref_seq_dif.align_id 
_struct_ref_seq_dif.pdbx_pdb_id_code 
_struct_ref_seq_dif.mon_id 
_struct_ref_seq_dif.pdbx_pdb_strand_id 
_struct_ref_seq_dif.seq_num 
_struct_ref_seq_dif.pdbx_pdb_ins_code 
_struct_ref_seq_dif.pdbx_seq_db_name 
_struct_ref_seq_dif.pdbx_seq_db_accession_code 
_struct_ref_seq_dif.db_mon_id 
_struct_ref_seq_dif.pdbx_seq_db_seq_num 
_struct_ref_seq_dif.details 
_struct_ref_seq_dif.pdbx_auth_seq_num 
_struct_ref_seq_dif.pdbx_ordinal 
1 6BJN MET A 1   ? UNP Q9NRD5 ? ? 'expression tag' -15 1  
1 6BJN GLY A 2   ? UNP Q9NRD5 ? ? 'expression tag' -14 2  
1 6BJN HIS A 3   ? UNP Q9NRD5 ? ? 'expression tag' -13 3  
1 6BJN HIS A 4   ? UNP Q9NRD5 ? ? 'expression tag' -12 4  
1 6BJN HIS A 5   ? UNP Q9NRD5 ? ? 'expression tag' -11 5  
1 6BJN HIS A 6   ? UNP Q9NRD5 ? ? 'expression tag' -10 6  
1 6BJN HIS A 7   ? UNP Q9NRD5 ? ? 'expression tag' -9  7  
1 6BJN HIS A 8   ? UNP Q9NRD5 ? ? 'expression tag' -8  8  
1 6BJN HIS A 9   ? UNP Q9NRD5 ? ? 'expression tag' -7  9  
1 6BJN HIS A 10  ? UNP Q9NRD5 ? ? 'expression tag' -6  10 
1 6BJN LEU A 11  ? UNP Q9NRD5 ? ? 'expression tag' -5  11 
1 6BJN VAL A 12  ? UNP Q9NRD5 ? ? 'expression tag' -4  12 
1 6BJN PRO A 13  ? UNP Q9NRD5 ? ? 'expression tag' -3  13 
1 6BJN ARG A 14  ? UNP Q9NRD5 ? ? 'expression tag' -2  14 
1 6BJN GLY A 15  ? UNP Q9NRD5 ? ? 'expression tag' -1  15 
1 6BJN SER A 16  ? UNP Q9NRD5 ? ? 'expression tag' 0   16 
1 6BJN GLN A 122 ? UNP Q9NRD5 ? ? 'expression tag' 106 17 
1 6BJN SER A 123 ? UNP Q9NRD5 ? ? 'expression tag' 107 18 
1 6BJN ALA A 124 ? UNP Q9NRD5 ? ? 'expression tag' 108 19 
1 6BJN VAL A 125 ? UNP Q9NRD5 ? ? 'expression tag' 109 20 
2 6BJN MET B 1   ? UNP Q9NRD5 ? ? 'expression tag' -15 21 
2 6BJN GLY B 2   ? UNP Q9NRD5 ? ? 'expression tag' -14 22 
2 6BJN HIS B 3   ? UNP Q9NRD5 ? ? 'expression tag' -13 23 
2 6BJN HIS B 4   ? UNP Q9NRD5 ? ? 'expression tag' -12 24 
2 6BJN HIS B 5   ? UNP Q9NRD5 ? ? 'expression tag' -11 25 
2 6BJN HIS B 6   ? UNP Q9NRD5 ? ? 'expression tag' -10 26 
2 6BJN HIS B 7   ? UNP Q9NRD5 ? ? 'expression tag' -9  27 
2 6BJN HIS B 8   ? UNP Q9NRD5 ? ? 'expression tag' -8  28 
2 6BJN HIS B 9   ? UNP Q9NRD5 ? ? 'expression tag' -7  29 
2 6BJN HIS B 10  ? UNP Q9NRD5 ? ? 'expression tag' -6  30 
2 6BJN LEU B 11  ? UNP Q9NRD5 ? ? 'expression tag' -5  31 
2 6BJN VAL B 12  ? UNP Q9NRD5 ? ? 'expression tag' -4  32 
2 6BJN PRO B 13  ? UNP Q9NRD5 ? ? 'expression tag' -3  33 
2 6BJN ARG B 14  ? UNP Q9NRD5 ? ? 'expression tag' -2  34 
2 6BJN GLY B 15  ? UNP Q9NRD5 ? ? 'expression tag' -1  35 
2 6BJN SER B 16  ? UNP Q9NRD5 ? ? 'expression tag' 0   36 
2 6BJN GLN B 122 ? UNP Q9NRD5 ? ? 'expression tag' 106 37 
2 6BJN SER B 123 ? UNP Q9NRD5 ? ? 'expression tag' 107 38 
2 6BJN ALA B 124 ? UNP Q9NRD5 ? ? 'expression tag' 108 39 
2 6BJN VAL B 125 ? UNP Q9NRD5 ? ? 'expression tag' 109 40 
# 
_pdbx_struct_assembly.id                   1 
_pdbx_struct_assembly.details              author_and_software_defined_assembly 
_pdbx_struct_assembly.method_details       PISA 
_pdbx_struct_assembly.oligomeric_details   dimeric 
_pdbx_struct_assembly.oligomeric_count     2 
# 
loop_
_pdbx_struct_assembly_prop.biol_id 
_pdbx_struct_assembly_prop.type 
_pdbx_struct_assembly_prop.value 
_pdbx_struct_assembly_prop.details 
1 'ABSA (A^2)' 2140 ? 
1 MORE         -20  ? 
1 'SSA (A^2)'  9580 ? 
# 
_pdbx_struct_assembly_gen.assembly_id       1 
_pdbx_struct_assembly_gen.oper_expression   1 
_pdbx_struct_assembly_gen.asym_id_list      A,B,C,D 
# 
_pdbx_struct_assembly_auth_evidence.id                     1 
_pdbx_struct_assembly_auth_evidence.assembly_id            1 
_pdbx_struct_assembly_auth_evidence.experimental_support   'gel filtration' 
_pdbx_struct_assembly_auth_evidence.details                ? 
# 
_pdbx_struct_oper_list.id                   1 
_pdbx_struct_oper_list.type                 'identity operation' 
_pdbx_struct_oper_list.name                 1_555 
_pdbx_struct_oper_list.symmetry_operation   x,y,z 
_pdbx_struct_oper_list.matrix[1][1]         1.0000000000 
_pdbx_struct_oper_list.matrix[1][2]         0.0000000000 
_pdbx_struct_oper_list.matrix[1][3]         0.0000000000 
_pdbx_struct_oper_list.vector[1]            0.0000000000 
_pdbx_struct_oper_list.matrix[2][1]         0.0000000000 
_pdbx_struct_oper_list.matrix[2][2]         1.0000000000 
_pdbx_struct_oper_list.matrix[2][3]         0.0000000000 
_pdbx_struct_oper_list.vector[2]            0.0000000000 
_pdbx_struct_oper_list.matrix[3][1]         0.0000000000 
_pdbx_struct_oper_list.matrix[3][2]         0.0000000000 
_pdbx_struct_oper_list.matrix[3][3]         1.0000000000 
_pdbx_struct_oper_list.vector[3]            0.0000000000 
# 
loop_
_struct_conf.conf_type_id 
_struct_conf.id 
_struct_conf.pdbx_PDB_helix_id 
_struct_conf.beg_label_comp_id 
_struct_conf.beg_label_asym_id 
_struct_conf.beg_label_seq_id 
_struct_conf.pdbx_beg_PDB_ins_code 
_struct_conf.end_label_comp_id 
_struct_conf.end_label_asym_id 
_struct_conf.end_label_seq_id 
_struct_conf.pdbx_end_PDB_ins_code 
_struct_conf.beg_auth_comp_id 
_struct_conf.beg_auth_asym_id 
_struct_conf.beg_auth_seq_id 
_struct_conf.end_auth_comp_id 
_struct_conf.end_auth_asym_id 
_struct_conf.end_auth_seq_id 
_struct_conf.pdbx_PDB_helix_class 
_struct_conf.details 
_struct_conf.pdbx_PDB_helix_length 
HELX_P HELX_P1 AA1 THR A 72 ? GLY A 78  ? THR A 56 GLY A 62 1 ? 7  
HELX_P HELX_P2 AA2 THR A 98 ? VAL A 109 ? THR A 82 VAL A 93 1 ? 12 
HELX_P HELX_P3 AA3 THR B 72 ? GLY B 78  ? THR B 56 GLY B 62 1 ? 7  
HELX_P HELX_P4 AA4 THR B 98 ? VAL B 109 ? THR B 82 VAL B 93 1 ? 12 
# 
_struct_conf_type.id          HELX_P 
_struct_conf_type.criteria    ? 
_struct_conf_type.reference   ? 
# 
loop_
_struct_conn.id 
_struct_conn.conn_type_id 
_struct_conn.pdbx_leaving_atom_flag 
_struct_conn.pdbx_PDB_id 
_struct_conn.ptnr1_label_asym_id 
_struct_conn.ptnr1_label_comp_id 
_struct_conn.ptnr1_label_seq_id 
_struct_conn.ptnr1_label_atom_id 
_struct_conn.pdbx_ptnr1_label_alt_id 
_struct_conn.pdbx_ptnr1_PDB_ins_code 
_struct_conn.pdbx_ptnr1_standard_comp_id 
_struct_conn.ptnr1_symmetry 
_struct_conn.ptnr2_label_asym_id 
_struct_conn.ptnr2_label_comp_id 
_struct_conn.ptnr2_label_seq_id 
_struct_conn.ptnr2_label_atom_id 
_struct_conn.pdbx_ptnr2_label_alt_id 
_struct_conn.pdbx_ptnr2_PDB_ins_code 
_struct_conn.ptnr1_auth_asym_id 
_struct_conn.ptnr1_auth_comp_id 
_struct_conn.ptnr1_auth_seq_id 
_struct_conn.ptnr2_auth_asym_id 
_struct_conn.ptnr2_auth_comp_id 
_struct_conn.ptnr2_auth_seq_id 
_struct_conn.ptnr2_symmetry 
_struct_conn.pdbx_ptnr3_label_atom_id 
_struct_conn.pdbx_ptnr3_label_seq_id 
_struct_conn.pdbx_ptnr3_label_comp_id 
_struct_conn.pdbx_ptnr3_label_asym_id 
_struct_conn.pdbx_ptnr3_label_alt_id 
_struct_conn.pdbx_ptnr3_PDB_ins_code 
_struct_conn.details 
_struct_conn.pdbx_dist_value 
_struct_conn.pdbx_value_order 
_struct_conn.pdbx_role 
disulf1 disulf ? ? A CYS 60 SG ? ? ? 1_555 B CYS 62 SG ? ? A CYS 44 B CYS 46 1_555 ? ? ? ? ? ? ? 2.075 ? ? 
disulf2 disulf ? ? A CYS 62 SG ? ? ? 1_555 B CYS 60 SG ? ? A CYS 46 B CYS 44 1_555 ? ? ? ? ? ? ? 2.056 ? ? 
# 
_struct_conn_type.id          disulf 
_struct_conn_type.criteria    ? 
_struct_conn_type.reference   ? 
# 
loop_
_pdbx_modification_feature.ordinal 
_pdbx_modification_feature.label_comp_id 
_pdbx_modification_feature.label_asym_id 
_pdbx_modification_feature.label_seq_id 
_pdbx_modification_feature.label_alt_id 
_pdbx_modification_feature.modified_residue_label_comp_id 
_pdbx_modification_feature.modified_residue_label_asym_id 
_pdbx_modification_feature.modified_residue_label_seq_id 
_pdbx_modification_feature.modified_residue_label_alt_id 
_pdbx_modification_feature.auth_comp_id 
_pdbx_modification_feature.auth_asym_id 
_pdbx_modification_feature.auth_seq_id 
_pdbx_modification_feature.PDB_ins_code 
_pdbx_modification_feature.symmetry 
_pdbx_modification_feature.modified_residue_auth_comp_id 
_pdbx_modification_feature.modified_residue_auth_asym_id 
_pdbx_modification_feature.modified_residue_auth_seq_id 
_pdbx_modification_feature.modified_residue_PDB_ins_code 
_pdbx_modification_feature.modified_residue_symmetry 
_pdbx_modification_feature.comp_id_linking_atom 
_pdbx_modification_feature.modified_residue_id_linking_atom 
_pdbx_modification_feature.modified_residue_id 
_pdbx_modification_feature.ref_pcm_id 
_pdbx_modification_feature.ref_comp_id 
_pdbx_modification_feature.type 
_pdbx_modification_feature.category 
1 CYS A 60 ? CYS B 62 ? CYS A 44 ? 1_555 CYS B 46 ? 1_555 SG SG . . . None 'Disulfide bridge' 
2 CYS A 62 ? CYS B 60 ? CYS A 46 ? 1_555 CYS B 44 ? 1_555 SG SG . . . None 'Disulfide bridge' 
# 
loop_
_struct_sheet.id 
_struct_sheet.type 
_struct_sheet.number_strands 
_struct_sheet.details 
AA1 ? 5 ? 
AA2 ? 4 ? 
AA3 ? 3 ? 
AA4 ? 4 ? 
# 
loop_
_struct_sheet_order.sheet_id 
_struct_sheet_order.range_id_1 
_struct_sheet_order.range_id_2 
_struct_sheet_order.offset 
_struct_sheet_order.sense 
AA1 1 2 ? anti-parallel 
AA1 2 3 ? anti-parallel 
AA1 3 4 ? anti-parallel 
AA1 4 5 ? anti-parallel 
AA2 1 2 ? anti-parallel 
AA2 2 3 ? anti-parallel 
AA2 3 4 ? anti-parallel 
AA3 1 2 ? anti-parallel 
AA3 2 3 ? anti-parallel 
AA4 1 2 ? anti-parallel 
AA4 2 3 ? anti-parallel 
AA4 3 4 ? anti-parallel 
# 
loop_
_struct_sheet_range.sheet_id 
_struct_sheet_range.id 
_struct_sheet_range.beg_label_comp_id 
_struct_sheet_range.beg_label_asym_id 
_struct_sheet_range.beg_label_seq_id 
_struct_sheet_range.pdbx_beg_PDB_ins_code 
_struct_sheet_range.end_label_comp_id 
_struct_sheet_range.end_label_asym_id 
_struct_sheet_range.end_label_seq_id 
_struct_sheet_range.pdbx_end_PDB_ins_code 
_struct_sheet_range.beg_auth_comp_id 
_struct_sheet_range.beg_auth_asym_id 
_struct_sheet_range.beg_auth_seq_id 
_struct_sheet_range.end_auth_comp_id 
_struct_sheet_range.end_auth_asym_id 
_struct_sheet_range.end_auth_seq_id 
AA1 1 VAL A 35  ? GLN A 42  ? VAL A 19  GLN A 26  
AA1 2 GLU A 112 ? LYS A 119 ? GLU A 96  LYS A 103 
AA1 3 GLU A 85  ? VAL A 89  ? GLU A 69  VAL A 73  
AA1 4 CYS A 60  ? VAL A 68  ? CYS A 44  VAL A 52  
AA1 5 ILE A 51  ? ALA A 57  ? ILE A 35  ALA A 41  
AA2 1 VAL A 35  ? GLN A 42  ? VAL A 19  GLN A 26  
AA2 2 GLU A 112 ? LYS A 119 ? GLU A 96  LYS A 103 
AA2 3 GLU A 85  ? VAL A 89  ? GLU A 69  VAL A 73  
AA2 4 ARG A 92  ? SER A 93  ? ARG A 76  SER A 77  
AA3 1 SER A 123 ? VAL A 125 ? SER A 107 VAL A 109 
AA3 2 ILE B 51  ? ALA B 57  ? ILE B 35  ALA B 41  
AA3 3 CYS B 60  ? VAL B 68  ? CYS B 44  VAL B 52  
AA4 1 VAL B 35  ? GLN B 42  ? VAL B 19  GLN B 26  
AA4 2 GLU B 112 ? LYS B 119 ? GLU B 96  LYS B 103 
AA4 3 GLU B 85  ? VAL B 89  ? GLU B 69  VAL B 73  
AA4 4 ARG B 92  ? SER B 93  ? ARG B 76  SER B 77  
# 
loop_
_pdbx_struct_sheet_hbond.sheet_id 
_pdbx_struct_sheet_hbond.range_id_1 
_pdbx_struct_sheet_hbond.range_id_2 
_pdbx_struct_sheet_hbond.range_1_label_atom_id 
_pdbx_struct_sheet_hbond.range_1_label_comp_id 
_pdbx_struct_sheet_hbond.range_1_label_asym_id 
_pdbx_struct_sheet_hbond.range_1_label_seq_id 
_pdbx_struct_sheet_hbond.range_1_PDB_ins_code 
_pdbx_struct_sheet_hbond.range_1_auth_atom_id 
_pdbx_struct_sheet_hbond.range_1_auth_comp_id 
_pdbx_struct_sheet_hbond.range_1_auth_asym_id 
_pdbx_struct_sheet_hbond.range_1_auth_seq_id 
_pdbx_struct_sheet_hbond.range_2_label_atom_id 
_pdbx_struct_sheet_hbond.range_2_label_comp_id 
_pdbx_struct_sheet_hbond.range_2_label_asym_id 
_pdbx_struct_sheet_hbond.range_2_label_seq_id 
_pdbx_struct_sheet_hbond.range_2_PDB_ins_code 
_pdbx_struct_sheet_hbond.range_2_auth_atom_id 
_pdbx_struct_sheet_hbond.range_2_auth_comp_id 
_pdbx_struct_sheet_hbond.range_2_auth_asym_id 
_pdbx_struct_sheet_hbond.range_2_auth_seq_id 
AA1 1 2 N LEU A 41  ? N LEU A 25  O VAL A 113 ? O VAL A 97 
AA1 2 3 O HIS A 116 ? O HIS A 100 N THR A 87  ? N THR A 71 
AA1 3 4 O ILE A 86  ? O ILE A 70  N LEU A 63  ? N LEU A 47 
AA1 4 5 O TYR A 64  ? O TYR A 48  N GLY A 54  ? N GLY A 38 
AA2 1 2 N LEU A 41  ? N LEU A 25  O VAL A 113 ? O VAL A 97 
AA2 2 3 O HIS A 116 ? O HIS A 100 N THR A 87  ? N THR A 71 
AA2 3 4 N VAL A 89  ? N VAL A 73  O ARG A 92  ? O ARG A 76 
AA3 1 2 N VAL A 125 ? N VAL A 109 O ILE B 51  ? O ILE B 35 
AA3 2 3 N GLY B 54  ? N GLY B 38  O TYR B 64  ? O TYR B 48 
AA4 1 2 N LEU B 41  ? N LEU B 25  O VAL B 113 ? O VAL B 97 
AA4 2 3 O HIS B 116 ? O HIS B 100 N GLY B 88  ? N GLY B 72 
AA4 3 4 N VAL B 89  ? N VAL B 73  O ARG B 92  ? O ARG B 76 
# 
_pdbx_entry_details.entry_id                   6BJN 
_pdbx_entry_details.compound_details           ? 
_pdbx_entry_details.source_details             ? 
_pdbx_entry_details.nonpolymer_details         ? 
_pdbx_entry_details.sequence_details           ? 
_pdbx_entry_details.has_ligand_of_interest     ? 
_pdbx_entry_details.has_protein_modification   Y 
# 
_pdbx_validate_close_contact.id               1 
_pdbx_validate_close_contact.PDB_model_num    1 
_pdbx_validate_close_contact.auth_atom_id_1   O 
_pdbx_validate_close_contact.auth_asym_id_1   A 
_pdbx_validate_close_contact.auth_comp_id_1   PHE 
_pdbx_validate_close_contact.auth_seq_id_1    53 
_pdbx_validate_close_contact.PDB_ins_code_1   ? 
_pdbx_validate_close_contact.label_alt_id_1   ? 
_pdbx_validate_close_contact.auth_atom_id_2   OG1 
_pdbx_validate_close_contact.auth_asym_id_2   A 
_pdbx_validate_close_contact.auth_comp_id_2   THR 
_pdbx_validate_close_contact.auth_seq_id_2    56 
_pdbx_validate_close_contact.PDB_ins_code_2   ? 
_pdbx_validate_close_contact.label_alt_id_2   ? 
_pdbx_validate_close_contact.dist             2.18 
# 
_pdbx_validate_rmsd_angle.id                         1 
_pdbx_validate_rmsd_angle.PDB_model_num              1 
_pdbx_validate_rmsd_angle.auth_atom_id_1             CB 
_pdbx_validate_rmsd_angle.auth_asym_id_1             A 
_pdbx_validate_rmsd_angle.auth_comp_id_1             TYR 
_pdbx_validate_rmsd_angle.auth_seq_id_1              43 
_pdbx_validate_rmsd_angle.PDB_ins_code_1             ? 
_pdbx_validate_rmsd_angle.label_alt_id_1             ? 
_pdbx_validate_rmsd_angle.auth_atom_id_2             CA 
_pdbx_validate_rmsd_angle.auth_asym_id_2             A 
_pdbx_validate_rmsd_angle.auth_comp_id_2             TYR 
_pdbx_validate_rmsd_angle.auth_seq_id_2              43 
_pdbx_validate_rmsd_angle.PDB_ins_code_2             ? 
_pdbx_validate_rmsd_angle.label_alt_id_2             ? 
_pdbx_validate_rmsd_angle.auth_atom_id_3             C 
_pdbx_validate_rmsd_angle.auth_asym_id_3             A 
_pdbx_validate_rmsd_angle.auth_comp_id_3             TYR 
_pdbx_validate_rmsd_angle.auth_seq_id_3              43 
_pdbx_validate_rmsd_angle.PDB_ins_code_3             ? 
_pdbx_validate_rmsd_angle.label_alt_id_3             ? 
_pdbx_validate_rmsd_angle.angle_value                98.32 
_pdbx_validate_rmsd_angle.angle_target_value         110.40 
_pdbx_validate_rmsd_angle.angle_deviation            -12.08 
_pdbx_validate_rmsd_angle.angle_standard_deviation   2.00 
_pdbx_validate_rmsd_angle.linker_flag                N 
# 
loop_
_pdbx_validate_torsion.id 
_pdbx_validate_torsion.PDB_model_num 
_pdbx_validate_torsion.auth_comp_id 
_pdbx_validate_torsion.auth_asym_id 
_pdbx_validate_torsion.auth_seq_id 
_pdbx_validate_torsion.PDB_ins_code 
_pdbx_validate_torsion.label_alt_id 
_pdbx_validate_torsion.phi 
_pdbx_validate_torsion.psi 
1 1 ASN B 55 ? ? 74.51  34.52  
2 1 ALA B 66 ? ? -36.10 122.83 
# 
loop_
_pdbx_unobs_or_zero_occ_residues.id 
_pdbx_unobs_or_zero_occ_residues.PDB_model_num 
_pdbx_unobs_or_zero_occ_residues.polymer_flag 
_pdbx_unobs_or_zero_occ_residues.occupancy_flag 
_pdbx_unobs_or_zero_occ_residues.auth_asym_id 
_pdbx_unobs_or_zero_occ_residues.auth_comp_id 
_pdbx_unobs_or_zero_occ_residues.auth_seq_id 
_pdbx_unobs_or_zero_occ_residues.PDB_ins_code 
_pdbx_unobs_or_zero_occ_residues.label_asym_id 
_pdbx_unobs_or_zero_occ_residues.label_comp_id 
_pdbx_unobs_or_zero_occ_residues.label_seq_id 
1  1 Y 1 A MET -15 ? A MET 1  
2  1 Y 1 A GLY -14 ? A GLY 2  
3  1 Y 1 A HIS -13 ? A HIS 3  
4  1 Y 1 A HIS -12 ? A HIS 4  
5  1 Y 1 A HIS -11 ? A HIS 5  
6  1 Y 1 A HIS -10 ? A HIS 6  
7  1 Y 1 A HIS -9  ? A HIS 7  
8  1 Y 1 A HIS -8  ? A HIS 8  
9  1 Y 1 A HIS -7  ? A HIS 9  
10 1 Y 1 A HIS -6  ? A HIS 10 
11 1 Y 1 A LEU -5  ? A LEU 11 
12 1 Y 1 A VAL -4  ? A VAL 12 
13 1 Y 1 A PRO -3  ? A PRO 13 
14 1 Y 1 A ARG -2  ? A ARG 14 
15 1 Y 1 A GLY -1  ? A GLY 15 
16 1 Y 1 A SER 0   ? A SER 16 
17 1 Y 1 A MET 1   ? A MET 17 
18 1 Y 1 A PHE 2   ? A PHE 18 
19 1 Y 1 A ALA 3   ? A ALA 19 
20 1 Y 1 A ASP 4   ? A ASP 20 
21 1 Y 1 A LEU 5   ? A LEU 21 
22 1 Y 1 A ASP 6   ? A ASP 22 
23 1 Y 1 A TYR 7   ? A TYR 23 
24 1 Y 1 A ASP 8   ? A ASP 24 
25 1 Y 1 A ILE 9   ? A ILE 25 
26 1 Y 1 A GLU 10  ? A GLU 26 
27 1 Y 1 A GLU 11  ? A GLU 27 
28 1 Y 1 A ASP 12  ? A ASP 28 
29 1 Y 1 A LYS 13  ? A LYS 29 
30 1 Y 1 A LEU 14  ? A LEU 30 
31 1 Y 1 A GLY 15  ? A GLY 31 
32 1 Y 1 A ILE 16  ? A ILE 32 
33 1 Y 1 A PRO 17  ? A PRO 33 
34 1 Y 1 B MET -15 ? B MET 1  
35 1 Y 1 B GLY -14 ? B GLY 2  
36 1 Y 1 B HIS -13 ? B HIS 3  
37 1 Y 1 B HIS -12 ? B HIS 4  
38 1 Y 1 B HIS -11 ? B HIS 5  
39 1 Y 1 B HIS -10 ? B HIS 6  
40 1 Y 1 B HIS -9  ? B HIS 7  
41 1 Y 1 B HIS -8  ? B HIS 8  
42 1 Y 1 B HIS -7  ? B HIS 9  
43 1 Y 1 B HIS -6  ? B HIS 10 
44 1 Y 1 B LEU -5  ? B LEU 11 
45 1 Y 1 B VAL -4  ? B VAL 12 
46 1 Y 1 B PRO -3  ? B PRO 13 
47 1 Y 1 B ARG -2  ? B ARG 14 
48 1 Y 1 B GLY -1  ? B GLY 15 
49 1 Y 1 B SER 0   ? B SER 16 
50 1 Y 1 B MET 1   ? B MET 17 
51 1 Y 1 B PHE 2   ? B PHE 18 
52 1 Y 1 B ALA 3   ? B ALA 19 
53 1 Y 1 B ASP 4   ? B ASP 20 
54 1 Y 1 B LEU 5   ? B LEU 21 
55 1 Y 1 B ASP 6   ? B ASP 22 
56 1 Y 1 B TYR 7   ? B TYR 23 
57 1 Y 1 B ASP 8   ? B ASP 24 
58 1 Y 1 B ILE 9   ? B ILE 25 
59 1 Y 1 B GLU 10  ? B GLU 26 
60 1 Y 1 B GLU 11  ? B GLU 27 
61 1 Y 1 B ASP 12  ? B ASP 28 
62 1 Y 1 B LYS 13  ? B LYS 29 
63 1 Y 1 B LEU 14  ? B LEU 30 
64 1 Y 1 B GLY 15  ? B GLY 31 
65 1 Y 1 B ILE 16  ? B ILE 32 
66 1 Y 1 B PRO 17  ? B PRO 33 
# 
loop_
_chem_comp_atom.comp_id 
_chem_comp_atom.atom_id 
_chem_comp_atom.type_symbol 
_chem_comp_atom.pdbx_aromatic_flag 
_chem_comp_atom.pdbx_stereo_config 
_chem_comp_atom.pdbx_ordinal 
ALA N    N N N 1   
ALA CA   C N S 2   
ALA C    C N N 3   
ALA O    O N N 4   
ALA CB   C N N 5   
ALA OXT  O N N 6   
ALA H    H N N 7   
ALA H2   H N N 8   
ALA HA   H N N 9   
ALA HB1  H N N 10  
ALA HB2  H N N 11  
ALA HB3  H N N 12  
ALA HXT  H N N 13  
ARG N    N N N 14  
ARG CA   C N S 15  
ARG C    C N N 16  
ARG O    O N N 17  
ARG CB   C N N 18  
ARG CG   C N N 19  
ARG CD   C N N 20  
ARG NE   N N N 21  
ARG CZ   C N N 22  
ARG NH1  N N N 23  
ARG NH2  N N N 24  
ARG OXT  O N N 25  
ARG H    H N N 26  
ARG H2   H N N 27  
ARG HA   H N N 28  
ARG HB2  H N N 29  
ARG HB3  H N N 30  
ARG HG2  H N N 31  
ARG HG3  H N N 32  
ARG HD2  H N N 33  
ARG HD3  H N N 34  
ARG HE   H N N 35  
ARG HH11 H N N 36  
ARG HH12 H N N 37  
ARG HH21 H N N 38  
ARG HH22 H N N 39  
ARG HXT  H N N 40  
ASN N    N N N 41  
ASN CA   C N S 42  
ASN C    C N N 43  
ASN O    O N N 44  
ASN CB   C N N 45  
ASN CG   C N N 46  
ASN OD1  O N N 47  
ASN ND2  N N N 48  
ASN OXT  O N N 49  
ASN H    H N N 50  
ASN H2   H N N 51  
ASN HA   H N N 52  
ASN HB2  H N N 53  
ASN HB3  H N N 54  
ASN HD21 H N N 55  
ASN HD22 H N N 56  
ASN HXT  H N N 57  
ASP N    N N N 58  
ASP CA   C N S 59  
ASP C    C N N 60  
ASP O    O N N 61  
ASP CB   C N N 62  
ASP CG   C N N 63  
ASP OD1  O N N 64  
ASP OD2  O N N 65  
ASP OXT  O N N 66  
ASP H    H N N 67  
ASP H2   H N N 68  
ASP HA   H N N 69  
ASP HB2  H N N 70  
ASP HB3  H N N 71  
ASP HD2  H N N 72  
ASP HXT  H N N 73  
CYS N    N N N 74  
CYS CA   C N R 75  
CYS C    C N N 76  
CYS O    O N N 77  
CYS CB   C N N 78  
CYS SG   S N N 79  
CYS OXT  O N N 80  
CYS H    H N N 81  
CYS H2   H N N 82  
CYS HA   H N N 83  
CYS HB2  H N N 84  
CYS HB3  H N N 85  
CYS HG   H N N 86  
CYS HXT  H N N 87  
GLN N    N N N 88  
GLN CA   C N S 89  
GLN C    C N N 90  
GLN O    O N N 91  
GLN CB   C N N 92  
GLN CG   C N N 93  
GLN CD   C N N 94  
GLN OE1  O N N 95  
GLN NE2  N N N 96  
GLN OXT  O N N 97  
GLN H    H N N 98  
GLN H2   H N N 99  
GLN HA   H N N 100 
GLN HB2  H N N 101 
GLN HB3  H N N 102 
GLN HG2  H N N 103 
GLN HG3  H N N 104 
GLN HE21 H N N 105 
GLN HE22 H N N 106 
GLN HXT  H N N 107 
GLU N    N N N 108 
GLU CA   C N S 109 
GLU C    C N N 110 
GLU O    O N N 111 
GLU CB   C N N 112 
GLU CG   C N N 113 
GLU CD   C N N 114 
GLU OE1  O N N 115 
GLU OE2  O N N 116 
GLU OXT  O N N 117 
GLU H    H N N 118 
GLU H2   H N N 119 
GLU HA   H N N 120 
GLU HB2  H N N 121 
GLU HB3  H N N 122 
GLU HG2  H N N 123 
GLU HG3  H N N 124 
GLU HE2  H N N 125 
GLU HXT  H N N 126 
GLY N    N N N 127 
GLY CA   C N N 128 
GLY C    C N N 129 
GLY O    O N N 130 
GLY OXT  O N N 131 
GLY H    H N N 132 
GLY H2   H N N 133 
GLY HA2  H N N 134 
GLY HA3  H N N 135 
GLY HXT  H N N 136 
HIS N    N N N 137 
HIS CA   C N S 138 
HIS C    C N N 139 
HIS O    O N N 140 
HIS CB   C N N 141 
HIS CG   C Y N 142 
HIS ND1  N Y N 143 
HIS CD2  C Y N 144 
HIS CE1  C Y N 145 
HIS NE2  N Y N 146 
HIS OXT  O N N 147 
HIS H    H N N 148 
HIS H2   H N N 149 
HIS HA   H N N 150 
HIS HB2  H N N 151 
HIS HB3  H N N 152 
HIS HD1  H N N 153 
HIS HD2  H N N 154 
HIS HE1  H N N 155 
HIS HE2  H N N 156 
HIS HXT  H N N 157 
HOH O    O N N 158 
HOH H1   H N N 159 
HOH H2   H N N 160 
ILE N    N N N 161 
ILE CA   C N S 162 
ILE C    C N N 163 
ILE O    O N N 164 
ILE CB   C N S 165 
ILE CG1  C N N 166 
ILE CG2  C N N 167 
ILE CD1  C N N 168 
ILE OXT  O N N 169 
ILE H    H N N 170 
ILE H2   H N N 171 
ILE HA   H N N 172 
ILE HB   H N N 173 
ILE HG12 H N N 174 
ILE HG13 H N N 175 
ILE HG21 H N N 176 
ILE HG22 H N N 177 
ILE HG23 H N N 178 
ILE HD11 H N N 179 
ILE HD12 H N N 180 
ILE HD13 H N N 181 
ILE HXT  H N N 182 
LEU N    N N N 183 
LEU CA   C N S 184 
LEU C    C N N 185 
LEU O    O N N 186 
LEU CB   C N N 187 
LEU CG   C N N 188 
LEU CD1  C N N 189 
LEU CD2  C N N 190 
LEU OXT  O N N 191 
LEU H    H N N 192 
LEU H2   H N N 193 
LEU HA   H N N 194 
LEU HB2  H N N 195 
LEU HB3  H N N 196 
LEU HG   H N N 197 
LEU HD11 H N N 198 
LEU HD12 H N N 199 
LEU HD13 H N N 200 
LEU HD21 H N N 201 
LEU HD22 H N N 202 
LEU HD23 H N N 203 
LEU HXT  H N N 204 
LYS N    N N N 205 
LYS CA   C N S 206 
LYS C    C N N 207 
LYS O    O N N 208 
LYS CB   C N N 209 
LYS CG   C N N 210 
LYS CD   C N N 211 
LYS CE   C N N 212 
LYS NZ   N N N 213 
LYS OXT  O N N 214 
LYS H    H N N 215 
LYS H2   H N N 216 
LYS HA   H N N 217 
LYS HB2  H N N 218 
LYS HB3  H N N 219 
LYS HG2  H N N 220 
LYS HG3  H N N 221 
LYS HD2  H N N 222 
LYS HD3  H N N 223 
LYS HE2  H N N 224 
LYS HE3  H N N 225 
LYS HZ1  H N N 226 
LYS HZ2  H N N 227 
LYS HZ3  H N N 228 
LYS HXT  H N N 229 
MET N    N N N 230 
MET CA   C N S 231 
MET C    C N N 232 
MET O    O N N 233 
MET CB   C N N 234 
MET CG   C N N 235 
MET SD   S N N 236 
MET CE   C N N 237 
MET OXT  O N N 238 
MET H    H N N 239 
MET H2   H N N 240 
MET HA   H N N 241 
MET HB2  H N N 242 
MET HB3  H N N 243 
MET HG2  H N N 244 
MET HG3  H N N 245 
MET HE1  H N N 246 
MET HE2  H N N 247 
MET HE3  H N N 248 
MET HXT  H N N 249 
PHE N    N N N 250 
PHE CA   C N S 251 
PHE C    C N N 252 
PHE O    O N N 253 
PHE CB   C N N 254 
PHE CG   C Y N 255 
PHE CD1  C Y N 256 
PHE CD2  C Y N 257 
PHE CE1  C Y N 258 
PHE CE2  C Y N 259 
PHE CZ   C Y N 260 
PHE OXT  O N N 261 
PHE H    H N N 262 
PHE H2   H N N 263 
PHE HA   H N N 264 
PHE HB2  H N N 265 
PHE HB3  H N N 266 
PHE HD1  H N N 267 
PHE HD2  H N N 268 
PHE HE1  H N N 269 
PHE HE2  H N N 270 
PHE HZ   H N N 271 
PHE HXT  H N N 272 
PRO N    N N N 273 
PRO CA   C N S 274 
PRO C    C N N 275 
PRO O    O N N 276 
PRO CB   C N N 277 
PRO CG   C N N 278 
PRO CD   C N N 279 
PRO OXT  O N N 280 
PRO H    H N N 281 
PRO HA   H N N 282 
PRO HB2  H N N 283 
PRO HB3  H N N 284 
PRO HG2  H N N 285 
PRO HG3  H N N 286 
PRO HD2  H N N 287 
PRO HD3  H N N 288 
PRO HXT  H N N 289 
SER N    N N N 290 
SER CA   C N S 291 
SER C    C N N 292 
SER O    O N N 293 
SER CB   C N N 294 
SER OG   O N N 295 
SER OXT  O N N 296 
SER H    H N N 297 
SER H2   H N N 298 
SER HA   H N N 299 
SER HB2  H N N 300 
SER HB3  H N N 301 
SER HG   H N N 302 
SER HXT  H N N 303 
THR N    N N N 304 
THR CA   C N S 305 
THR C    C N N 306 
THR O    O N N 307 
THR CB   C N R 308 
THR OG1  O N N 309 
THR CG2  C N N 310 
THR OXT  O N N 311 
THR H    H N N 312 
THR H2   H N N 313 
THR HA   H N N 314 
THR HB   H N N 315 
THR HG1  H N N 316 
THR HG21 H N N 317 
THR HG22 H N N 318 
THR HG23 H N N 319 
THR HXT  H N N 320 
TYR N    N N N 321 
TYR CA   C N S 322 
TYR C    C N N 323 
TYR O    O N N 324 
TYR CB   C N N 325 
TYR CG   C Y N 326 
TYR CD1  C Y N 327 
TYR CD2  C Y N 328 
TYR CE1  C Y N 329 
TYR CE2  C Y N 330 
TYR CZ   C Y N 331 
TYR OH   O N N 332 
TYR OXT  O N N 333 
TYR H    H N N 334 
TYR H2   H N N 335 
TYR HA   H N N 336 
TYR HB2  H N N 337 
TYR HB3  H N N 338 
TYR HD1  H N N 339 
TYR HD2  H N N 340 
TYR HE1  H N N 341 
TYR HE2  H N N 342 
TYR HH   H N N 343 
TYR HXT  H N N 344 
VAL N    N N N 345 
VAL CA   C N S 346 
VAL C    C N N 347 
VAL O    O N N 348 
VAL CB   C N N 349 
VAL CG1  C N N 350 
VAL CG2  C N N 351 
VAL OXT  O N N 352 
VAL H    H N N 353 
VAL H2   H N N 354 
VAL HA   H N N 355 
VAL HB   H N N 356 
VAL HG11 H N N 357 
VAL HG12 H N N 358 
VAL HG13 H N N 359 
VAL HG21 H N N 360 
VAL HG22 H N N 361 
VAL HG23 H N N 362 
VAL HXT  H N N 363 
# 
loop_
_chem_comp_bond.comp_id 
_chem_comp_bond.atom_id_1 
_chem_comp_bond.atom_id_2 
_chem_comp_bond.value_order 
_chem_comp_bond.pdbx_aromatic_flag 
_chem_comp_bond.pdbx_stereo_config 
_chem_comp_bond.pdbx_ordinal 
ALA N   CA   sing N N 1   
ALA N   H    sing N N 2   
ALA N   H2   sing N N 3   
ALA CA  C    sing N N 4   
ALA CA  CB   sing N N 5   
ALA CA  HA   sing N N 6   
ALA C   O    doub N N 7   
ALA C   OXT  sing N N 8   
ALA CB  HB1  sing N N 9   
ALA CB  HB2  sing N N 10  
ALA CB  HB3  sing N N 11  
ALA OXT HXT  sing N N 12  
ARG N   CA   sing N N 13  
ARG N   H    sing N N 14  
ARG N   H2   sing N N 15  
ARG CA  C    sing N N 16  
ARG CA  CB   sing N N 17  
ARG CA  HA   sing N N 18  
ARG C   O    doub N N 19  
ARG C   OXT  sing N N 20  
ARG CB  CG   sing N N 21  
ARG CB  HB2  sing N N 22  
ARG CB  HB3  sing N N 23  
ARG CG  CD   sing N N 24  
ARG CG  HG2  sing N N 25  
ARG CG  HG3  sing N N 26  
ARG CD  NE   sing N N 27  
ARG CD  HD2  sing N N 28  
ARG CD  HD3  sing N N 29  
ARG NE  CZ   sing N N 30  
ARG NE  HE   sing N N 31  
ARG CZ  NH1  sing N N 32  
ARG CZ  NH2  doub N N 33  
ARG NH1 HH11 sing N N 34  
ARG NH1 HH12 sing N N 35  
ARG NH2 HH21 sing N N 36  
ARG NH2 HH22 sing N N 37  
ARG OXT HXT  sing N N 38  
ASN N   CA   sing N N 39  
ASN N   H    sing N N 40  
ASN N   H2   sing N N 41  
ASN CA  C    sing N N 42  
ASN CA  CB   sing N N 43  
ASN CA  HA   sing N N 44  
ASN C   O    doub N N 45  
ASN C   OXT  sing N N 46  
ASN CB  CG   sing N N 47  
ASN CB  HB2  sing N N 48  
ASN CB  HB3  sing N N 49  
ASN CG  OD1  doub N N 50  
ASN CG  ND2  sing N N 51  
ASN ND2 HD21 sing N N 52  
ASN ND2 HD22 sing N N 53  
ASN OXT HXT  sing N N 54  
ASP N   CA   sing N N 55  
ASP N   H    sing N N 56  
ASP N   H2   sing N N 57  
ASP CA  C    sing N N 58  
ASP CA  CB   sing N N 59  
ASP CA  HA   sing N N 60  
ASP C   O    doub N N 61  
ASP C   OXT  sing N N 62  
ASP CB  CG   sing N N 63  
ASP CB  HB2  sing N N 64  
ASP CB  HB3  sing N N 65  
ASP CG  OD1  doub N N 66  
ASP CG  OD2  sing N N 67  
ASP OD2 HD2  sing N N 68  
ASP OXT HXT  sing N N 69  
CYS N   CA   sing N N 70  
CYS N   H    sing N N 71  
CYS N   H2   sing N N 72  
CYS CA  C    sing N N 73  
CYS CA  CB   sing N N 74  
CYS CA  HA   sing N N 75  
CYS C   O    doub N N 76  
CYS C   OXT  sing N N 77  
CYS CB  SG   sing N N 78  
CYS CB  HB2  sing N N 79  
CYS CB  HB3  sing N N 80  
CYS SG  HG   sing N N 81  
CYS OXT HXT  sing N N 82  
GLN N   CA   sing N N 83  
GLN N   H    sing N N 84  
GLN N   H2   sing N N 85  
GLN CA  C    sing N N 86  
GLN CA  CB   sing N N 87  
GLN CA  HA   sing N N 88  
GLN C   O    doub N N 89  
GLN C   OXT  sing N N 90  
GLN CB  CG   sing N N 91  
GLN CB  HB2  sing N N 92  
GLN CB  HB3  sing N N 93  
GLN CG  CD   sing N N 94  
GLN CG  HG2  sing N N 95  
GLN CG  HG3  sing N N 96  
GLN CD  OE1  doub N N 97  
GLN CD  NE2  sing N N 98  
GLN NE2 HE21 sing N N 99  
GLN NE2 HE22 sing N N 100 
GLN OXT HXT  sing N N 101 
GLU N   CA   sing N N 102 
GLU N   H    sing N N 103 
GLU N   H2   sing N N 104 
GLU CA  C    sing N N 105 
GLU CA  CB   sing N N 106 
GLU CA  HA   sing N N 107 
GLU C   O    doub N N 108 
GLU C   OXT  sing N N 109 
GLU CB  CG   sing N N 110 
GLU CB  HB2  sing N N 111 
GLU CB  HB3  sing N N 112 
GLU CG  CD   sing N N 113 
GLU CG  HG2  sing N N 114 
GLU CG  HG3  sing N N 115 
GLU CD  OE1  doub N N 116 
GLU CD  OE2  sing N N 117 
GLU OE2 HE2  sing N N 118 
GLU OXT HXT  sing N N 119 
GLY N   CA   sing N N 120 
GLY N   H    sing N N 121 
GLY N   H2   sing N N 122 
GLY CA  C    sing N N 123 
GLY CA  HA2  sing N N 124 
GLY CA  HA3  sing N N 125 
GLY C   O    doub N N 126 
GLY C   OXT  sing N N 127 
GLY OXT HXT  sing N N 128 
HIS N   CA   sing N N 129 
HIS N   H    sing N N 130 
HIS N   H2   sing N N 131 
HIS CA  C    sing N N 132 
HIS CA  CB   sing N N 133 
HIS CA  HA   sing N N 134 
HIS C   O    doub N N 135 
HIS C   OXT  sing N N 136 
HIS CB  CG   sing N N 137 
HIS CB  HB2  sing N N 138 
HIS CB  HB3  sing N N 139 
HIS CG  ND1  sing Y N 140 
HIS CG  CD2  doub Y N 141 
HIS ND1 CE1  doub Y N 142 
HIS ND1 HD1  sing N N 143 
HIS CD2 NE2  sing Y N 144 
HIS CD2 HD2  sing N N 145 
HIS CE1 NE2  sing Y N 146 
HIS CE1 HE1  sing N N 147 
HIS NE2 HE2  sing N N 148 
HIS OXT HXT  sing N N 149 
HOH O   H1   sing N N 150 
HOH O   H2   sing N N 151 
ILE N   CA   sing N N 152 
ILE N   H    sing N N 153 
ILE N   H2   sing N N 154 
ILE CA  C    sing N N 155 
ILE CA  CB   sing N N 156 
ILE CA  HA   sing N N 157 
ILE C   O    doub N N 158 
ILE C   OXT  sing N N 159 
ILE CB  CG1  sing N N 160 
ILE CB  CG2  sing N N 161 
ILE CB  HB   sing N N 162 
ILE CG1 CD1  sing N N 163 
ILE CG1 HG12 sing N N 164 
ILE CG1 HG13 sing N N 165 
ILE CG2 HG21 sing N N 166 
ILE CG2 HG22 sing N N 167 
ILE CG2 HG23 sing N N 168 
ILE CD1 HD11 sing N N 169 
ILE CD1 HD12 sing N N 170 
ILE CD1 HD13 sing N N 171 
ILE OXT HXT  sing N N 172 
LEU N   CA   sing N N 173 
LEU N   H    sing N N 174 
LEU N   H2   sing N N 175 
LEU CA  C    sing N N 176 
LEU CA  CB   sing N N 177 
LEU CA  HA   sing N N 178 
LEU C   O    doub N N 179 
LEU C   OXT  sing N N 180 
LEU CB  CG   sing N N 181 
LEU CB  HB2  sing N N 182 
LEU CB  HB3  sing N N 183 
LEU CG  CD1  sing N N 184 
LEU CG  CD2  sing N N 185 
LEU CG  HG   sing N N 186 
LEU CD1 HD11 sing N N 187 
LEU CD1 HD12 sing N N 188 
LEU CD1 HD13 sing N N 189 
LEU CD2 HD21 sing N N 190 
LEU CD2 HD22 sing N N 191 
LEU CD2 HD23 sing N N 192 
LEU OXT HXT  sing N N 193 
LYS N   CA   sing N N 194 
LYS N   H    sing N N 195 
LYS N   H2   sing N N 196 
LYS CA  C    sing N N 197 
LYS CA  CB   sing N N 198 
LYS CA  HA   sing N N 199 
LYS C   O    doub N N 200 
LYS C   OXT  sing N N 201 
LYS CB  CG   sing N N 202 
LYS CB  HB2  sing N N 203 
LYS CB  HB3  sing N N 204 
LYS CG  CD   sing N N 205 
LYS CG  HG2  sing N N 206 
LYS CG  HG3  sing N N 207 
LYS CD  CE   sing N N 208 
LYS CD  HD2  sing N N 209 
LYS CD  HD3  sing N N 210 
LYS CE  NZ   sing N N 211 
LYS CE  HE2  sing N N 212 
LYS CE  HE3  sing N N 213 
LYS NZ  HZ1  sing N N 214 
LYS NZ  HZ2  sing N N 215 
LYS NZ  HZ3  sing N N 216 
LYS OXT HXT  sing N N 217 
MET N   CA   sing N N 218 
MET N   H    sing N N 219 
MET N   H2   sing N N 220 
MET CA  C    sing N N 221 
MET CA  CB   sing N N 222 
MET CA  HA   sing N N 223 
MET C   O    doub N N 224 
MET C   OXT  sing N N 225 
MET CB  CG   sing N N 226 
MET CB  HB2  sing N N 227 
MET CB  HB3  sing N N 228 
MET CG  SD   sing N N 229 
MET CG  HG2  sing N N 230 
MET CG  HG3  sing N N 231 
MET SD  CE   sing N N 232 
MET CE  HE1  sing N N 233 
MET CE  HE2  sing N N 234 
MET CE  HE3  sing N N 235 
MET OXT HXT  sing N N 236 
PHE N   CA   sing N N 237 
PHE N   H    sing N N 238 
PHE N   H2   sing N N 239 
PHE CA  C    sing N N 240 
PHE CA  CB   sing N N 241 
PHE CA  HA   sing N N 242 
PHE C   O    doub N N 243 
PHE C   OXT  sing N N 244 
PHE CB  CG   sing N N 245 
PHE CB  HB2  sing N N 246 
PHE CB  HB3  sing N N 247 
PHE CG  CD1  doub Y N 248 
PHE CG  CD2  sing Y N 249 
PHE CD1 CE1  sing Y N 250 
PHE CD1 HD1  sing N N 251 
PHE CD2 CE2  doub Y N 252 
PHE CD2 HD2  sing N N 253 
PHE CE1 CZ   doub Y N 254 
PHE CE1 HE1  sing N N 255 
PHE CE2 CZ   sing Y N 256 
PHE CE2 HE2  sing N N 257 
PHE CZ  HZ   sing N N 258 
PHE OXT HXT  sing N N 259 
PRO N   CA   sing N N 260 
PRO N   CD   sing N N 261 
PRO N   H    sing N N 262 
PRO CA  C    sing N N 263 
PRO CA  CB   sing N N 264 
PRO CA  HA   sing N N 265 
PRO C   O    doub N N 266 
PRO C   OXT  sing N N 267 
PRO CB  CG   sing N N 268 
PRO CB  HB2  sing N N 269 
PRO CB  HB3  sing N N 270 
PRO CG  CD   sing N N 271 
PRO CG  HG2  sing N N 272 
PRO CG  HG3  sing N N 273 
PRO CD  HD2  sing N N 274 
PRO CD  HD3  sing N N 275 
PRO OXT HXT  sing N N 276 
SER N   CA   sing N N 277 
SER N   H    sing N N 278 
SER N   H2   sing N N 279 
SER CA  C    sing N N 280 
SER CA  CB   sing N N 281 
SER CA  HA   sing N N 282 
SER C   O    doub N N 283 
SER C   OXT  sing N N 284 
SER CB  OG   sing N N 285 
SER CB  HB2  sing N N 286 
SER CB  HB3  sing N N 287 
SER OG  HG   sing N N 288 
SER OXT HXT  sing N N 289 
THR N   CA   sing N N 290 
THR N   H    sing N N 291 
THR N   H2   sing N N 292 
THR CA  C    sing N N 293 
THR CA  CB   sing N N 294 
THR CA  HA   sing N N 295 
THR C   O    doub N N 296 
THR C   OXT  sing N N 297 
THR CB  OG1  sing N N 298 
THR CB  CG2  sing N N 299 
THR CB  HB   sing N N 300 
THR OG1 HG1  sing N N 301 
THR CG2 HG21 sing N N 302 
THR CG2 HG22 sing N N 303 
THR CG2 HG23 sing N N 304 
THR OXT HXT  sing N N 305 
TYR N   CA   sing N N 306 
TYR N   H    sing N N 307 
TYR N   H2   sing N N 308 
TYR CA  C    sing N N 309 
TYR CA  CB   sing N N 310 
TYR CA  HA   sing N N 311 
TYR C   O    doub N N 312 
TYR C   OXT  sing N N 313 
TYR CB  CG   sing N N 314 
TYR CB  HB2  sing N N 315 
TYR CB  HB3  sing N N 316 
TYR CG  CD1  doub Y N 317 
TYR CG  CD2  sing Y N 318 
TYR CD1 CE1  sing Y N 319 
TYR CD1 HD1  sing N N 320 
TYR CD2 CE2  doub Y N 321 
TYR CD2 HD2  sing N N 322 
TYR CE1 CZ   doub Y N 323 
TYR CE1 HE1  sing N N 324 
TYR CE2 CZ   sing Y N 325 
TYR CE2 HE2  sing N N 326 
TYR CZ  OH   sing N N 327 
TYR OH  HH   sing N N 328 
TYR OXT HXT  sing N N 329 
VAL N   CA   sing N N 330 
VAL N   H    sing N N 331 
VAL N   H2   sing N N 332 
VAL CA  C    sing N N 333 
VAL CA  CB   sing N N 334 
VAL CA  HA   sing N N 335 
VAL C   O    doub N N 336 
VAL C   OXT  sing N N 337 
VAL CB  CG1  sing N N 338 
VAL CB  CG2  sing N N 339 
VAL CB  HB   sing N N 340 
VAL CG1 HG11 sing N N 341 
VAL CG1 HG12 sing N N 342 
VAL CG1 HG13 sing N N 343 
VAL CG2 HG21 sing N N 344 
VAL CG2 HG22 sing N N 345 
VAL CG2 HG23 sing N N 346 
VAL OXT HXT  sing N N 347 
# 
_atom_sites.entry_id                    6BJN 
_atom_sites.fract_transf_matrix[1][1]   0.01139101 
_atom_sites.fract_transf_matrix[1][2]   -0.00958973 
_atom_sites.fract_transf_matrix[1][3]   0.01508765 
_atom_sites.fract_transf_matrix[2][1]   -0.00808401 
_atom_sites.fract_transf_matrix[2][2]   -0.00244088 
_atom_sites.fract_transf_matrix[2][3]   0.01944341 
_atom_sites.fract_transf_matrix[3][1]   -0.00492200 
_atom_sites.fract_transf_matrix[3][2]   -0.01129758 
_atom_sites.fract_transf_matrix[3][3]   -0.00346470 
_atom_sites.fract_transf_vector[1]      -0.000009 
_atom_sites.fract_transf_vector[2]      0.499530 
_atom_sites.fract_transf_vector[3]      0.014072 
# 
loop_
_atom_type.symbol 
C 
N 
O 
S 
# 
loop_
_atom_site.group_PDB 
_atom_site.id 
_atom_site.type_symbol 
_atom_site.label_atom_id 
_atom_site.label_alt_id 
_atom_site.label_comp_id 
_atom_site.label_asym_id 
_atom_site.label_entity_id 
_atom_site.label_seq_id 
_atom_site.pdbx_PDB_ins_code 
_atom_site.Cartn_x 
_atom_site.Cartn_y 
_atom_site.Cartn_z 
_atom_site.occupancy 
_atom_site.B_iso_or_equiv 
_atom_site.pdbx_formal_charge 
_atom_site.auth_seq_id 
_atom_site.auth_comp_id 
_atom_site.auth_asym_id 
_atom_site.auth_atom_id 
_atom_site.pdbx_PDB_model_num 
ATOM   1    N N   . THR A 1 34  ? -3.703  0.904   15.566  1.00 85.27 ? 18  THR A N   1 
ATOM   2    C CA  . THR A 1 34  ? -2.435  1.218   14.814  1.00 84.36 ? 18  THR A CA  1 
ATOM   3    C C   . THR A 1 34  ? -1.101  0.769   15.568  1.00 81.72 ? 18  THR A C   1 
ATOM   4    O O   . THR A 1 34  ? -0.471  1.559   16.277  1.00 80.92 ? 18  THR A O   1 
ATOM   5    C CB  . THR A 1 34  ? -2.481  2.703   14.352  1.00 81.98 ? 18  THR A CB  1 
ATOM   6    O OG1 . THR A 1 34  ? -1.210  3.098   13.844  1.00 79.59 ? 18  THR A OG1 1 
ATOM   7    C CG2 . THR A 1 34  ? -2.923  3.663   15.487  1.00 84.92 ? 18  THR A CG2 1 
ATOM   8    N N   . VAL A 1 35  ? -0.670  -0.491  15.356  1.00 69.15 ? 19  VAL A N   1 
ATOM   9    C CA  . VAL A 1 35  ? 0.133   -1.266  16.346  1.00 60.59 ? 19  VAL A CA  1 
ATOM   10   C C   . VAL A 1 35  ? 1.568   -1.686  15.875  1.00 60.89 ? 19  VAL A C   1 
ATOM   11   O O   . VAL A 1 35  ? 1.736   -2.597  14.999  1.00 42.21 ? 19  VAL A O   1 
ATOM   12   C CB  . VAL A 1 35  ? -0.632  -2.552  16.828  1.00 56.18 ? 19  VAL A CB  1 
ATOM   13   C CG1 . VAL A 1 35  ? -0.029  -3.114  18.115  1.00 45.45 ? 19  VAL A CG1 1 
ATOM   14   C CG2 . VAL A 1 35  ? -2.127  -2.263  17.016  1.00 56.89 ? 19  VAL A CG2 1 
ATOM   15   N N   . PRO A 1 36  ? 2.617   -1.067  16.486  1.00 55.60 ? 20  PRO A N   1 
ATOM   16   C CA  . PRO A 1 36  ? 4.014   -1.463  16.175  1.00 53.49 ? 20  PRO A CA  1 
ATOM   17   C C   . PRO A 1 36  ? 4.341   -2.914  16.573  1.00 54.06 ? 20  PRO A C   1 
ATOM   18   O O   . PRO A 1 36  ? 3.828   -3.421  17.598  1.00 59.11 ? 20  PRO A O   1 
ATOM   19   C CB  . PRO A 1 36  ? 4.860   -0.496  16.990  1.00 51.88 ? 20  PRO A CB  1 
ATOM   20   C CG  . PRO A 1 36  ? 3.976   -0.030  18.075  1.00 55.45 ? 20  PRO A CG  1 
ATOM   21   C CD  . PRO A 1 36  ? 2.551   -0.098  17.590  1.00 54.02 ? 20  PRO A CD  1 
ATOM   22   N N   . GLY A 1 37  ? 5.136   -3.575  15.735  1.00 42.98 ? 21  GLY A N   1 
ATOM   23   C CA  . GLY A 1 37  ? 5.652   -4.890  16.045  1.00 39.12 ? 21  GLY A CA  1 
ATOM   24   C C   . GLY A 1 37  ? 6.903   -5.202  15.248  1.00 37.66 ? 21  GLY A C   1 
ATOM   25   O O   . GLY A 1 37  ? 7.443   -4.340  14.583  1.00 34.96 ? 21  GLY A O   1 
ATOM   26   N N   . LYS A 1 38  ? 7.345   -6.457  15.342  1.00 38.67 ? 22  LYS A N   1 
ATOM   27   C CA  . LYS A 1 38  ? 8.492   -6.987  14.635  1.00 34.71 ? 22  LYS A CA  1 
ATOM   28   C C   . LYS A 1 38  ? 8.392   -8.509  14.484  1.00 33.91 ? 22  LYS A C   1 
ATOM   29   O O   . LYS A 1 38  ? 7.930   -9.248  15.390  1.00 28.86 ? 22  LYS A O   1 
ATOM   30   C CB  . LYS A 1 38  ? 9.792   -6.578  15.316  1.00 37.11 ? 22  LYS A CB  1 
ATOM   31   C CG  . LYS A 1 38  ? 10.021  -7.107  16.724  1.00 40.98 ? 22  LYS A CG  1 
ATOM   32   C CD  . LYS A 1 38  ? 11.117  -6.284  17.421  1.00 45.57 ? 22  LYS A CD  1 
ATOM   33   C CE  . LYS A 1 38  ? 11.704  -6.947  18.671  1.00 45.26 ? 22  LYS A CE  1 
ATOM   34   N NZ  . LYS A 1 38  ? 13.083  -6.415  18.976  1.00 42.99 ? 22  LYS A NZ  1 
ATOM   35   N N   . VAL A 1 39  ? 8.759   -8.961  13.291  1.00 31.80 ? 23  VAL A N   1 
ATOM   36   C CA  . VAL A 1 39  ? 8.680   -10.354 12.942  1.00 31.22 ? 23  VAL A CA  1 
ATOM   37   C C   . VAL A 1 39  ? 10.018  -10.767 12.342  1.00 31.22 ? 23  VAL A C   1 
ATOM   38   O O   . VAL A 1 39  ? 10.535  -10.127 11.399  1.00 29.82 ? 23  VAL A O   1 
ATOM   39   C CB  . VAL A 1 39  ? 7.456   -10.687 11.998  1.00 34.59 ? 23  VAL A CB  1 
ATOM   40   C CG1 . VAL A 1 39  ? 7.535   -10.027 10.616  1.00 32.35 ? 23  VAL A CG1 1 
ATOM   41   C CG2 . VAL A 1 39  ? 7.298   -12.197 11.818  1.00 34.07 ? 23  VAL A CG2 1 
ATOM   42   N N   . THR A 1 40  ? 10.580  -11.838 12.889  1.00 30.78 ? 24  THR A N   1 
ATOM   43   C CA  . THR A 1 40  ? 11.704  -12.493 12.259  1.00 31.55 ? 24  THR A CA  1 
ATOM   44   C C   . THR A 1 40  ? 11.226  -13.553 11.287  1.00 30.03 ? 24  THR A C   1 
ATOM   45   O O   . THR A 1 40  ? 10.418  -14.384 11.655  1.00 34.41 ? 24  THR A O   1 
ATOM   46   C CB  . THR A 1 40  ? 12.646  -13.013 13.307  1.00 29.88 ? 24  THR A CB  1 
ATOM   47   O OG1 . THR A 1 40  ? 13.163  -11.845 13.944  1.00 37.52 ? 24  THR A OG1 1 
ATOM   48   C CG2 . THR A 1 40  ? 13.809  -13.784 12.687  1.00 32.38 ? 24  THR A CG2 1 
ATOM   49   N N   . LEU A 1 41  ? 11.720  -13.491 10.057  1.00 29.25 ? 25  LEU A N   1 
ATOM   50   C CA  . LEU A 1 41  ? 11.378  -14.453 9.009   1.00 31.46 ? 25  LEU A CA  1 
ATOM   51   C C   . LEU A 1 41  ? 12.605  -15.064 8.367   1.00 33.43 ? 25  LEU A C   1 
ATOM   52   O O   . LEU A 1 41  ? 13.652  -14.401 8.186   1.00 41.56 ? 25  LEU A O   1 
ATOM   53   C CB  . LEU A 1 41  ? 10.588  -13.782 7.883   1.00 32.87 ? 25  LEU A CB  1 
ATOM   54   C CG  . LEU A 1 41  ? 9.157   -13.303 8.154   1.00 35.25 ? 25  LEU A CG  1 
ATOM   55   C CD1 . LEU A 1 41  ? 8.859   -11.980 7.402   1.00 34.45 ? 25  LEU A CD1 1 
ATOM   56   C CD2 . LEU A 1 41  ? 8.136   -14.379 7.818   1.00 34.19 ? 25  LEU A CD2 1 
ATOM   57   N N   . GLN A 1 42  ? 12.416  -16.307 7.948   1.00 33.62 ? 26  GLN A N   1 
ATOM   58   C CA  . GLN A 1 42  ? 13.434  -17.132 7.340   1.00 34.52 ? 26  GLN A CA  1 
ATOM   59   C C   . GLN A 1 42  ? 13.416  -16.881 5.857   1.00 34.58 ? 26  GLN A C   1 
ATOM   60   O O   . GLN A 1 42  ? 12.386  -17.050 5.228   1.00 35.18 ? 26  GLN A O   1 
ATOM   61   C CB  . GLN A 1 42  ? 13.120  -18.616 7.637   1.00 35.62 ? 26  GLN A CB  1 
ATOM   62   C CG  . GLN A 1 42  ? 12.928  -18.917 9.143   1.00 35.88 ? 26  GLN A CG  1 
ATOM   63   C CD  . GLN A 1 42  ? 14.175  -18.525 9.952   1.00 37.27 ? 26  GLN A CD  1 
ATOM   64   O OE1 . GLN A 1 42  ? 15.326  -18.898 9.588   1.00 35.70 ? 26  GLN A OE1 1 
ATOM   65   N NE2 . GLN A 1 42  ? 13.975  -17.725 10.992  1.00 33.46 ? 26  GLN A NE2 1 
ATOM   66   N N   . LYS A 1 43  ? 14.546  -16.460 5.298   1.00 35.30 ? 27  LYS A N   1 
ATOM   67   C CA  . LYS A 1 43  ? 14.700  -16.372 3.833   1.00 38.43 ? 27  LYS A CA  1 
ATOM   68   C C   . LYS A 1 43  ? 14.470  -17.738 3.134   1.00 43.52 ? 27  LYS A C   1 
ATOM   69   O O   . LYS A 1 43  ? 14.795  -18.788 3.687   1.00 46.02 ? 27  LYS A O   1 
ATOM   70   C CB  . LYS A 1 43  ? 16.105  -15.925 3.454   1.00 37.04 ? 27  LYS A CB  1 
ATOM   71   C CG  . LYS A 1 43  ? 16.640  -14.650 4.081   1.00 40.12 ? 27  LYS A CG  1 
ATOM   72   C CD  . LYS A 1 43  ? 15.646  -13.505 3.963   1.00 42.02 ? 27  LYS A CD  1 
ATOM   73   C CE  . LYS A 1 43  ? 16.352  -12.167 3.969   1.00 41.22 ? 27  LYS A CE  1 
ATOM   74   N NZ  . LYS A 1 43  ? 17.263  -12.002 2.796   1.00 41.75 ? 27  LYS A NZ  1 
ATOM   75   N N   . ASP A 1 44  ? 13.922  -17.725 1.924   1.00 44.77 ? 28  ASP A N   1 
ATOM   76   C CA  . ASP A 1 44  ? 13.883  -18.960 1.102   1.00 48.26 ? 28  ASP A CA  1 
ATOM   77   C C   . ASP A 1 44  ? 15.245  -19.306 0.438   1.00 45.11 ? 28  ASP A C   1 
ATOM   78   O O   . ASP A 1 44  ? 16.277  -18.624 0.621   1.00 40.61 ? 28  ASP A O   1 
ATOM   79   C CB  . ASP A 1 44  ? 12.704  -18.944 0.090   1.00 45.57 ? 28  ASP A CB  1 
ATOM   80   C CG  . ASP A 1 44  ? 12.777  -17.800 -0.924  1.00 47.53 ? 28  ASP A CG  1 
ATOM   81   O OD1 . ASP A 1 44  ? 13.843  -17.201 -1.199  1.00 45.51 ? 28  ASP A OD1 1 
ATOM   82   O OD2 . ASP A 1 44  ? 11.715  -17.487 -1.465  1.00 52.16 ? 28  ASP A OD2 1 
ATOM   83   N N   . ALA A 1 45  ? 15.238  -20.380 -0.322  1.00 44.79 ? 29  ALA A N   1 
ATOM   84   C CA  . ALA A 1 45  ? 16.381  -20.730 -1.162  1.00 45.35 ? 29  ALA A CA  1 
ATOM   85   C C   . ALA A 1 45  ? 16.820  -19.665 -2.174  1.00 42.90 ? 29  ALA A C   1 
ATOM   86   O O   . ALA A 1 45  ? 18.013  -19.596 -2.467  1.00 39.07 ? 29  ALA A O   1 
ATOM   87   C CB  . ALA A 1 45  ? 16.118  -22.047 -1.870  1.00 45.84 ? 29  ALA A CB  1 
ATOM   88   N N   . GLN A 1 46  ? 15.905  -18.834 -2.697  1.00 43.15 ? 30  GLN A N   1 
ATOM   89   C CA  . GLN A 1 46  ? 16.340  -17.661 -3.529  1.00 45.03 ? 30  GLN A CA  1 
ATOM   90   C C   . GLN A 1 46  ? 16.693  -16.384 -2.717  1.00 43.30 ? 30  GLN A C   1 
ATOM   91   O O   . GLN A 1 46  ? 16.818  -15.278 -3.320  1.00 34.95 ? 30  GLN A O   1 
ATOM   92   C CB  . GLN A 1 46  ? 15.324  -17.309 -4.632  1.00 42.84 ? 30  GLN A CB  1 
ATOM   93   C CG  . GLN A 1 46  ? 15.244  -18.308 -5.764  1.00 42.30 ? 30  GLN A CG  1 
ATOM   94   C CD  . GLN A 1 46  ? 14.046  -19.215 -5.605  1.00 47.40 ? 30  GLN A CD  1 
ATOM   95   O OE1 . GLN A 1 46  ? 12.888  -18.757 -5.647  1.00 49.89 ? 30  GLN A OE1 1 
ATOM   96   N NE2 . GLN A 1 46  ? 14.306  -20.507 -5.390  1.00 48.72 ? 30  GLN A NE2 1 
ATOM   97   N N   . ASN A 1 47  ? 16.893  -16.564 -1.391  1.00 41.24 ? 31  ASN A N   1 
ATOM   98   C CA  . ASN A 1 47  ? 17.122  -15.489 -0.408  1.00 42.96 ? 31  ASN A CA  1 
ATOM   99   C C   . ASN A 1 47  ? 16.025  -14.455 -0.601  1.00 43.01 ? 31  ASN A C   1 
ATOM   100  O O   . ASN A 1 47  ? 16.275  -13.328 -1.042  1.00 45.05 ? 31  ASN A O   1 
ATOM   101  C CB  . ASN A 1 47  ? 18.546  -14.914 -0.542  1.00 41.04 ? 31  ASN A CB  1 
ATOM   102  C CG  . ASN A 1 47  ? 18.770  -13.662 0.291   1.00 40.72 ? 31  ASN A CG  1 
ATOM   103  O OD1 . ASN A 1 47  ? 18.957  -13.720 1.490   1.00 42.27 ? 31  ASN A OD1 1 
ATOM   104  N ND2 . ASN A 1 47  ? 18.772  -12.514 -0.371  1.00 43.27 ? 31  ASN A ND2 1 
ATOM   105  N N   . LEU A 1 48  ? 14.795  -14.900 -0.381  1.00 41.17 ? 32  LEU A N   1 
ATOM   106  C CA  . LEU A 1 48  ? 13.617  -14.012 -0.426  1.00 46.54 ? 32  LEU A CA  1 
ATOM   107  C C   . LEU A 1 48  ? 12.634  -14.388 0.649   1.00 43.70 ? 32  LEU A C   1 
ATOM   108  O O   . LEU A 1 48  ? 12.651  -15.532 1.122   1.00 44.93 ? 32  LEU A O   1 
ATOM   109  C CB  . LEU A 1 48  ? 12.874  -14.088 -1.753  1.00 49.27 ? 32  LEU A CB  1 
ATOM   110  C CG  . LEU A 1 48  ? 13.654  -13.903 -3.036  1.00 51.25 ? 32  LEU A CG  1 
ATOM   111  C CD1 . LEU A 1 48  ? 12.680  -14.199 -4.163  1.00 51.33 ? 32  LEU A CD1 1 
ATOM   112  C CD2 . LEU A 1 48  ? 14.235  -12.501 -3.179  1.00 50.95 ? 32  LEU A CD2 1 
ATOM   113  N N   . ILE A 1 49  ? 11.785  -13.422 0.997   1.00 39.53 ? 33  ILE A N   1 
ATOM   114  C CA  . ILE A 1 49  ? 10.694  -13.591 1.999   1.00 40.85 ? 33  ILE A CA  1 
ATOM   115  C C   . ILE A 1 49  ? 9.271   -13.423 1.428   1.00 38.84 ? 33  ILE A C   1 
ATOM   116  O O   . ILE A 1 49  ? 8.299   -13.772 2.089   1.00 39.28 ? 33  ILE A O   1 
ATOM   117  C CB  . ILE A 1 49  ? 10.860  -12.603 3.189   1.00 40.55 ? 33  ILE A CB  1 
ATOM   118  C CG1 . ILE A 1 49  ? 10.831  -11.160 2.708   1.00 36.76 ? 33  ILE A CG1 1 
ATOM   119  C CG2 . ILE A 1 49  ? 12.172  -12.861 3.948   1.00 41.53 ? 33  ILE A CG2 1 
ATOM   120  C CD1 . ILE A 1 49  ? 10.800  -10.147 3.812   1.00 38.21 ? 33  ILE A CD1 1 
ATOM   121  N N   . GLY A 1 50  ? 9.143   -12.880 0.217   1.00 37.83 ? 34  GLY A N   1 
ATOM   122  C CA  . GLY A 1 50  ? 7.825   -12.766 -0.432  1.00 39.91 ? 34  GLY A CA  1 
ATOM   123  C C   . GLY A 1 50  ? 6.967   -11.565 -0.036  1.00 37.09 ? 34  GLY A C   1 
ATOM   124  O O   . GLY A 1 50  ? 5.770   -11.711 0.253   1.00 35.55 ? 34  GLY A O   1 
ATOM   125  N N   . ILE A 1 51  ? 7.569   -10.374 -0.038  1.00 33.03 ? 35  ILE A N   1 
ATOM   126  C CA  . ILE A 1 51  ? 6.802   -9.122  0.017   1.00 32.62 ? 35  ILE A CA  1 
ATOM   127  C C   . ILE A 1 51  ? 7.199   -8.194  -1.099  1.00 33.92 ? 35  ILE A C   1 
ATOM   128  O O   . ILE A 1 51  ? 8.227   -8.415  -1.807  1.00 38.02 ? 35  ILE A O   1 
ATOM   129  C CB  . ILE A 1 51  ? 6.897   -8.372  1.377   1.00 32.39 ? 35  ILE A CB  1 
ATOM   130  C CG1 . ILE A 1 51  ? 8.256   -7.718  1.630   1.00 31.91 ? 35  ILE A CG1 1 
ATOM   131  C CG2 . ILE A 1 51  ? 6.546   -9.311  2.522   1.00 32.08 ? 35  ILE A CG2 1 
ATOM   132  C CD1 . ILE A 1 51  ? 8.355   -7.121  3.044   1.00 33.08 ? 35  ILE A CD1 1 
ATOM   133  N N   . SER A 1 52  ? 6.414   -7.127  -1.220  1.00 33.02 ? 36  SER A N   1 
ATOM   134  C CA  . SER A 1 52  ? 6.624   -6.051  -2.179  1.00 32.65 ? 36  SER A CA  1 
ATOM   135  C C   . SER A 1 52  ? 6.761   -4.770  -1.352  1.00 33.63 ? 36  SER A C   1 
ATOM   136  O O   . SER A 1 52  ? 6.239   -4.688  -0.238  1.00 30.34 ? 36  SER A O   1 
ATOM   137  C CB  . SER A 1 52  ? 5.444   -5.943  -3.142  1.00 32.22 ? 36  SER A CB  1 
ATOM   138  O OG  . SER A 1 52  ? 5.400   -4.666  -3.755  1.00 38.29 ? 36  SER A OG  1 
ATOM   139  N N   . ILE A 1 53  ? 7.450   -3.768  -1.885  1.00 30.79 ? 37  ILE A N   1 
ATOM   140  C CA  . ILE A 1 53  ? 7.650   -2.574  -1.161  1.00 30.79 ? 37  ILE A CA  1 
ATOM   141  C C   . ILE A 1 53  ? 7.288   -1.345  -1.974  1.00 30.51 ? 37  ILE A C   1 
ATOM   142  O O   . ILE A 1 53  ? 7.839   -1.148  -3.075  1.00 31.85 ? 37  ILE A O   1 
ATOM   143  C CB  . ILE A 1 53  ? 9.099   -2.498  -0.710  1.00 32.81 ? 37  ILE A CB  1 
ATOM   144  C CG1 . ILE A 1 53  ? 9.342   -3.687  0.203   1.00 35.71 ? 37  ILE A CG1 1 
ATOM   145  C CG2 . ILE A 1 53  ? 9.388   -1.169  -0.008  1.00 33.27 ? 37  ILE A CG2 1 
ATOM   146  C CD1 . ILE A 1 53  ? 10.624  -3.620  0.996   1.00 38.64 ? 37  ILE A CD1 1 
ATOM   147  N N   . GLY A 1 54  ? 6.410   -0.508  -1.394  1.00 28.13 ? 38  GLY A N   1 
ATOM   148  C CA  . GLY A 1 54  ? 6.069   0.802   -1.936  1.00 30.98 ? 38  GLY A CA  1 
ATOM   149  C C   . GLY A 1 54  ? 6.407   2.017   -1.091  1.00 30.94 ? 38  GLY A C   1 
ATOM   150  O O   . GLY A 1 54  ? 6.974   1.914   0.026   1.00 35.13 ? 38  GLY A O   1 
ATOM   151  N N   . GLY A 1 55  ? 6.052   3.173   -1.650  1.00 27.87 ? 39  GLY A N   1 
ATOM   152  C CA  . GLY A 1 55  ? 6.367   4.464   -1.077  1.00 31.23 ? 39  GLY A CA  1 
ATOM   153  C C   . GLY A 1 55  ? 7.859   4.720   -1.221  1.00 34.09 ? 39  GLY A C   1 
ATOM   154  O O   . GLY A 1 55  ? 8.437   4.329   -2.208  1.00 32.66 ? 39  GLY A O   1 
ATOM   155  N N   . GLY A 1 56  ? 8.496   5.333   -0.228  1.00 41.84 ? 40  GLY A N   1 
ATOM   156  C CA  . GLY A 1 56  ? 9.987   5.504   -0.237  1.00 46.26 ? 40  GLY A CA  1 
ATOM   157  C C   . GLY A 1 56  ? 10.461  6.312   -1.427  1.00 48.04 ? 40  GLY A C   1 
ATOM   158  O O   . GLY A 1 56  ? 11.332  5.883   -2.230  1.00 55.04 ? 40  GLY A O   1 
ATOM   159  N N   . ALA A 1 57  ? 9.813   7.455   -1.560  1.00 46.39 ? 41  ALA A N   1 
ATOM   160  C CA  . ALA A 1 57  ? 9.897   8.294   -2.751  1.00 48.74 ? 41  ALA A CA  1 
ATOM   161  C C   . ALA A 1 57  ? 9.752   9.753   -2.310  1.00 45.54 ? 41  ALA A C   1 
ATOM   162  O O   . ALA A 1 57  ? 9.487   10.034  -1.113  1.00 41.59 ? 41  ALA A O   1 
ATOM   163  C CB  . ALA A 1 57  ? 8.812   7.896   -3.757  1.00 43.28 ? 41  ALA A CB  1 
ATOM   164  N N   . GLN A 1 58  ? 10.001  10.658  -3.253  1.00 46.40 ? 42  GLN A N   1 
ATOM   165  C CA  . GLN A 1 58  ? 9.891   12.101  -3.010  1.00 50.97 ? 42  GLN A CA  1 
ATOM   166  C C   . GLN A 1 58  ? 8.412   12.485  -2.761  1.00 47.85 ? 42  GLN A C   1 
ATOM   167  O O   . GLN A 1 58  ? 7.490   12.011  -3.440  1.00 44.61 ? 42  GLN A O   1 
ATOM   168  C CB  . GLN A 1 58  ? 10.452  12.876  -4.204  1.00 59.18 ? 42  GLN A CB  1 
ATOM   169  C CG  . GLN A 1 58  ? 10.617  14.380  -3.973  1.00 65.89 ? 42  GLN A CG  1 
ATOM   170  C CD  . GLN A 1 58  ? 10.638  15.198  -5.266  1.00 67.68 ? 42  GLN A CD  1 
ATOM   171  O OE1 . GLN A 1 58  ? 9.813   16.113  -5.455  1.00 58.78 ? 42  GLN A OE1 1 
ATOM   172  N NE2 . GLN A 1 58  ? 11.593  14.876  -6.159  1.00 62.36 ? 42  GLN A NE2 1 
ATOM   173  N N   . TYR A 1 59  ? 8.195   13.315  -1.758  1.00 40.92 ? 43  TYR A N   1 
ATOM   174  C CA  . TYR A 1 59  ? 6.866   13.644  -1.279  1.00 44.66 ? 43  TYR A CA  1 
ATOM   175  C C   . TYR A 1 59  ? 6.083   12.535  -0.656  1.00 42.47 ? 43  TYR A C   1 
ATOM   176  O O   . TYR A 1 59  ? 4.919   12.770  -0.268  1.00 32.85 ? 43  TYR A O   1 
ATOM   177  C CB  . TYR A 1 59  ? 5.866   14.040  -2.360  1.00 52.13 ? 43  TYR A CB  1 
ATOM   178  C CG  . TYR A 1 59  ? 6.303   15.110  -3.324  1.00 65.68 ? 43  TYR A CG  1 
ATOM   179  C CD1 . TYR A 1 59  ? 7.032   16.240  -2.887  1.00 67.71 ? 43  TYR A CD1 1 
ATOM   180  C CD2 . TYR A 1 59  ? 5.952   15.015  -4.690  1.00 69.98 ? 43  TYR A CD2 1 
ATOM   181  C CE1 . TYR A 1 59  ? 7.417   17.218  -3.788  1.00 71.44 ? 43  TYR A CE1 1 
ATOM   182  C CE2 . TYR A 1 59  ? 6.320   15.992  -5.589  1.00 72.57 ? 43  TYR A CE2 1 
ATOM   183  C CZ  . TYR A 1 59  ? 7.048   17.091  -5.137  1.00 76.37 ? 43  TYR A CZ  1 
ATOM   184  O OH  . TYR A 1 59  ? 7.421   18.052  -6.043  1.00 71.40 ? 43  TYR A OH  1 
ATOM   185  N N   . CYS A 1 60  ? 6.662   11.336  -0.577  1.00 40.68 ? 44  CYS A N   1 
ATOM   186  C CA  . CYS A 1 60  ? 5.904   10.184  -0.106  1.00 44.45 ? 44  CYS A CA  1 
ATOM   187  C C   . CYS A 1 60  ? 6.878   9.352   0.719   1.00 45.52 ? 44  CYS A C   1 
ATOM   188  O O   . CYS A 1 60  ? 7.322   8.283   0.261   1.00 42.22 ? 44  CYS A O   1 
ATOM   189  C CB  . CYS A 1 60  ? 5.123   9.388   -1.157  1.00 42.50 ? 44  CYS A CB  1 
ATOM   190  S SG  . CYS A 1 60  ? 3.834   10.391  -1.957  1.00 37.03 ? 44  CYS A SG  1 
ATOM   191  N N   . PRO A 1 61  ? 7.192   9.855   1.951   1.00 48.02 ? 45  PRO A N   1 
ATOM   192  C CA  . PRO A 1 61  ? 8.316   9.366   2.763   1.00 49.05 ? 45  PRO A CA  1 
ATOM   193  C C   . PRO A 1 61  ? 8.157   7.934   3.224   1.00 48.30 ? 45  PRO A C   1 
ATOM   194  O O   . PRO A 1 61  ? 9.103   7.140   3.127   1.00 57.13 ? 45  PRO A O   1 
ATOM   195  C CB  . PRO A 1 61  ? 8.350   10.318  3.983   1.00 44.36 ? 45  PRO A CB  1 
ATOM   196  C CG  . PRO A 1 61  ? 7.096   11.042  3.978   1.00 43.18 ? 45  PRO A CG  1 
ATOM   197  C CD  . PRO A 1 61  ? 6.419   10.886  2.675   1.00 44.08 ? 45  PRO A CD  1 
ATOM   198  N N   . CYS A 1 62  ? 6.960   7.609   3.693   1.00 44.71 ? 46  CYS A N   1 
ATOM   199  C CA  . CYS A 1 62  ? 6.708   6.333   4.321   1.00 39.71 ? 46  CYS A CA  1 
ATOM   200  C C   . CYS A 1 62  ? 6.816   5.162   3.335   1.00 36.05 ? 46  CYS A C   1 
ATOM   201  O O   . CYS A 1 62  ? 6.734   5.355   2.109   1.00 36.16 ? 46  CYS A O   1 
ATOM   202  C CB  . CYS A 1 62  ? 5.366   6.387   5.034   1.00 38.78 ? 46  CYS A CB  1 
ATOM   203  S SG  . CYS A 1 62  ? 5.439   7.618   6.371   1.00 39.00 ? 46  CYS A SG  1 
ATOM   204  N N   . LEU A 1 63  ? 7.071   3.977   3.885   1.00 33.79 ? 47  LEU A N   1 
ATOM   205  C CA  . LEU A 1 63  ? 7.332   2.759   3.118   1.00 34.97 ? 47  LEU A CA  1 
ATOM   206  C C   . LEU A 1 63  ? 6.391   1.706   3.556   1.00 34.26 ? 47  LEU A C   1 
ATOM   207  O O   . LEU A 1 63  ? 6.131   1.589   4.755   1.00 35.10 ? 47  LEU A O   1 
ATOM   208  C CB  . LEU A 1 63  ? 8.751   2.299   3.334   1.00 37.92 ? 47  LEU A CB  1 
ATOM   209  C CG  . LEU A 1 63  ? 9.722   3.250   2.597   1.00 40.50 ? 47  LEU A CG  1 
ATOM   210  C CD1 . LEU A 1 63  ? 10.709  3.962   3.522   1.00 39.91 ? 47  LEU A CD1 1 
ATOM   211  C CD2 . LEU A 1 63  ? 10.393  2.536   1.436   1.00 38.83 ? 47  LEU A CD2 1 
ATOM   212  N N   . TYR A 1 64  ? 5.850   0.960   2.591   1.00 32.41 ? 48  TYR A N   1 
ATOM   213  C CA  . TYR A 1 64  ? 4.727   0.041   2.854   1.00 32.83 ? 48  TYR A CA  1 
ATOM   214  C C   . TYR A 1 64  ? 4.987   -1.333  2.212   1.00 31.13 ? 48  TYR A C   1 
ATOM   215  O O   . TYR A 1 64  ? 5.657   -1.424  1.189   1.00 30.23 ? 48  TYR A O   1 
ATOM   216  C CB  . TYR A 1 64  ? 3.410   0.614   2.263   1.00 31.25 ? 48  TYR A CB  1 
ATOM   217  C CG  . TYR A 1 64  ? 2.930   1.871   2.896   1.00 28.10 ? 48  TYR A CG  1 
ATOM   218  C CD1 . TYR A 1 64  ? 2.171   1.825   4.068   1.00 31.80 ? 48  TYR A CD1 1 
ATOM   219  C CD2 . TYR A 1 64  ? 3.181   3.115   2.338   1.00 28.35 ? 48  TYR A CD2 1 
ATOM   220  C CE1 . TYR A 1 64  ? 1.726   2.987   4.712   1.00 29.41 ? 48  TYR A CE1 1 
ATOM   221  C CE2 . TYR A 1 64  ? 2.724   4.283   2.970   1.00 30.13 ? 48  TYR A CE2 1 
ATOM   222  C CZ  . TYR A 1 64  ? 2.020   4.199   4.181   1.00 28.10 ? 48  TYR A CZ  1 
ATOM   223  O OH  . TYR A 1 64  ? 1.519   5.291   4.830   1.00 30.40 ? 48  TYR A OH  1 
ATOM   224  N N   . ILE A 1 65  ? 4.445   -2.366  2.839   1.00 27.87 ? 49  ILE A N   1 
ATOM   225  C CA  . ILE A 1 65  ? 4.227   -3.672  2.254   1.00 27.67 ? 49  ILE A CA  1 
ATOM   226  C C   . ILE A 1 65  ? 3.017   -3.611  1.348   1.00 24.07 ? 49  ILE A C   1 
ATOM   227  O O   . ILE A 1 65  ? 1.971   -3.236  1.796   1.00 32.30 ? 49  ILE A O   1 
ATOM   228  C CB  . ILE A 1 65  ? 3.889   -4.695  3.381   1.00 31.01 ? 49  ILE A CB  1 
ATOM   229  C CG1 . ILE A 1 65  ? 5.141   -5.012  4.184   1.00 32.31 ? 49  ILE A CG1 1 
ATOM   230  C CG2 . ILE A 1 65  ? 3.218   -5.963  2.845   1.00 30.27 ? 49  ILE A CG2 1 
ATOM   231  C CD1 . ILE A 1 65  ? 4.919   -6.014  5.313   1.00 36.40 ? 49  ILE A CD1 1 
ATOM   232  N N   . VAL A 1 66  ? 3.121   -4.006  0.109   1.00 23.31 ? 50  VAL A N   1 
ATOM   233  C CA  . VAL A 1 66  ? 2.024   -3.847  -0.853  1.00 25.26 ? 50  VAL A CA  1 
ATOM   234  C C   . VAL A 1 66  ? 1.378   -5.150  -1.277  1.00 24.51 ? 50  VAL A C   1 
ATOM   235  O O   . VAL A 1 66  ? 0.158   -5.224  -1.387  1.00 30.98 ? 50  VAL A O   1 
ATOM   236  C CB  . VAL A 1 66  ? 2.493   -3.003  -2.055  1.00 26.35 ? 50  VAL A CB  1 
ATOM   237  C CG1 . VAL A 1 66  ? 1.507   -3.054  -3.232  1.00 27.95 ? 50  VAL A CG1 1 
ATOM   238  C CG2 . VAL A 1 66  ? 2.668   -1.551  -1.611  1.00 24.87 ? 50  VAL A CG2 1 
ATOM   239  N N   . GLN A 1 67  ? 2.204   -6.136  -1.556  1.00 26.55 ? 51  GLN A N   1 
ATOM   240  C CA  . GLN A 1 67  ? 1.808   -7.505  -1.745  1.00 31.36 ? 51  GLN A CA  1 
ATOM   241  C C   . GLN A 1 67  ? 2.583   -8.459  -0.844  1.00 32.69 ? 51  GLN A C   1 
ATOM   242  O O   . GLN A 1 67  ? 3.770   -8.242  -0.571  1.00 35.14 ? 51  GLN A O   1 
ATOM   243  C CB  . GLN A 1 67  ? 2.060   -7.955  -3.160  1.00 34.27 ? 51  GLN A CB  1 
ATOM   244  C CG  . GLN A 1 67  ? 1.085   -7.385  -4.182  1.00 41.42 ? 51  GLN A CG  1 
ATOM   245  C CD  . GLN A 1 67  ? 1.642   -7.540  -5.585  1.00 46.98 ? 51  GLN A CD  1 
ATOM   246  O OE1 . GLN A 1 67  ? 1.191   -8.411  -6.326  1.00 42.39 ? 51  GLN A OE1 1 
ATOM   247  N NE2 . GLN A 1 67  ? 2.722   -6.760  -5.908  1.00 45.43 ? 51  GLN A NE2 1 
ATOM   248  N N   . VAL A 1 68  ? 1.868   -9.501  -0.404  1.00 30.97 ? 52  VAL A N   1 
ATOM   249  C CA  . VAL A 1 68  ? 2.418   -10.659 0.241   1.00 32.71 ? 52  VAL A CA  1 
ATOM   250  C C   . VAL A 1 68  ? 2.218   -11.813 -0.740  1.00 31.54 ? 52  VAL A C   1 
ATOM   251  O O   . VAL A 1 68  ? 1.131   -12.053 -1.213  1.00 32.12 ? 52  VAL A O   1 
ATOM   252  C CB  . VAL A 1 68  ? 1.729   -10.909 1.584   1.00 32.94 ? 52  VAL A CB  1 
ATOM   253  C CG1 . VAL A 1 68  ? 2.447   -12.034 2.317   1.00 32.89 ? 52  VAL A CG1 1 
ATOM   254  C CG2 . VAL A 1 68  ? 1.727   -9.632  2.450   1.00 31.73 ? 52  VAL A CG2 1 
ATOM   255  N N   . PHE A 1 69  ? 3.277   -12.516 -1.086  1.00 34.48 ? 53  PHE A N   1 
ATOM   256  C CA  . PHE A 1 69  ? 3.155   -13.522 -2.153  1.00 36.36 ? 53  PHE A CA  1 
ATOM   257  C C   . PHE A 1 69  ? 2.851   -14.874 -1.562  1.00 37.14 ? 53  PHE A C   1 
ATOM   258  O O   . PHE A 1 69  ? 3.437   -15.251 -0.555  1.00 38.83 ? 53  PHE A O   1 
ATOM   259  C CB  . PHE A 1 69  ? 4.397   -13.546 -3.069  1.00 33.94 ? 53  PHE A CB  1 
ATOM   260  C CG  . PHE A 1 69  ? 4.635   -12.232 -3.751  1.00 34.35 ? 53  PHE A CG  1 
ATOM   261  C CD1 . PHE A 1 69  ? 3.649   -11.674 -4.564  1.00 34.89 ? 53  PHE A CD1 1 
ATOM   262  C CD2 . PHE A 1 69  ? 5.802   -11.524 -3.553  1.00 33.57 ? 53  PHE A CD2 1 
ATOM   263  C CE1 . PHE A 1 69  ? 3.838   -10.447 -5.169  1.00 34.99 ? 53  PHE A CE1 1 
ATOM   264  C CE2 . PHE A 1 69  ? 6.002   -10.301 -4.166  1.00 35.26 ? 53  PHE A CE2 1 
ATOM   265  C CZ  . PHE A 1 69  ? 5.022   -9.758  -4.973  1.00 35.03 ? 53  PHE A CZ  1 
ATOM   266  N N   . ASP A 1 70  ? 1.913   -15.579 -2.190  1.00 37.07 ? 54  ASP A N   1 
ATOM   267  C CA  . ASP A 1 70  ? 1.453   -16.883 -1.734  1.00 35.27 ? 54  ASP A CA  1 
ATOM   268  C C   . ASP A 1 70  ? 2.620   -17.894 -1.667  1.00 35.50 ? 54  ASP A C   1 
ATOM   269  O O   . ASP A 1 70  ? 3.572   -17.797 -2.426  1.00 32.29 ? 54  ASP A O   1 
ATOM   270  C CB  . ASP A 1 70  ? 0.341   -17.415 -2.670  1.00 34.74 ? 54  ASP A CB  1 
ATOM   271  C CG  . ASP A 1 70  ? -1.008  -16.678 -2.527  1.00 34.59 ? 54  ASP A CG  1 
ATOM   272  O OD1 . ASP A 1 70  ? -1.171  -15.761 -1.682  1.00 36.05 ? 54  ASP A OD1 1 
ATOM   273  O OD2 . ASP A 1 70  ? -1.917  -17.036 -3.299  1.00 32.88 ? 54  ASP A OD2 1 
ATOM   274  N N   . ASN A 1 71  ? 2.516   -18.839 -0.725  1.00 36.91 ? 55  ASN A N   1 
ATOM   275  C CA  . ASN A 1 71  ? 3.462   -19.960 -0.525  1.00 38.19 ? 55  ASN A CA  1 
ATOM   276  C C   . ASN A 1 71  ? 4.886   -19.438 -0.326  1.00 36.56 ? 55  ASN A C   1 
ATOM   277  O O   . ASN A 1 71  ? 5.830   -20.021 -0.813  1.00 37.80 ? 55  ASN A O   1 
ATOM   278  C CB  . ASN A 1 71  ? 3.387   -20.997 -1.675  1.00 41.33 ? 55  ASN A CB  1 
ATOM   279  C CG  . ASN A 1 71  ? 2.206   -21.978 -1.538  1.00 43.43 ? 55  ASN A CG  1 
ATOM   280  O OD1 . ASN A 1 71  ? 1.306   -22.013 -2.397  1.00 49.68 ? 55  ASN A OD1 1 
ATOM   281  N ND2 . ASN A 1 71  ? 2.210   -22.787 -0.483  1.00 35.59 ? 55  ASN A ND2 1 
ATOM   282  N N   . THR A 1 72  ? 5.005   -18.307 0.375   1.00 35.66 ? 56  THR A N   1 
ATOM   283  C CA  . THR A 1 72  ? 6.267   -17.681 0.702   1.00 32.06 ? 56  THR A CA  1 
ATOM   284  C C   . THR A 1 72  ? 6.376   -17.569 2.203   1.00 35.62 ? 56  THR A C   1 
ATOM   285  O O   . THR A 1 72  ? 5.388   -17.785 2.918   1.00 32.87 ? 56  THR A O   1 
ATOM   286  C CB  . THR A 1 72  ? 6.354   -16.265 0.147   1.00 28.08 ? 56  THR A CB  1 
ATOM   287  O OG1 . THR A 1 72  ? 5.240   -15.499 0.640   1.00 26.45 ? 56  THR A OG1 1 
ATOM   288  C CG2 . THR A 1 72  ? 6.371   -16.306 -1.350  1.00 26.81 ? 56  THR A CG2 1 
ATOM   289  N N   . PRO A 1 73  ? 7.564   -17.211 2.699   1.00 33.29 ? 57  PRO A N   1 
ATOM   290  C CA  . PRO A 1 73  ? 7.599   -17.190 4.146   1.00 32.87 ? 57  PRO A CA  1 
ATOM   291  C C   . PRO A 1 73  ? 6.716   -16.143 4.741   1.00 35.87 ? 57  PRO A C   1 
ATOM   292  O O   . PRO A 1 73  ? 5.992   -16.425 5.718   1.00 43.51 ? 57  PRO A O   1 
ATOM   293  C CB  . PRO A 1 73  ? 9.061   -16.946 4.452   1.00 33.36 ? 57  PRO A CB  1 
ATOM   294  C CG  . PRO A 1 73  ? 9.736   -17.671 3.329   1.00 34.54 ? 57  PRO A CG  1 
ATOM   295  C CD  . PRO A 1 73  ? 8.911   -17.292 2.122   1.00 33.46 ? 57  PRO A CD  1 
ATOM   296  N N   . ALA A 1 74  ? 6.708   -14.943 4.174   1.00 37.49 ? 58  ALA A N   1 
ATOM   297  C CA  . ALA A 1 74  ? 5.867   -13.879 4.771   1.00 33.41 ? 58  ALA A CA  1 
ATOM   298  C C   . ALA A 1 74  ? 4.414   -14.302 4.841   1.00 30.56 ? 58  ALA A C   1 
ATOM   299  O O   . ALA A 1 74  ? 3.724   -14.062 5.838   1.00 27.42 ? 58  ALA A O   1 
ATOM   300  C CB  . ALA A 1 74  ? 5.993   -12.577 3.992   1.00 35.27 ? 58  ALA A CB  1 
ATOM   301  N N   . ALA A 1 75  ? 3.942   -14.928 3.766   1.00 30.47 ? 59  ALA A N   1 
ATOM   302  C CA  . ALA A 1 75  ? 2.521   -15.357 3.704   1.00 31.40 ? 59  ALA A CA  1 
ATOM   303  C C   . ALA A 1 75  ? 2.239   -16.509 4.661   1.00 31.45 ? 59  ALA A C   1 
ATOM   304  O O   . ALA A 1 75  ? 1.426   -16.392 5.522   1.00 31.99 ? 59  ALA A O   1 
ATOM   305  C CB  . ALA A 1 75  ? 2.146   -15.741 2.283   1.00 32.20 ? 59  ALA A CB  1 
ATOM   306  N N   . LEU A 1 76  ? 2.972   -17.597 4.525   1.00 32.95 ? 60  LEU A N   1 
ATOM   307  C CA  . LEU A 1 76  ? 2.978   -18.682 5.509   1.00 36.94 ? 60  LEU A CA  1 
ATOM   308  C C   . LEU A 1 76  ? 3.151   -18.195 6.959   1.00 38.16 ? 60  LEU A C   1 
ATOM   309  O O   . LEU A 1 76  ? 2.512   -18.768 7.865   1.00 42.14 ? 60  LEU A O   1 
ATOM   310  C CB  . LEU A 1 76  ? 3.992   -19.826 5.132   1.00 36.33 ? 60  LEU A CB  1 
ATOM   311  C CG  . LEU A 1 76  ? 3.702   -20.484 3.747   1.00 35.75 ? 60  LEU A CG  1 
ATOM   312  C CD1 . LEU A 1 76  ? 4.815   -21.412 3.269   1.00 34.43 ? 60  LEU A CD1 1 
ATOM   313  C CD2 . LEU A 1 76  ? 2.337   -21.157 3.752   1.00 33.28 ? 60  LEU A CD2 1 
ATOM   314  N N   . ASP A 1 77  ? 3.903   -17.116 7.194   1.00 33.48 ? 61  ASP A N   1 
ATOM   315  C CA  . ASP A 1 77  ? 3.985   -16.580 8.594   1.00 33.78 ? 61  ASP A CA  1 
ATOM   316  C C   . ASP A 1 77  ? 2.696   -15.895 9.203   1.00 34.18 ? 61  ASP A C   1 
ATOM   317  O O   . ASP A 1 77  ? 2.518   -15.861 10.413  1.00 33.37 ? 61  ASP A O   1 
ATOM   318  C CB  . ASP A 1 77  ? 5.165   -15.631 8.703   1.00 30.27 ? 61  ASP A CB  1 
ATOM   319  C CG  . ASP A 1 77  ? 5.238   -14.997 10.024  1.00 28.82 ? 61  ASP A CG  1 
ATOM   320  O OD1 . ASP A 1 77  ? 5.697   -15.725 10.923  1.00 29.08 ? 61  ASP A OD1 1 
ATOM   321  O OD2 . ASP A 1 77  ? 4.808   -13.821 10.162  1.00 26.08 ? 61  ASP A OD2 1 
ATOM   322  N N   . GLY A 1 78  ? 1.851   -15.303 8.347   1.00 35.54 ? 62  GLY A N   1 
ATOM   323  C CA  . GLY A 1 78  ? 0.587   -14.631 8.738   1.00 30.93 ? 62  GLY A CA  1 
ATOM   324  C C   . GLY A 1 78  ? 0.665   -13.278 9.425   1.00 31.16 ? 62  GLY A C   1 
ATOM   325  O O   . GLY A 1 78  ? -0.359  -12.596 9.562   1.00 35.50 ? 62  GLY A O   1 
ATOM   326  N N   . THR A 1 79  ? 1.840   -12.850 9.875   1.00 28.78 ? 63  THR A N   1 
ATOM   327  C CA  . THR A 1 79  ? 1.919   -11.654 10.685  1.00 26.99 ? 63  THR A CA  1 
ATOM   328  C C   . THR A 1 79  ? 1.583   -10.409 9.905   1.00 28.06 ? 63  THR A C   1 
ATOM   329  O O   . THR A 1 79  ? 0.837   -9.539  10.392  1.00 27.77 ? 63  THR A O   1 
ATOM   330  C CB  . THR A 1 79  ? 3.314   -11.498 11.304  1.00 28.01 ? 63  THR A CB  1 
ATOM   331  O OG1 . THR A 1 79  ? 3.570   -12.674 12.037  1.00 30.38 ? 63  THR A OG1 1 
ATOM   332  C CG2 . THR A 1 79  ? 3.398   -10.306 12.268  1.00 29.12 ? 63  THR A CG2 1 
ATOM   333  N N   . VAL A 1 80  ? 2.148   -10.319 8.709   1.00 29.03 ? 64  VAL A N   1 
ATOM   334  C CA  . VAL A 1 80  ? 2.119   -9.100  7.932   1.00 30.16 ? 64  VAL A CA  1 
ATOM   335  C C   . VAL A 1 80  ? 1.126   -9.208  6.805   1.00 30.88 ? 64  VAL A C   1 
ATOM   336  O O   . VAL A 1 80  ? 0.996   -10.259 6.212   1.00 29.71 ? 64  VAL A O   1 
ATOM   337  C CB  . VAL A 1 80  ? 3.510   -8.706  7.367   1.00 33.52 ? 64  VAL A CB  1 
ATOM   338  C CG1 . VAL A 1 80  ? 4.332   -8.077  8.487   1.00 38.23 ? 64  VAL A CG1 1 
ATOM   339  C CG2 . VAL A 1 80  ? 4.258   -9.864  6.671   1.00 30.97 ? 64  VAL A CG2 1 
ATOM   340  N N   . ALA A 1 81  ? 0.426   -8.102  6.545   1.00 29.37 ? 65  ALA A N   1 
ATOM   341  C CA  . ALA A 1 81  ? -0.452  -8.007  5.430   1.00 32.24 ? 65  ALA A CA  1 
ATOM   342  C C   . ALA A 1 81  ? -0.147  -6.758  4.616   1.00 32.00 ? 65  ALA A C   1 
ATOM   343  O O   . ALA A 1 81  ? 0.461   -5.798  5.107   1.00 30.36 ? 65  ALA A O   1 
ATOM   344  C CB  . ALA A 1 81  ? -1.879  -7.964  5.921   1.00 33.27 ? 65  ALA A CB  1 
ATOM   345  N N   . ALA A 1 82  ? -0.601  -6.797  3.369   1.00 30.67 ? 66  ALA A N   1 
ATOM   346  C CA  . ALA A 1 82  ? -0.668  -5.620  2.515   1.00 31.06 ? 66  ALA A CA  1 
ATOM   347  C C   . ALA A 1 82  ? -1.155  -4.443  3.310   1.00 31.73 ? 66  ALA A C   1 
ATOM   348  O O   . ALA A 1 82  ? -2.223  -4.537  4.003   1.00 33.83 ? 66  ALA A O   1 
ATOM   349  C CB  . ALA A 1 82  ? -1.616  -5.863  1.356   1.00 29.82 ? 66  ALA A CB  1 
ATOM   350  N N   . GLY A 1 83  ? -0.352  -3.375  3.268   1.00 26.73 ? 67  GLY A N   1 
ATOM   351  C CA  . GLY A 1 83  ? -0.783  -2.080  3.759   1.00 25.18 ? 67  GLY A CA  1 
ATOM   352  C C   . GLY A 1 83  ? -0.144  -1.616  4.999   1.00 25.67 ? 67  GLY A C   1 
ATOM   353  O O   . GLY A 1 83  ? -0.223  -0.442  5.350   1.00 29.01 ? 67  GLY A O   1 
ATOM   354  N N   . ASP A 1 84  ? 0.477   -2.553  5.687   1.00 28.44 ? 68  ASP A N   1 
ATOM   355  C CA  . ASP A 1 84  ? 1.337   -2.264  6.827   1.00 26.00 ? 68  ASP A CA  1 
ATOM   356  C C   . ASP A 1 84  ? 2.554   -1.443  6.464   1.00 26.76 ? 68  ASP A C   1 
ATOM   357  O O   . ASP A 1 84  ? 3.110   -1.586  5.382   1.00 26.15 ? 68  ASP A O   1 
ATOM   358  C CB  . ASP A 1 84  ? 1.790   -3.578  7.469   1.00 25.85 ? 68  ASP A CB  1 
ATOM   359  C CG  . ASP A 1 84  ? 0.635   -4.333  8.113   1.00 25.47 ? 68  ASP A CG  1 
ATOM   360  O OD1 . ASP A 1 84  ? -0.459  -3.727  8.267   1.00 26.04 ? 68  ASP A OD1 1 
ATOM   361  O OD2 . ASP A 1 84  ? 0.828   -5.521  8.435   1.00 23.42 ? 68  ASP A OD2 1 
ATOM   362  N N   . GLU A 1 85  ? 2.971   -0.597  7.410   1.00 27.53 ? 69  GLU A N   1 
ATOM   363  C CA  . GLU A 1 85  ? 4.105   0.266   7.226   1.00 28.38 ? 69  GLU A CA  1 
ATOM   364  C C   . GLU A 1 85  ? 5.333   -0.563  7.517   1.00 29.45 ? 69  GLU A C   1 
ATOM   365  O O   . GLU A 1 85  ? 5.311   -1.320  8.500   1.00 33.49 ? 69  GLU A O   1 
ATOM   366  C CB  . GLU A 1 85  ? 4.026   1.463   8.198   1.00 28.92 ? 69  GLU A CB  1 
ATOM   367  C CG  . GLU A 1 85  ? 4.963   2.648   7.854   1.00 29.58 ? 69  GLU A CG  1 
ATOM   368  C CD  . GLU A 1 85  ? 4.773   3.863   8.744   1.00 30.95 ? 69  GLU A CD  1 
ATOM   369  O OE1 . GLU A 1 85  ? 5.759   4.627   9.009   1.00 31.69 ? 69  GLU A OE1 1 
ATOM   370  O OE2 . GLU A 1 85  ? 3.622   4.057   9.187   1.00 32.29 ? 69  GLU A OE2 1 
ATOM   371  N N   . ILE A 1 86  ? 6.381   -0.444  6.690   1.00 27.21 ? 70  ILE A N   1 
ATOM   372  C CA  . ILE A 1 86  ? 7.702   -0.896  7.096   1.00 30.81 ? 70  ILE A CA  1 
ATOM   373  C C   . ILE A 1 86  ? 8.419   0.247   7.799   1.00 35.19 ? 70  ILE A C   1 
ATOM   374  O O   . ILE A 1 86  ? 8.440   1.367   7.303   1.00 32.40 ? 70  ILE A O   1 
ATOM   375  C CB  . ILE A 1 86  ? 8.555   -1.388  5.934   1.00 33.03 ? 70  ILE A CB  1 
ATOM   376  C CG1 . ILE A 1 86  ? 7.848   -2.592  5.296   1.00 33.50 ? 70  ILE A CG1 1 
ATOM   377  C CG2 . ILE A 1 86  ? 9.970   -1.804  6.397   1.00 30.81 ? 70  ILE A CG2 1 
ATOM   378  C CD1 . ILE A 1 86  ? 8.680   -3.291  4.235   1.00 34.81 ? 70  ILE A CD1 1 
ATOM   379  N N   . THR A 1 87  ? 8.987   -0.034  8.975   1.00 36.31 ? 71  THR A N   1 
ATOM   380  C CA  . THR A 1 87  ? 9.636   1.034   9.760   1.00 37.04 ? 71  THR A CA  1 
ATOM   381  C C   . THR A 1 87  ? 11.080  0.770   10.143  1.00 36.12 ? 71  THR A C   1 
ATOM   382  O O   . THR A 1 87  ? 11.774  1.698   10.528  1.00 36.98 ? 71  THR A O   1 
ATOM   383  C CB  . THR A 1 87  ? 8.799   1.405   11.006  1.00 35.69 ? 71  THR A CB  1 
ATOM   384  O OG1 . THR A 1 87  ? 8.692   0.294   11.912  1.00 34.78 ? 71  THR A OG1 1 
ATOM   385  C CG2 . THR A 1 87  ? 7.387   1.858   10.544  1.00 36.20 ? 71  THR A CG2 1 
ATOM   386  N N   . GLY A 1 88  ? 11.536  -0.468  9.997   1.00 33.70 ? 72  GLY A N   1 
ATOM   387  C CA  . GLY A 1 88  ? 12.889  -0.818  10.372  1.00 33.18 ? 72  GLY A CA  1 
ATOM   388  C C   . GLY A 1 88  ? 13.279  -2.213  9.941   1.00 34.11 ? 72  GLY A C   1 
ATOM   389  O O   . GLY A 1 88  ? 12.410  -3.016  9.614   1.00 30.96 ? 72  GLY A O   1 
ATOM   390  N N   . VAL A 1 89  ? 14.587  -2.505  9.931   1.00 36.80 ? 73  VAL A N   1 
ATOM   391  C CA  . VAL A 1 89  ? 15.080  -3.825  9.562   1.00 36.96 ? 73  VAL A CA  1 
ATOM   392  C C   . VAL A 1 89  ? 16.291  -4.211  10.385  1.00 36.67 ? 73  VAL A C   1 
ATOM   393  O O   . VAL A 1 89  ? 17.291  -3.528  10.280  1.00 38.67 ? 73  VAL A O   1 
ATOM   394  C CB  . VAL A 1 89  ? 15.472  -3.880  8.066   1.00 38.35 ? 73  VAL A CB  1 
ATOM   395  C CG1 . VAL A 1 89  ? 16.025  -5.262  7.707   1.00 39.44 ? 73  VAL A CG1 1 
ATOM   396  C CG2 . VAL A 1 89  ? 14.290  -3.496  7.156   1.00 37.94 ? 73  VAL A CG2 1 
ATOM   397  N N   . ASN A 1 90  ? 16.216  -5.309  11.156  1.00 37.05 ? 74  ASN A N   1 
ATOM   398  C CA  . ASN A 1 90  ? 17.377  -5.857  11.904  1.00 39.18 ? 74  ASN A CA  1 
ATOM   399  C C   . ASN A 1 90  ? 17.923  -4.800  12.847  1.00 43.40 ? 74  ASN A C   1 
ATOM   400  O O   . ASN A 1 90  ? 19.138  -4.732  13.104  1.00 45.35 ? 74  ASN A O   1 
ATOM   401  C CB  . ASN A 1 90  ? 18.504  -6.373  10.951  1.00 34.60 ? 74  ASN A CB  1 
ATOM   402  C CG  . ASN A 1 90  ? 18.380  -7.877  10.617  1.00 34.16 ? 74  ASN A CG  1 
ATOM   403  O OD1 . ASN A 1 90  ? 17.314  -8.533  10.772  1.00 30.43 ? 74  ASN A OD1 1 
ATOM   404  N ND2 . ASN A 1 90  ? 19.479  -8.431  10.159  1.00 30.01 ? 74  ASN A ND2 1 
ATOM   405  N N   . GLY A 1 91  ? 17.015  -3.955  13.342  1.00 45.15 ? 75  GLY A N   1 
ATOM   406  C CA  . GLY A 1 91  ? 17.371  -2.957  14.330  1.00 47.28 ? 75  GLY A CA  1 
ATOM   407  C C   . GLY A 1 91  ? 17.623  -1.565  13.817  1.00 50.04 ? 75  GLY A C   1 
ATOM   408  O O   . GLY A 1 91  ? 17.791  -0.654  14.630  1.00 49.05 ? 75  GLY A O   1 
ATOM   409  N N   . ARG A 1 92  ? 17.647  -1.394  12.493  1.00 51.69 ? 76  ARG A N   1 
ATOM   410  C CA  . ARG A 1 92  ? 17.889  -0.092  11.854  1.00 50.57 ? 76  ARG A CA  1 
ATOM   411  C C   . ARG A 1 92  ? 16.598  0.493   11.285  1.00 45.26 ? 76  ARG A C   1 
ATOM   412  O O   . ARG A 1 92  ? 15.758  -0.233  10.782  1.00 39.30 ? 76  ARG A O   1 
ATOM   413  C CB  . ARG A 1 92  ? 18.885  -0.235  10.702  1.00 54.60 ? 76  ARG A CB  1 
ATOM   414  C CG  . ARG A 1 92  ? 20.182  -0.961  11.066  1.00 63.75 ? 76  ARG A CG  1 
ATOM   415  C CD  . ARG A 1 92  ? 20.727  -1.749  9.867   1.00 66.35 ? 76  ARG A CD  1 
ATOM   416  N NE  . ARG A 1 92  ? 21.873  -2.548  10.264  1.00 69.29 ? 76  ARG A NE  1 
ATOM   417  C CZ  . ARG A 1 92  ? 23.097  -2.069  10.499  1.00 74.88 ? 76  ARG A CZ  1 
ATOM   418  N NH1 . ARG A 1 92  ? 24.077  -2.897  10.882  1.00 68.41 ? 76  ARG A NH1 1 
ATOM   419  N NH2 . ARG A 1 92  ? 23.363  -0.766  10.358  1.00 80.61 ? 76  ARG A NH2 1 
ATOM   420  N N   . SER A 1 93  ? 16.536  1.822   11.271  1.00 39.18 ? 77  SER A N   1 
ATOM   421  C CA  . SER A 1 93  ? 15.397  2.552   10.729  1.00 37.51 ? 77  SER A CA  1 
ATOM   422  C C   . SER A 1 93  ? 15.614  2.917   9.255   1.00 39.72 ? 77  SER A C   1 
ATOM   423  O O   . SER A 1 93  ? 16.677  3.399   8.864   1.00 37.75 ? 77  SER A O   1 
ATOM   424  C CB  . SER A 1 93  ? 15.131  3.815   11.550  1.00 39.53 ? 77  SER A CB  1 
ATOM   425  O OG  . SER A 1 93  ? 13.909  4.424   11.168  1.00 41.22 ? 77  SER A OG  1 
ATOM   426  N N   . ILE A 1 94  ? 14.581  2.674   8.457   1.00 39.17 ? 78  ILE A N   1 
ATOM   427  C CA  . ILE A 1 94  ? 14.547  2.936   7.031   1.00 36.63 ? 78  ILE A CA  1 
ATOM   428  C C   . ILE A 1 94  ? 14.137  4.385   6.799   1.00 37.31 ? 78  ILE A C   1 
ATOM   429  O O   . ILE A 1 94  ? 13.906  4.809   5.649   1.00 39.45 ? 78  ILE A O   1 
ATOM   430  C CB  . ILE A 1 94  ? 13.474  2.064   6.348   1.00 38.41 ? 78  ILE A CB  1 
ATOM   431  C CG1 . ILE A 1 94  ? 12.141  2.221   7.095   1.00 39.94 ? 78  ILE A CG1 1 
ATOM   432  C CG2 . ILE A 1 94  ? 13.849  0.599   6.369   1.00 37.70 ? 78  ILE A CG2 1 
ATOM   433  C CD1 . ILE A 1 94  ? 10.955  2.009   6.226   1.00 39.05 ? 78  ILE A CD1 1 
ATOM   434  N N   . LYS A 1 95  ? 14.028  5.151   7.874   1.00 35.57 ? 79  LYS A N   1 
ATOM   435  C CA  . LYS A 1 95  ? 13.551  6.508   7.778   1.00 35.95 ? 79  LYS A CA  1 
ATOM   436  C C   . LYS A 1 95  ? 14.342  7.202   6.683   1.00 36.26 ? 79  LYS A C   1 
ATOM   437  O O   . LYS A 1 95  ? 15.602  7.067   6.599   1.00 34.27 ? 79  LYS A O   1 
ATOM   438  C CB  . LYS A 1 95  ? 13.663  7.227   9.127   1.00 38.51 ? 79  LYS A CB  1 
ATOM   439  C CG  . LYS A 1 95  ? 12.914  8.568   9.203   1.00 41.92 ? 79  LYS A CG  1 
ATOM   440  C CD  . LYS A 1 95  ? 13.787  9.823   9.397   1.00 39.29 ? 79  LYS A CD  1 
ATOM   441  C CE  . LYS A 1 95  ? 12.933  11.014  9.894   1.00 43.94 ? 79  LYS A CE  1 
ATOM   442  N NZ  . LYS A 1 95  ? 12.632  11.021  11.382  1.00 43.31 ? 79  LYS A NZ  1 
ATOM   443  N N   . GLY A 1 96  ? 13.588  7.843   5.788   1.00 31.91 ? 80  GLY A N   1 
ATOM   444  C CA  . GLY A 1 96  ? 14.151  8.605   4.705   1.00 32.76 ? 80  GLY A CA  1 
ATOM   445  C C   . GLY A 1 96  ? 14.736  7.841   3.525   1.00 32.97 ? 80  GLY A C   1 
ATOM   446  O O   . GLY A 1 96  ? 15.221  8.460   2.614   1.00 38.00 ? 80  GLY A O   1 
ATOM   447  N N   . LYS A 1 97  ? 14.685  6.526   3.490   1.00 34.62 ? 81  LYS A N   1 
ATOM   448  C CA  . LYS A 1 97  ? 15.262  5.797   2.334   1.00 36.47 ? 81  LYS A CA  1 
ATOM   449  C C   . LYS A 1 97  ? 14.271  5.493   1.199   1.00 36.30 ? 81  LYS A C   1 
ATOM   450  O O   . LYS A 1 97  ? 13.052  5.431   1.395   1.00 31.41 ? 81  LYS A O   1 
ATOM   451  C CB  . LYS A 1 97  ? 15.848  4.456   2.753   1.00 40.40 ? 81  LYS A CB  1 
ATOM   452  C CG  . LYS A 1 97  ? 16.716  4.476   3.984   1.00 40.92 ? 81  LYS A CG  1 
ATOM   453  C CD  . LYS A 1 97  ? 17.842  3.464   3.890   1.00 41.82 ? 81  LYS A CD  1 
ATOM   454  C CE  . LYS A 1 97  ? 18.704  3.530   5.152   1.00 42.17 ? 81  LYS A CE  1 
ATOM   455  N NZ  . LYS A 1 97  ? 20.117  3.283   4.818   1.00 43.44 ? 81  LYS A NZ  1 
ATOM   456  N N   . THR A 1 98  ? 14.824  5.252   0.010   1.00 38.54 ? 82  THR A N   1 
ATOM   457  C CA  . THR A 1 98  ? 14.007  4.850   -1.113  1.00 37.34 ? 82  THR A CA  1 
ATOM   458  C C   . THR A 1 98  ? 13.641  3.412   -0.918  1.00 36.80 ? 82  THR A C   1 
ATOM   459  O O   . THR A 1 98  ? 14.291  2.676   -0.165  1.00 36.38 ? 82  THR A O   1 
ATOM   460  C CB  . THR A 1 98  ? 14.689  5.020   -2.482  1.00 40.19 ? 82  THR A CB  1 
ATOM   461  O OG1 . THR A 1 98  ? 15.948  4.332   -2.516  1.00 38.37 ? 82  THR A OG1 1 
ATOM   462  C CG2 . THR A 1 98  ? 14.865  6.532   -2.826  1.00 37.89 ? 82  THR A CG2 1 
ATOM   463  N N   . LYS A 1 99  ? 12.545  3.039   -1.537  1.00 36.02 ? 83  LYS A N   1 
ATOM   464  C CA  . LYS A 1 99  ? 12.219  1.664   -1.598  1.00 39.39 ? 83  LYS A CA  1 
ATOM   465  C C   . LYS A 1 99  ? 13.359  0.840   -2.215  1.00 42.68 ? 83  LYS A C   1 
ATOM   466  O O   . LYS A 1 99  ? 13.563  -0.274  -1.759  1.00 46.52 ? 83  LYS A O   1 
ATOM   467  C CB  . LYS A 1 99  ? 10.931  1.448   -2.358  1.00 39.19 ? 83  LYS A CB  1 
ATOM   468  C CG  . LYS A 1 99  ? 11.086  1.434   -3.842  1.00 40.31 ? 83  LYS A CG  1 
ATOM   469  C CD  . LYS A 1 99  ? 9.819   0.998   -4.533  1.00 38.58 ? 83  LYS A CD  1 
ATOM   470  C CE  . LYS A 1 99  ? 8.805   2.087   -4.553  1.00 42.39 ? 83  LYS A CE  1 
ATOM   471  N NZ  . LYS A 1 99  ? 9.249   3.411   -5.103  1.00 40.23 ? 83  LYS A NZ  1 
ATOM   472  N N   . VAL A 1 100 ? 14.089  1.361   -3.218  1.00 41.80 ? 84  VAL A N   1 
ATOM   473  C CA  . VAL A 1 100 ? 15.274  0.632   -3.773  1.00 43.56 ? 84  VAL A CA  1 
ATOM   474  C C   . VAL A 1 100 ? 16.276  0.287   -2.671  1.00 43.34 ? 84  VAL A C   1 
ATOM   475  O O   . VAL A 1 100 ? 16.813  -0.831  -2.625  1.00 47.94 ? 84  VAL A O   1 
ATOM   476  C CB  . VAL A 1 100 ? 16.048  1.393   -4.900  1.00 44.78 ? 84  VAL A CB  1 
ATOM   477  C CG1 . VAL A 1 100 ? 17.265  0.614   -5.364  1.00 43.61 ? 84  VAL A CG1 1 
ATOM   478  C CG2 . VAL A 1 100 ? 15.170  1.675   -6.125  1.00 47.70 ? 84  VAL A CG2 1 
ATOM   479  N N   . GLU A 1 101 ? 16.534  1.243   -1.793  1.00 39.50 ? 85  GLU A N   1 
ATOM   480  C CA  . GLU A 1 101 ? 17.488  1.055   -0.720  1.00 39.58 ? 85  GLU A CA  1 
ATOM   481  C C   . GLU A 1 101 ? 16.957  0.064   0.337   1.00 39.94 ? 85  GLU A C   1 
ATOM   482  O O   . GLU A 1 101 ? 17.722  -0.700  0.960   1.00 39.48 ? 85  GLU A O   1 
ATOM   483  C CB  . GLU A 1 101 ? 17.801  2.412   -0.042  1.00 42.96 ? 85  GLU A CB  1 
ATOM   484  C CG  . GLU A 1 101 ? 18.656  3.390   -0.856  1.00 45.47 ? 85  GLU A CG  1 
ATOM   485  C CD  . GLU A 1 101 ? 18.591  4.855   -0.370  1.00 50.38 ? 85  GLU A CD  1 
ATOM   486  O OE1 . GLU A 1 101 ? 17.536  5.331   0.141   1.00 45.48 ? 85  GLU A OE1 1 
ATOM   487  O OE2 . GLU A 1 101 ? 19.617  5.553   -0.524  1.00 48.98 ? 85  GLU A OE2 1 
ATOM   488  N N   . VAL A 1 102 ? 15.651  0.139   0.577   1.00 35.83 ? 86  VAL A N   1 
ATOM   489  C CA  . VAL A 1 102 ? 15.013  -0.677  1.577   1.00 34.77 ? 86  VAL A CA  1 
ATOM   490  C C   . VAL A 1 102 ? 15.137  -2.120  1.186   1.00 34.85 ? 86  VAL A C   1 
ATOM   491  O O   . VAL A 1 102 ? 15.601  -2.945  2.010   1.00 38.56 ? 86  VAL A O   1 
ATOM   492  C CB  . VAL A 1 102 ? 13.565  -0.207  1.901   1.00 33.28 ? 86  VAL A CB  1 
ATOM   493  C CG1 . VAL A 1 102 ? 12.778  -1.222  2.715   1.00 31.58 ? 86  VAL A CG1 1 
ATOM   494  C CG2 . VAL A 1 102 ? 13.663  1.069   2.718   1.00 35.35 ? 86  VAL A CG2 1 
ATOM   495  N N   . ALA A 1 103 ? 14.830  -2.401  -0.080  1.00 35.79 ? 87  ALA A N   1 
ATOM   496  C CA  . ALA A 1 103 ? 15.014  -3.757  -0.658  1.00 35.40 ? 87  ALA A CA  1 
ATOM   497  C C   . ALA A 1 103 ? 16.446  -4.221  -0.551  1.00 38.21 ? 87  ALA A C   1 
ATOM   498  O O   . ALA A 1 103 ? 16.673  -5.347  -0.167  1.00 44.00 ? 87  ALA A O   1 
ATOM   499  C CB  . ALA A 1 103 ? 14.549  -3.807  -2.085  1.00 34.08 ? 87  ALA A CB  1 
ATOM   500  N N   . LYS A 1 104 ? 17.400  -3.337  -0.842  1.00 42.33 ? 88  LYS A N   1 
ATOM   501  C CA  . LYS A 1 104 ? 18.836  -3.641  -0.728  1.00 46.98 ? 88  LYS A CA  1 
ATOM   502  C C   . LYS A 1 104 ? 19.139  -4.221  0.627   1.00 45.07 ? 88  LYS A C   1 
ATOM   503  O O   . LYS A 1 104 ? 19.788  -5.259  0.724   1.00 48.16 ? 88  LYS A O   1 
ATOM   504  C CB  . LYS A 1 104 ? 19.688  -2.377  -0.909  1.00 53.17 ? 88  LYS A CB  1 
ATOM   505  C CG  . LYS A 1 104 ? 21.087  -2.609  -1.427  1.00 57.93 ? 88  LYS A CG  1 
ATOM   506  C CD  . LYS A 1 104 ? 21.051  -2.864  -2.926  1.00 61.53 ? 88  LYS A CD  1 
ATOM   507  C CE  . LYS A 1 104 ? 22.421  -3.285  -3.475  1.00 63.03 ? 88  LYS A CE  1 
ATOM   508  N NZ  . LYS A 1 104 ? 22.250  -4.260  -4.598  1.00 58.86 ? 88  LYS A NZ  1 
ATOM   509  N N   . MET A 1 105 ? 18.600  -3.565  1.652   1.00 44.17 ? 89  MET A N   1 
ATOM   510  C CA  . MET A 1 105 ? 18.855  -3.873  3.080   1.00 42.99 ? 89  MET A CA  1 
ATOM   511  C C   . MET A 1 105 ? 18.247  -5.206  3.521   1.00 40.26 ? 89  MET A C   1 
ATOM   512  O O   . MET A 1 105 ? 18.780  -5.889  4.382   1.00 40.97 ? 89  MET A O   1 
ATOM   513  C CB  . MET A 1 105 ? 18.236  -2.775  3.943   1.00 49.08 ? 89  MET A CB  1 
ATOM   514  C CG  . MET A 1 105 ? 19.183  -2.033  4.867   1.00 54.87 ? 89  MET A CG  1 
ATOM   515  S SD  . MET A 1 105 ? 18.261  -0.893  5.918   1.00 51.96 ? 89  MET A SD  1 
ATOM   516  C CE  . MET A 1 105 ? 17.241  -0.096  4.688   1.00 52.29 ? 89  MET A CE  1 
ATOM   517  N N   . ILE A 1 106 ? 17.106  -5.566  2.955   1.00 36.79 ? 90  ILE A N   1 
ATOM   518  C CA  . ILE A 1 106 ? 16.548  -6.894  3.199   1.00 36.08 ? 90  ILE A CA  1 
ATOM   519  C C   . ILE A 1 106 ? 17.334  -8.005  2.427   1.00 37.41 ? 90  ILE A C   1 
ATOM   520  O O   . ILE A 1 106 ? 17.577  -9.102  2.948   1.00 31.17 ? 90  ILE A O   1 
ATOM   521  C CB  . ILE A 1 106 ? 15.027  -6.907  2.908   1.00 33.39 ? 90  ILE A CB  1 
ATOM   522  C CG1 . ILE A 1 106 ? 14.318  -5.951  3.840   1.00 31.31 ? 90  ILE A CG1 1 
ATOM   523  C CG2 . ILE A 1 106 ? 14.394  -8.273  3.136   1.00 32.87 ? 90  ILE A CG2 1 
ATOM   524  C CD1 . ILE A 1 106 ? 12.873  -5.720  3.460   1.00 33.64 ? 90  ILE A CD1 1 
ATOM   525  N N   . GLN A 1 107 ? 17.716  -7.706  1.195   1.00 39.57 ? 91  GLN A N   1 
ATOM   526  C CA  . GLN A 1 107 ? 18.401  -8.665  0.353   1.00 44.66 ? 91  GLN A CA  1 
ATOM   527  C C   . GLN A 1 107 ? 19.813  -8.967  0.936   1.00 44.00 ? 91  GLN A C   1 
ATOM   528  O O   . GLN A 1 107 ? 20.296  -10.066 0.827   1.00 45.75 ? 91  GLN A O   1 
ATOM   529  C CB  . GLN A 1 107 ? 18.445  -8.140  -1.109  1.00 49.37 ? 91  GLN A CB  1 
ATOM   530  C CG  . GLN A 1 107 ? 17.054  -8.022  -1.774  1.00 55.28 ? 91  GLN A CG  1 
ATOM   531  C CD  . GLN A 1 107 ? 16.951  -7.008  -2.965  1.00 61.75 ? 91  GLN A CD  1 
ATOM   532  O OE1 . GLN A 1 107 ? 17.810  -6.111  -3.171  1.00 50.33 ? 91  GLN A OE1 1 
ATOM   533  N NE2 . GLN A 1 107 ? 15.868  -7.155  -3.755  1.00 55.14 ? 91  GLN A NE2 1 
ATOM   534  N N   . GLU A 1 108 ? 20.458  -7.982  1.535   1.00 45.82 ? 92  GLU A N   1 
ATOM   535  C CA  . GLU A 1 108 ? 21.761  -8.146  2.179   1.00 48.48 ? 92  GLU A CA  1 
ATOM   536  C C   . GLU A 1 108 ? 21.854  -9.222  3.262   1.00 46.58 ? 92  GLU A C   1 
ATOM   537  O O   . GLU A 1 108 ? 22.890  -9.853  3.424   1.00 48.73 ? 92  GLU A O   1 
ATOM   538  C CB  . GLU A 1 108 ? 22.124  -6.857  2.908   1.00 56.69 ? 92  GLU A CB  1 
ATOM   539  C CG  . GLU A 1 108 ? 22.707  -5.726  2.083   1.00 60.71 ? 92  GLU A CG  1 
ATOM   540  C CD  . GLU A 1 108 ? 22.602  -4.388  2.811   1.00 58.06 ? 92  GLU A CD  1 
ATOM   541  O OE1 . GLU A 1 108 ? 22.230  -4.375  4.012   1.00 56.43 ? 92  GLU A OE1 1 
ATOM   542  O OE2 . GLU A 1 108 ? 22.855  -3.346  2.166   1.00 60.69 ? 92  GLU A OE2 1 
ATOM   543  N N   . VAL A 1 109 ? 20.816  -9.364  4.065   1.00 46.30 ? 93  VAL A N   1 
ATOM   544  C CA  . VAL A 1 109 ? 20.905  -10.207 5.244   1.00 45.94 ? 93  VAL A CA  1 
ATOM   545  C C   . VAL A 1 109 ? 20.425  -11.589 4.861   1.00 43.34 ? 93  VAL A C   1 
ATOM   546  O O   . VAL A 1 109 ? 19.290  -11.756 4.471   1.00 42.75 ? 93  VAL A O   1 
ATOM   547  C CB  . VAL A 1 109 ? 20.030  -9.682  6.417   1.00 48.39 ? 93  VAL A CB  1 
ATOM   548  C CG1 . VAL A 1 109 ? 20.440  -10.336 7.711   1.00 46.65 ? 93  VAL A CG1 1 
ATOM   549  C CG2 . VAL A 1 109 ? 20.119  -8.171  6.557   1.00 50.01 ? 93  VAL A CG2 1 
ATOM   550  N N   . LYS A 1 110 ? 21.279  -12.585 5.016   1.00 42.64 ? 94  LYS A N   1 
ATOM   551  C CA  . LYS A 1 110 ? 20.948  -13.954 4.662   1.00 38.66 ? 94  LYS A CA  1 
ATOM   552  C C   . LYS A 1 110 ? 20.392  -14.688 5.833   1.00 37.18 ? 94  LYS A C   1 
ATOM   553  O O   . LYS A 1 110 ? 20.400  -14.203 6.962   1.00 33.31 ? 94  LYS A O   1 
ATOM   554  C CB  . LYS A 1 110 ? 22.186  -14.663 4.150   1.00 42.26 ? 94  LYS A CB  1 
ATOM   555  C CG  . LYS A 1 110 ? 22.942  -13.861 3.085   1.00 43.97 ? 94  LYS A CG  1 
ATOM   556  C CD  . LYS A 1 110 ? 22.034  -13.327 1.984   1.00 45.00 ? 94  LYS A CD  1 
ATOM   557  C CE  . LYS A 1 110 ? 22.860  -12.737 0.867   1.00 49.08 ? 94  LYS A CE  1 
ATOM   558  N NZ  . LYS A 1 110 ? 23.633  -13.820 0.170   1.00 52.36 ? 94  LYS A NZ  1 
ATOM   559  N N   . GLY A 1 111 ? 19.847  -15.857 5.533   1.00 39.32 ? 95  GLY A N   1 
ATOM   560  C CA  . GLY A 1 111 ? 19.249  -16.694 6.523   1.00 39.91 ? 95  GLY A CA  1 
ATOM   561  C C   . GLY A 1 111 ? 17.909  -16.227 7.065   1.00 38.30 ? 95  GLY A C   1 
ATOM   562  O O   . GLY A 1 111 ? 16.899  -16.924 6.899   1.00 35.97 ? 95  GLY A O   1 
ATOM   563  N N   . GLU A 1 112 ? 17.924  -15.115 7.809   1.00 36.86 ? 96  GLU A N   1 
ATOM   564  C CA  . GLU A 1 112 ? 16.705  -14.543 8.342   1.00 34.54 ? 96  GLU A CA  1 
ATOM   565  C C   . GLU A 1 112 ? 16.797  -13.074 8.538   1.00 36.12 ? 96  GLU A C   1 
ATOM   566  O O   . GLU A 1 112 ? 17.882  -12.520 8.840   1.00 39.77 ? 96  GLU A O   1 
ATOM   567  C CB  . GLU A 1 112 ? 16.350  -15.166 9.660   1.00 34.24 ? 96  GLU A CB  1 
ATOM   568  C CG  . GLU A 1 112 ? 17.414  -15.069 10.766  1.00 32.01 ? 96  GLU A CG  1 
ATOM   569  C CD  . GLU A 1 112 ? 16.928  -15.731 12.054  1.00 32.06 ? 96  GLU A CD  1 
ATOM   570  O OE1 . GLU A 1 112 ? 15.838  -16.376 12.086  1.00 33.72 ? 96  GLU A OE1 1 
ATOM   571  O OE2 . GLU A 1 112 ? 17.586  -15.571 13.082  1.00 31.22 ? 96  GLU A OE2 1 
ATOM   572  N N   . VAL A 1 113 ? 15.644  -12.431 8.407   1.00 35.93 ? 97  VAL A N   1 
ATOM   573  C CA  . VAL A 1 113 ? 15.576  -10.989 8.612   1.00 32.45 ? 97  VAL A CA  1 
ATOM   574  C C   . VAL A 1 113 ? 14.398  -10.633 9.486   1.00 33.00 ? 97  VAL A C   1 
ATOM   575  O O   . VAL A 1 113 ? 13.329  -11.299 9.464   1.00 25.98 ? 97  VAL A O   1 
ATOM   576  C CB  . VAL A 1 113 ? 15.647  -10.201 7.291   1.00 32.74 ? 97  VAL A CB  1 
ATOM   577  C CG1 . VAL A 1 113 ? 14.557  -10.588 6.334   1.00 32.96 ? 97  VAL A CG1 1 
ATOM   578  C CG2 . VAL A 1 113 ? 15.596  -8.716  7.552   1.00 37.00 ? 97  VAL A CG2 1 
ATOM   579  N N   . THR A 1 114 ? 14.668  -9.633  10.323  1.00 35.23 ? 98  THR A N   1 
ATOM   580  C CA  . THR A 1 114 ? 13.691  -9.073  11.220  1.00 38.95 ? 98  THR A CA  1 
ATOM   581  C C   . THR A 1 114 ? 13.170  -7.815  10.590  1.00 41.40 ? 98  THR A C   1 
ATOM   582  O O   . THR A 1 114 ? 13.953  -6.975  10.169  1.00 46.36 ? 98  THR A O   1 
ATOM   583  C CB  . THR A 1 114 ? 14.307  -8.703  12.563  1.00 40.30 ? 98  THR A CB  1 
ATOM   584  O OG1 . THR A 1 114 ? 14.948  -9.859  13.105  1.00 40.90 ? 98  THR A OG1 1 
ATOM   585  C CG2 . THR A 1 114 ? 13.216  -8.247  13.520  1.00 43.17 ? 98  THR A CG2 1 
ATOM   586  N N   . ILE A 1 115 ? 11.846  -7.704  10.528  1.00 38.92 ? 99  ILE A N   1 
ATOM   587  C CA  . ILE A 1 115 ? 11.157  -6.604  9.894   1.00 33.91 ? 99  ILE A CA  1 
ATOM   588  C C   . ILE A 1 115 ? 10.325  -5.928  10.977  1.00 33.77 ? 99  ILE A C   1 
ATOM   589  O O   . ILE A 1 115 ? 9.533   -6.613  11.638  1.00 33.93 ? 99  ILE A O   1 
ATOM   590  C CB  . ILE A 1 115 ? 10.193  -7.104  8.824   1.00 32.80 ? 99  ILE A CB  1 
ATOM   591  C CG1 . ILE A 1 115 ? 10.933  -7.865  7.745   1.00 35.08 ? 99  ILE A CG1 1 
ATOM   592  C CG2 . ILE A 1 115 ? 9.441   -5.924  8.195   1.00 36.14 ? 99  ILE A CG2 1 
ATOM   593  C CD1 . ILE A 1 115 ? 11.594  -7.021  6.646   1.00 37.48 ? 99  ILE A CD1 1 
ATOM   594  N N   . HIS A 1 116 ? 10.493  -4.601  11.130  1.00 32.25 ? 100 HIS A N   1 
ATOM   595  C CA  . HIS A 1 116 ? 9.793   -3.784  12.135  1.00 32.72 ? 100 HIS A CA  1 
ATOM   596  C C   . HIS A 1 116 ? 8.754   -3.092  11.333  1.00 33.99 ? 100 HIS A C   1 
ATOM   597  O O   . HIS A 1 116 ? 9.059   -2.637  10.216  1.00 35.11 ? 100 HIS A O   1 
ATOM   598  C CB  . HIS A 1 116 ? 10.701  -2.728  12.768  1.00 34.55 ? 100 HIS A CB  1 
ATOM   599  C CG  . HIS A 1 116 ? 11.896  -3.304  13.464  1.00 38.67 ? 100 HIS A CG  1 
ATOM   600  N ND1 . HIS A 1 116 ? 12.108  -3.152  14.813  1.00 40.95 ? 100 HIS A ND1 1 
ATOM   601  C CD2 . HIS A 1 116 ? 12.927  -4.056  12.999  1.00 38.73 ? 100 HIS A CD2 1 
ATOM   602  C CE1 . HIS A 1 116 ? 13.222  -3.778  15.147  1.00 38.77 ? 100 HIS A CE1 1 
ATOM   603  N NE2 . HIS A 1 116 ? 13.725  -4.351  14.070  1.00 38.11 ? 100 HIS A NE2 1 
ATOM   604  N N   . TYR A 1 117 ? 7.537   -3.018  11.887  1.00 33.18 ? 101 TYR A N   1 
ATOM   605  C CA  . TYR A 1 117 ? 6.348   -2.719  11.128  1.00 33.34 ? 101 TYR A CA  1 
ATOM   606  C C   . TYR A 1 117 ? 5.291   -2.108  12.019  1.00 35.84 ? 101 TYR A C   1 
ATOM   607  O O   . TYR A 1 117 ? 5.270   -2.373  13.218  1.00 34.51 ? 101 TYR A O   1 
ATOM   608  C CB  . TYR A 1 117 ? 5.791   -4.003  10.477  1.00 35.58 ? 101 TYR A CB  1 
ATOM   609  C CG  . TYR A 1 117 ? 5.291   -5.034  11.477  1.00 37.16 ? 101 TYR A CG  1 
ATOM   610  C CD1 . TYR A 1 117 ? 4.051   -4.884  12.124  1.00 40.91 ? 101 TYR A CD1 1 
ATOM   611  C CD2 . TYR A 1 117 ? 6.077   -6.113  11.829  1.00 38.57 ? 101 TYR A CD2 1 
ATOM   612  C CE1 . TYR A 1 117 ? 3.626   -5.796  13.083  1.00 41.37 ? 101 TYR A CE1 1 
ATOM   613  C CE2 . TYR A 1 117 ? 5.654   -7.030  12.779  1.00 40.39 ? 101 TYR A CE2 1 
ATOM   614  C CZ  . TYR A 1 117 ? 4.431   -6.869  13.388  1.00 39.44 ? 101 TYR A CZ  1 
ATOM   615  O OH  . TYR A 1 117 ? 4.048   -7.764  14.329  1.00 45.09 ? 101 TYR A OH  1 
ATOM   616  N N   . ASN A 1 118 ? 4.394   -1.326  11.407  1.00 39.19 ? 102 ASN A N   1 
ATOM   617  C CA  . ASN A 1 118 ? 3.129   -0.896  12.028  1.00 37.68 ? 102 ASN A CA  1 
ATOM   618  C C   . ASN A 1 118 ? 2.003   -1.585  11.343  1.00 35.96 ? 102 ASN A C   1 
ATOM   619  O O   . ASN A 1 118 ? 1.903   -1.496  10.126  1.00 40.71 ? 102 ASN A O   1 
ATOM   620  C CB  . ASN A 1 118 ? 2.892   0.582   11.808  1.00 37.43 ? 102 ASN A CB  1 
ATOM   621  C CG  . ASN A 1 118 ? 3.730   1.437   12.665  1.00 34.50 ? 102 ASN A CG  1 
ATOM   622  O OD1 . ASN A 1 118 ? 4.118   1.051   13.777  1.00 30.98 ? 102 ASN A OD1 1 
ATOM   623  N ND2 . ASN A 1 118 ? 3.957   2.660   12.188  1.00 33.66 ? 102 ASN A ND2 1 
ATOM   624  N N   . LYS A 1 119 ? 1.163   -2.269  12.103  1.00 37.97 ? 103 LYS A N   1 
ATOM   625  C CA  . LYS A 1 119 ? -0.077  -2.832  11.568  1.00 39.99 ? 103 LYS A CA  1 
ATOM   626  C C   . LYS A 1 119 ? -1.006  -1.666  11.436  1.00 39.50 ? 103 LYS A C   1 
ATOM   627  O O   . LYS A 1 119 ? -1.156  -0.888  12.375  1.00 38.77 ? 103 LYS A O   1 
ATOM   628  C CB  . LYS A 1 119 ? -0.719  -3.843  12.519  1.00 43.43 ? 103 LYS A CB  1 
ATOM   629  C CG  . LYS A 1 119 ? 0.010   -5.186  12.588  1.00 45.86 ? 103 LYS A CG  1 
ATOM   630  C CD  . LYS A 1 119 ? -0.990  -6.319  12.517  1.00 47.29 ? 103 LYS A CD  1 
ATOM   631  C CE  . LYS A 1 119 ? -1.520  -6.487  11.089  1.00 44.49 ? 103 LYS A CE  1 
ATOM   632  N NZ  . LYS A 1 119 ? -0.729  -7.498  10.336  1.00 40.68 ? 103 LYS A NZ  1 
ATOM   633  N N   . LEU A 1 120 ? -1.517  -1.458  10.234  1.00 36.85 ? 104 LEU A N   1 
ATOM   634  C CA  . LEU A 1 120 ? -2.363  -0.309  10.002  1.00 38.08 ? 104 LEU A CA  1 
ATOM   635  C C   . LEU A 1 120 ? -3.725  -0.671  9.470   1.00 41.26 ? 104 LEU A C   1 
ATOM   636  O O   . LEU A 1 120 ? -4.007  -1.818  9.121   1.00 36.83 ? 104 LEU A O   1 
ATOM   637  C CB  . LEU A 1 120 ? -1.677  0.669   9.044   1.00 38.29 ? 104 LEU A CB  1 
ATOM   638  C CG  . LEU A 1 120 ? -1.024  1.898   9.681   1.00 41.24 ? 104 LEU A CG  1 
ATOM   639  C CD1 . LEU A 1 120 ? -0.325  1.522   10.979  1.00 36.81 ? 104 LEU A CD1 1 
ATOM   640  C CD2 . LEU A 1 120 ? -0.051  2.551   8.713   1.00 41.68 ? 104 LEU A CD2 1 
ATOM   641  N N   . GLN A 1 121 ? -4.567  0.345   9.417   1.00 42.22 ? 105 GLN A N   1 
ATOM   642  C CA  . GLN A 1 121 ? -5.905  0.210   8.937   1.00 46.73 ? 105 GLN A CA  1 
ATOM   643  C C   . GLN A 1 121 ? -6.113  0.997   7.655   1.00 44.22 ? 105 GLN A C   1 
ATOM   644  O O   . GLN A 1 121 ? -5.264  1.781   7.211   1.00 45.65 ? 105 GLN A O   1 
ATOM   645  C CB  . GLN A 1 121 ? -6.889  0.596   10.045  1.00 45.73 ? 105 GLN A CB  1 
ATOM   646  C CG  . GLN A 1 121 ? -7.372  -0.680  10.716  1.00 56.35 ? 105 GLN A CG  1 
ATOM   647  C CD  . GLN A 1 121 ? -7.755  -0.533  12.161  1.00 62.38 ? 105 GLN A CD  1 
ATOM   648  O OE1 . GLN A 1 121 ? -7.901  0.574   12.682  1.00 62.74 ? 105 GLN A OE1 1 
ATOM   649  N NE2 . GLN A 1 121 ? -7.917  -1.666  12.825  1.00 64.22 ? 105 GLN A NE2 1 
ATOM   650  N N   . GLN A 1 122 ? -7.216  0.690   7.015   1.00 38.41 ? 106 GLN A N   1 
ATOM   651  C CA  . GLN A 1 122 ? -7.583  1.319   5.795   1.00 38.23 ? 106 GLN A CA  1 
ATOM   652  C C   . GLN A 1 122 ? -9.112  1.397   5.672   1.00 39.51 ? 106 GLN A C   1 
ATOM   653  O O   . GLN A 1 122 ? -9.818  0.553   6.150   1.00 29.25 ? 106 GLN A O   1 
ATOM   654  C CB  . GLN A 1 122 ? -6.842  0.697   4.600   1.00 43.78 ? 106 GLN A CB  1 
ATOM   655  C CG  . GLN A 1 122 ? -6.536  -0.792  4.593   1.00 47.23 ? 106 GLN A CG  1 
ATOM   656  C CD  . GLN A 1 122 ? -5.385  -1.304  5.458   1.00 46.15 ? 106 GLN A CD  1 
ATOM   657  O OE1 . GLN A 1 122 ? -4.320  -0.728  5.558   1.00 39.50 ? 106 GLN A OE1 1 
ATOM   658  N NE2 . GLN A 1 122 ? -5.612  -2.445  6.044   1.00 40.66 ? 106 GLN A NE2 1 
ATOM   659  N N   . SER A 1 123 ? -9.606  2.468   5.075   1.00 39.18 ? 107 SER A N   1 
ATOM   660  C CA  . SER A 1 123 ? -11.035 2.738   4.920   1.00 36.23 ? 107 SER A CA  1 
ATOM   661  C C   . SER A 1 123 ? -11.416 2.227   3.567   1.00 35.62 ? 107 SER A C   1 
ATOM   662  O O   . SER A 1 123 ? -10.736 2.551   2.588   1.00 35.97 ? 107 SER A O   1 
ATOM   663  C CB  . SER A 1 123 ? -11.349 4.220   5.019   1.00 36.77 ? 107 SER A CB  1 
ATOM   664  O OG  . SER A 1 123 ? -10.542 4.814   6.010   1.00 39.48 ? 107 SER A OG  1 
ATOM   665  N N   . ALA A 1 124 ? -12.482 1.418   3.554   1.00 34.10 ? 108 ALA A N   1 
ATOM   666  C CA  . ALA A 1 124 ? -13.044 0.745   2.388   1.00 33.00 ? 108 ALA A CA  1 
ATOM   667  C C   . ALA A 1 124 ? -14.139 1.536   1.705   1.00 33.90 ? 108 ALA A C   1 
ATOM   668  O O   . ALA A 1 124 ? -15.055 2.023   2.328   1.00 35.83 ? 108 ALA A O   1 
ATOM   669  C CB  . ALA A 1 124 ? -13.636 -0.597  2.810   1.00 35.02 ? 108 ALA A CB  1 
ATOM   670  N N   . VAL A 1 125 ? -14.084 1.614   0.398   1.00 34.19 ? 109 VAL A N   1 
ATOM   671  C CA  . VAL A 1 125 ? -15.101 2.342   -0.329  1.00 31.21 ? 109 VAL A CA  1 
ATOM   672  C C   . VAL A 1 125 ? -15.403 1.637   -1.662  1.00 33.16 ? 109 VAL A C   1 
ATOM   673  O O   . VAL A 1 125 ? -14.850 0.586   -2.005  1.00 30.53 ? 109 VAL A O   1 
ATOM   674  C CB  . VAL A 1 125 ? -14.713 3.825   -0.559  1.00 28.64 ? 109 VAL A CB  1 
ATOM   675  C CG1 . VAL A 1 125 ? -14.326 4.511   0.739   1.00 28.58 ? 109 VAL A CG1 1 
ATOM   676  C CG2 . VAL A 1 125 ? -13.602 3.978   -1.574  1.00 28.55 ? 109 VAL A CG2 1 
ATOM   677  O OXT . VAL A 1 125 ? -16.267 2.108   -2.416  1.00 30.33 ? 109 VAL A OXT 1 
ATOM   678  N N   . THR B 1 34  ? 6.707   6.732   -12.346 1.00 75.73 ? 18  THR B N   1 
ATOM   679  C CA  . THR B 1 34  ? 5.392   7.448   -12.165 1.00 80.92 ? 18  THR B CA  1 
ATOM   680  C C   . THR B 1 34  ? 4.641   7.808   -13.485 1.00 84.27 ? 18  THR B C   1 
ATOM   681  O O   . THR B 1 34  ? 4.857   8.878   -14.069 1.00 83.81 ? 18  THR B O   1 
ATOM   682  C CB  . THR B 1 34  ? 5.537   8.752   -11.313 1.00 77.54 ? 18  THR B CB  1 
ATOM   683  O OG1 . THR B 1 34  ? 6.742   9.455   -11.667 1.00 77.43 ? 18  THR B OG1 1 
ATOM   684  C CG2 . THR B 1 34  ? 5.556   8.448   -9.847  1.00 74.34 ? 18  THR B CG2 1 
ATOM   685  N N   . VAL B 1 35  ? 3.731   6.931   -13.920 1.00 86.02 ? 19  VAL B N   1 
ATOM   686  C CA  . VAL B 1 35  ? 2.876   7.202   -15.078 1.00 79.96 ? 19  VAL B CA  1 
ATOM   687  C C   . VAL B 1 35  ? 1.472   7.606   -14.555 1.00 74.27 ? 19  VAL B C   1 
ATOM   688  O O   . VAL B 1 35  ? 0.751   6.748   -14.021 1.00 69.88 ? 19  VAL B O   1 
ATOM   689  C CB  . VAL B 1 35  ? 2.830   5.992   -16.045 1.00 84.44 ? 19  VAL B CB  1 
ATOM   690  C CG1 . VAL B 1 35  ? 1.941   6.303   -17.257 1.00 94.96 ? 19  VAL B CG1 1 
ATOM   691  C CG2 . VAL B 1 35  ? 4.239   5.620   -16.519 1.00 79.39 ? 19  VAL B CG2 1 
ATOM   692  N N   . PRO B 1 36  ? 1.085   8.915   -14.686 1.00 64.57 ? 20  PRO B N   1 
ATOM   693  C CA  . PRO B 1 36  ? -0.177  9.459   -14.087 1.00 60.01 ? 20  PRO B CA  1 
ATOM   694  C C   . PRO B 1 36  ? -1.483  9.119   -14.852 1.00 54.66 ? 20  PRO B C   1 
ATOM   695  O O   . PRO B 1 36  ? -1.432  8.867   -16.054 1.00 47.93 ? 20  PRO B O   1 
ATOM   696  C CB  . PRO B 1 36  ? 0.064   10.967  -14.123 1.00 56.13 ? 20  PRO B CB  1 
ATOM   697  C CG  . PRO B 1 36  ? 0.927   11.154  -15.326 1.00 56.83 ? 20  PRO B CG  1 
ATOM   698  C CD  . PRO B 1 36  ? 1.831   9.970   -15.407 1.00 57.02 ? 20  PRO B CD  1 
ATOM   699  N N   . GLY B 1 37  ? -2.626  9.093   -14.163 1.00 48.39 ? 21  GLY B N   1 
ATOM   700  C CA  . GLY B 1 37  ? -3.915  8.884   -14.842 1.00 49.84 ? 21  GLY B CA  1 
ATOM   701  C C   . GLY B 1 37  ? -5.204  9.198   -14.076 1.00 50.14 ? 21  GLY B C   1 
ATOM   702  O O   . GLY B 1 37  ? -5.196  9.808   -12.999 1.00 45.63 ? 21  GLY B O   1 
ATOM   703  N N   . LYS B 1 38  ? -6.325  8.800   -14.661 1.00 47.81 ? 22  LYS B N   1 
ATOM   704  C CA  . LYS B 1 38  ? -7.600  8.818   -13.957 1.00 47.45 ? 22  LYS B CA  1 
ATOM   705  C C   . LYS B 1 38  ? -8.543  7.862   -14.613 1.00 45.59 ? 22  LYS B C   1 
ATOM   706  O O   . LYS B 1 38  ? -8.305  7.394   -15.712 1.00 48.35 ? 22  LYS B O   1 
ATOM   707  C CB  . LYS B 1 38  ? -8.210  10.217  -13.910 1.00 51.33 ? 22  LYS B CB  1 
ATOM   708  C CG  . LYS B 1 38  ? -8.225  10.983  -15.220 1.00 51.70 ? 22  LYS B CG  1 
ATOM   709  C CD  . LYS B 1 38  ? -8.822  12.368  -15.011 1.00 53.86 ? 22  LYS B CD  1 
ATOM   710  C CE  . LYS B 1 38  ? -10.252 12.482  -15.512 1.00 56.38 ? 22  LYS B CE  1 
ATOM   711  N NZ  . LYS B 1 38  ? -10.280 12.850  -16.965 1.00 58.95 ? 22  LYS B NZ  1 
ATOM   712  N N   . VAL B 1 39  ? -9.608  7.527   -13.926 1.00 41.90 ? 23  VAL B N   1 
ATOM   713  C CA  . VAL B 1 39  ? -10.528 6.530   -14.452 1.00 38.20 ? 23  VAL B CA  1 
ATOM   714  C C   . VAL B 1 39  ? -11.814 6.775   -13.754 1.00 39.22 ? 23  VAL B C   1 
ATOM   715  O O   . VAL B 1 39  ? -11.807 7.272   -12.623 1.00 43.86 ? 23  VAL B O   1 
ATOM   716  C CB  . VAL B 1 39  ? -10.035 5.085   -14.212 1.00 39.08 ? 23  VAL B CB  1 
ATOM   717  C CG1 . VAL B 1 39  ? -9.802  4.788   -12.727 1.00 39.11 ? 23  VAL B CG1 1 
ATOM   718  C CG2 . VAL B 1 39  ? -10.986 4.065   -14.835 1.00 40.46 ? 23  VAL B CG2 1 
ATOM   719  N N   . THR B 1 40  ? -12.911 6.446   -14.414 1.00 38.75 ? 24  THR B N   1 
ATOM   720  C CA  . THR B 1 40  ? -14.217 6.624   -13.815 1.00 38.28 ? 24  THR B CA  1 
ATOM   721  C C   . THR B 1 40  ? -14.838 5.280   -13.575 1.00 39.11 ? 24  THR B C   1 
ATOM   722  O O   . THR B 1 40  ? -14.963 4.495   -14.507 1.00 43.82 ? 24  THR B O   1 
ATOM   723  C CB  . THR B 1 40  ? -15.094 7.424   -14.747 1.00 35.10 ? 24  THR B CB  1 
ATOM   724  O OG1 . THR B 1 40  ? -14.412 8.650   -14.983 1.00 31.66 ? 24  THR B OG1 1 
ATOM   725  C CG2 . THR B 1 40  ? -16.506 7.643   -14.119 1.00 36.29 ? 24  THR B CG2 1 
ATOM   726  N N   . LEU B 1 41  ? -15.219 5.009   -12.335 1.00 37.41 ? 25  LEU B N   1 
ATOM   727  C CA  . LEU B 1 41  ? -15.796 3.713   -11.972 1.00 35.45 ? 25  LEU B CA  1 
ATOM   728  C C   . LEU B 1 41  ? -17.234 3.893   -11.555 1.00 34.65 ? 25  LEU B C   1 
ATOM   729  O O   . LEU B 1 41  ? -17.530 4.763   -10.710 1.00 30.94 ? 25  LEU B O   1 
ATOM   730  C CB  . LEU B 1 41  ? -15.014 3.093   -10.814 1.00 35.63 ? 25  LEU B CB  1 
ATOM   731  C CG  . LEU B 1 41  ? -13.499 2.942   -11.073 1.00 37.27 ? 25  LEU B CG  1 
ATOM   732  C CD1 . LEU B 1 41  ? -12.743 2.473   -9.824  1.00 36.31 ? 25  LEU B CD1 1 
ATOM   733  C CD2 . LEU B 1 41  ? -13.252 1.969   -12.223 1.00 36.85 ? 25  LEU B CD2 1 
ATOM   734  N N   . GLN B 1 42  ? -18.107 3.057   -12.122 1.00 35.19 ? 26  GLN B N   1 
ATOM   735  C CA  . GLN B 1 42  ? -19.532 3.035   -11.742 1.00 39.02 ? 26  GLN B CA  1 
ATOM   736  C C   . GLN B 1 42  ? -19.671 2.450   -10.351 1.00 38.98 ? 26  GLN B C   1 
ATOM   737  O O   . GLN B 1 42  ? -19.215 1.317   -10.161 1.00 45.53 ? 26  GLN B O   1 
ATOM   738  C CB  . GLN B 1 42  ? -20.344 2.187   -12.756 1.00 37.83 ? 26  GLN B CB  1 
ATOM   739  C CG  . GLN B 1 42  ? -20.342 2.760   -14.168 1.00 37.59 ? 26  GLN B CG  1 
ATOM   740  C CD  . GLN B 1 42  ? -20.762 4.228   -14.149 1.00 40.44 ? 26  GLN B CD  1 
ATOM   741  O OE1 . GLN B 1 42  ? -21.869 4.562   -13.687 1.00 40.08 ? 26  GLN B OE1 1 
ATOM   742  N NE2 . GLN B 1 42  ? -19.866 5.114   -14.573 1.00 35.35 ? 26  GLN B NE2 1 
ATOM   743  N N   . LYS B 1 43  ? -20.244 3.191   -9.378  1.00 35.01 ? 27  LYS B N   1 
ATOM   744  C CA  . LYS B 1 43  ? -20.539 2.600   -8.036  1.00 35.75 ? 27  LYS B CA  1 
ATOM   745  C C   . LYS B 1 43  ? -21.334 1.305   -8.230  1.00 38.46 ? 27  LYS B C   1 
ATOM   746  O O   . LYS B 1 43  ? -22.034 1.142   -9.197  1.00 45.20 ? 27  LYS B O   1 
ATOM   747  C CB  . LYS B 1 43  ? -21.381 3.490   -7.135  1.00 33.52 ? 27  LYS B CB  1 
ATOM   748  C CG  . LYS B 1 43  ? -20.816 4.850   -6.750  1.00 33.85 ? 27  LYS B CG  1 
ATOM   749  C CD  . LYS B 1 43  ? -19.552 4.739   -5.930  1.00 33.09 ? 27  LYS B CD  1 
ATOM   750  C CE  . LYS B 1 43  ? -19.098 6.090   -5.424  1.00 30.86 ? 27  LYS B CE  1 
ATOM   751  N NZ  . LYS B 1 43  ? -19.298 6.248   -3.949  1.00 30.72 ? 27  LYS B NZ  1 
ATOM   752  N N   . ASP B 1 44  ? -21.236 0.358   -7.342  1.00 37.51 ? 28  ASP B N   1 
ATOM   753  C CA  . ASP B 1 44  ? -22.164 -0.748  -7.466  1.00 39.47 ? 28  ASP B CA  1 
ATOM   754  C C   . ASP B 1 44  ? -23.482 -0.310  -6.767  1.00 43.37 ? 28  ASP B C   1 
ATOM   755  O O   . ASP B 1 44  ? -23.679 0.876   -6.401  1.00 43.22 ? 28  ASP B O   1 
ATOM   756  C CB  . ASP B 1 44  ? -21.551 -2.045  -6.896  1.00 35.11 ? 28  ASP B CB  1 
ATOM   757  C CG  . ASP B 1 44  ? -21.395 -1.999  -5.400  1.00 33.17 ? 28  ASP B CG  1 
ATOM   758  O OD1 . ASP B 1 44  ? -21.802 -1.003  -4.761  1.00 35.40 ? 28  ASP B OD1 1 
ATOM   759  O OD2 . ASP B 1 44  ? -20.837 -2.946  -4.840  1.00 34.21 ? 28  ASP B OD2 1 
ATOM   760  N N   . ALA B 1 45  ? -24.351 -1.285  -6.564  1.00 43.75 ? 29  ALA B N   1 
ATOM   761  C CA  . ALA B 1 45  ? -25.597 -1.074  -5.862  1.00 44.69 ? 29  ALA B CA  1 
ATOM   762  C C   . ALA B 1 45  ? -25.468 -0.640  -4.380  1.00 43.94 ? 29  ALA B C   1 
ATOM   763  O O   . ALA B 1 45  ? -26.394 -0.058  -3.852  1.00 41.82 ? 29  ALA B O   1 
ATOM   764  C CB  . ALA B 1 45  ? -26.451 -2.336  -5.985  1.00 44.51 ? 29  ALA B CB  1 
ATOM   765  N N   . GLN B 1 46  ? -24.332 -0.903  -3.728  1.00 43.01 ? 30  GLN B N   1 
ATOM   766  C CA  . GLN B 1 46  ? -24.111 -0.554  -2.320  1.00 39.28 ? 30  GLN B CA  1 
ATOM   767  C C   . GLN B 1 46  ? -23.254 0.717   -2.184  1.00 35.10 ? 30  GLN B C   1 
ATOM   768  O O   . GLN B 1 46  ? -22.738 1.081   -1.106  1.00 33.97 ? 30  GLN B O   1 
ATOM   769  C CB  . GLN B 1 46  ? -23.466 -1.737  -1.595  1.00 43.47 ? 30  GLN B CB  1 
ATOM   770  C CG  . GLN B 1 46  ? -24.379 -2.934  -1.401  1.00 44.79 ? 30  GLN B CG  1 
ATOM   771  C CD  . GLN B 1 46  ? -24.730 -3.621  -2.709  1.00 54.02 ? 30  GLN B CD  1 
ATOM   772  O OE1 . GLN B 1 46  ? -23.855 -4.028  -3.480  1.00 53.79 ? 30  GLN B OE1 1 
ATOM   773  N NE2 . GLN B 1 46  ? -26.020 -3.749  -2.976  1.00 62.78 ? 30  GLN B NE2 1 
ATOM   774  N N   . ASN B 1 47  ? -23.131 1.414   -3.293  1.00 31.84 ? 31  ASN B N   1 
ATOM   775  C CA  . ASN B 1 47  ? -22.405 2.652   -3.343  1.00 32.58 ? 31  ASN B CA  1 
ATOM   776  C C   . ASN B 1 47  ? -20.899 2.463   -2.969  1.00 31.99 ? 31  ASN B C   1 
ATOM   777  O O   . ASN B 1 47  ? -20.306 3.325   -2.318  1.00 27.50 ? 31  ASN B O   1 
ATOM   778  C CB  . ASN B 1 47  ? -23.094 3.723   -2.492  1.00 30.04 ? 31  ASN B CB  1 
ATOM   779  C CG  . ASN B 1 47  ? -22.524 5.106   -2.734  1.00 33.57 ? 31  ASN B CG  1 
ATOM   780  O OD1 . ASN B 1 47  ? -22.451 5.911   -1.818  1.00 42.20 ? 31  ASN B OD1 1 
ATOM   781  N ND2 . ASN B 1 47  ? -22.070 5.369   -3.943  1.00 32.78 ? 31  ASN B ND2 1 
ATOM   782  N N   . LEU B 1 48  ? -20.328 1.335   -3.396  1.00 28.70 ? 32  LEU B N   1 
ATOM   783  C CA  . LEU B 1 48  ? -18.914 1.061   -3.261  1.00 29.95 ? 32  LEU B CA  1 
ATOM   784  C C   . LEU B 1 48  ? -18.269 0.783   -4.620  1.00 29.23 ? 32  LEU B C   1 
ATOM   785  O O   . LEU B 1 48  ? -18.868 0.145   -5.483  1.00 30.14 ? 32  LEU B O   1 
ATOM   786  C CB  . LEU B 1 48  ? -18.682 -0.164  -2.376  1.00 32.11 ? 32  LEU B CB  1 
ATOM   787  C CG  . LEU B 1 48  ? -19.245 -0.383  -0.951  1.00 32.96 ? 32  LEU B CG  1 
ATOM   788  C CD1 . LEU B 1 48  ? -19.065 -1.848  -0.608  1.00 31.29 ? 32  LEU B CD1 1 
ATOM   789  C CD2 . LEU B 1 48  ? -18.532 0.435   0.103   1.00 33.18 ? 32  LEU B CD2 1 
ATOM   790  N N   . ILE B 1 49  ? -17.045 1.274   -4.814  1.00 31.76 ? 33  ILE B N   1 
ATOM   791  C CA  . ILE B 1 49  ? -16.203 0.910   -6.010  1.00 30.24 ? 33  ILE B CA  1 
ATOM   792  C C   . ILE B 1 49  ? -15.296 -0.291  -5.791  1.00 28.57 ? 33  ILE B C   1 
ATOM   793  O O   . ILE B 1 49  ? -14.935 -0.933  -6.768  1.00 29.46 ? 33  ILE B O   1 
ATOM   794  C CB  . ILE B 1 49  ? -15.343 2.067   -6.574  1.00 30.61 ? 33  ILE B CB  1 
ATOM   795  C CG1 . ILE B 1 49  ? -14.339 2.622   -5.559  1.00 30.52 ? 33  ILE B CG1 1 
ATOM   796  C CG2 . ILE B 1 49  ? -16.234 3.175   -7.125  1.00 32.87 ? 33  ILE B CG2 1 
ATOM   797  C CD1 . ILE B 1 49  ? -13.350 3.649   -6.119  1.00 27.77 ? 33  ILE B CD1 1 
ATOM   798  N N   . GLY B 1 50  ? -14.995 -0.598  -4.520  1.00 26.00 ? 34  GLY B N   1 
ATOM   799  C CA  . GLY B 1 50  ? -14.313 -1.816  -4.126  1.00 24.81 ? 34  GLY B CA  1 
ATOM   800  C C   . GLY B 1 50  ? -12.832 -1.687  -3.847  1.00 23.77 ? 34  GLY B C   1 
ATOM   801  O O   . GLY B 1 50  ? -12.049 -2.534  -4.225  1.00 23.79 ? 34  GLY B O   1 
ATOM   802  N N   . ILE B 1 51  ? -12.450 -0.650  -3.129  1.00 23.67 ? 35  ILE B N   1 
ATOM   803  C CA  . ILE B 1 51  ? -11.083 -0.518  -2.670  1.00 24.51 ? 35  ILE B CA  1 
ATOM   804  C C   . ILE B 1 51  ? -11.006 -0.063  -1.224  1.00 24.07 ? 35  ILE B C   1 
ATOM   805  O O   . ILE B 1 51  ? -11.946 0.617   -0.654  1.00 21.47 ? 35  ILE B O   1 
ATOM   806  C CB  . ILE B 1 51  ? -10.310 0.482   -3.535  1.00 26.33 ? 35  ILE B CB  1 
ATOM   807  C CG1 . ILE B 1 51  ? -10.967 1.892   -3.446  1.00 28.10 ? 35  ILE B CG1 1 
ATOM   808  C CG2 . ILE B 1 51  ? -10.188 -0.064  -4.964  1.00 24.49 ? 35  ILE B CG2 1 
ATOM   809  C CD1 . ILE B 1 51  ? -10.335 2.956   -4.322  1.00 29.09 ? 35  ILE B CD1 1 
ATOM   810  N N   . SER B 1 52  ? -9.892  -0.453  -0.631  1.00 24.36 ? 36  SER B N   1 
ATOM   811  C CA  . SER B 1 52  ? -9.466  0.137   0.628   1.00 26.87 ? 36  SER B CA  1 
ATOM   812  C C   . SER B 1 52  ? -8.401  1.135   0.314   1.00 27.77 ? 36  SER B C   1 
ATOM   813  O O   . SER B 1 52  ? -7.591  0.892   -0.605  1.00 27.95 ? 36  SER B O   1 
ATOM   814  C CB  . SER B 1 52  ? -8.891  -0.914  1.555   1.00 27.92 ? 36  SER B CB  1 
ATOM   815  O OG  . SER B 1 52  ? -7.825  -1.588  0.937   1.00 27.37 ? 36  SER B OG  1 
ATOM   816  N N   . ILE B 1 53  ? -8.384  2.200   1.113   1.00 26.23 ? 37  ILE B N   1 
ATOM   817  C CA  . ILE B 1 53  ? -7.435  3.272   1.009   1.00 28.74 ? 37  ILE B CA  1 
ATOM   818  C C   . ILE B 1 53  ? -6.603  3.337   2.268   1.00 29.88 ? 37  ILE B C   1 
ATOM   819  O O   . ILE B 1 53  ? -7.155  3.332   3.391   1.00 27.88 ? 37  ILE B O   1 
ATOM   820  C CB  . ILE B 1 53  ? -8.179  4.609   0.932   1.00 32.29 ? 37  ILE B CB  1 
ATOM   821  C CG1 . ILE B 1 53  ? -8.937  4.702   -0.396  1.00 34.07 ? 37  ILE B CG1 1 
ATOM   822  C CG2 . ILE B 1 53  ? -7.254  5.811   1.102   1.00 32.21 ? 37  ILE B CG2 1 
ATOM   823  C CD1 . ILE B 1 53  ? -10.169 5.530   -0.229  1.00 38.57 ? 37  ILE B CD1 1 
ATOM   824  N N   . GLY B 1 54  ? -5.287  3.485   2.083   1.00 28.30 ? 38  GLY B N   1 
ATOM   825  C CA  . GLY B 1 54  ? -4.383  3.551   3.200   1.00 28.51 ? 38  GLY B CA  1 
ATOM   826  C C   . GLY B 1 54  ? -3.615  4.820   3.157   1.00 30.53 ? 38  GLY B C   1 
ATOM   827  O O   . GLY B 1 54  ? -3.642  5.572   2.124   1.00 32.26 ? 38  GLY B O   1 
ATOM   828  N N   . GLY B 1 55  ? -2.952  5.068   4.285   1.00 28.17 ? 39  GLY B N   1 
ATOM   829  C CA  . GLY B 1 55  ? -2.112  6.220   4.455   1.00 30.19 ? 39  GLY B CA  1 
ATOM   830  C C   . GLY B 1 55  ? -2.873  7.394   5.011   1.00 30.64 ? 39  GLY B C   1 
ATOM   831  O O   . GLY B 1 55  ? -3.846  7.236   5.749   1.00 31.69 ? 39  GLY B O   1 
ATOM   832  N N   . GLY B 1 56  ? -2.412  8.581   4.637   1.00 37.71 ? 40  GLY B N   1 
ATOM   833  C CA  . GLY B 1 56  ? -2.967  9.858   5.147   1.00 41.42 ? 40  GLY B CA  1 
ATOM   834  C C   . GLY B 1 56  ? -2.745  10.126  6.629   1.00 39.78 ? 40  GLY B C   1 
ATOM   835  O O   . GLY B 1 56  ? -3.533  10.833  7.263   1.00 44.11 ? 40  GLY B O   1 
ATOM   836  N N   . ALA B 1 57  ? -1.664  9.570   7.175   1.00 42.71 ? 41  ALA B N   1 
ATOM   837  C CA  . ALA B 1 57  ? -1.386  9.622   8.618   1.00 42.97 ? 41  ALA B CA  1 
ATOM   838  C C   . ALA B 1 57  ? -0.428  10.790  8.949   1.00 48.54 ? 41  ALA B C   1 
ATOM   839  O O   . ALA B 1 57  ? 0.056   11.481  8.038   1.00 45.05 ? 41  ALA B O   1 
ATOM   840  C CB  . ALA B 1 57  ? -0.851  8.276   9.106   1.00 36.91 ? 41  ALA B CB  1 
ATOM   841  N N   . GLN B 1 58  ? -0.186  11.003  10.251  1.00 55.82 ? 42  GLN B N   1 
ATOM   842  C CA  . GLN B 1 58  ? 0.546   12.178  10.781  1.00 56.94 ? 42  GLN B CA  1 
ATOM   843  C C   . GLN B 1 58  ? 1.847   12.478  10.013  1.00 48.69 ? 42  GLN B C   1 
ATOM   844  O O   . GLN B 1 58  ? 2.120   13.626  9.748   1.00 47.35 ? 42  GLN B O   1 
ATOM   845  C CB  . GLN B 1 58  ? 0.765   12.034  12.327  1.00 59.37 ? 42  GLN B CB  1 
ATOM   846  C CG  . GLN B 1 58  ? 1.892   12.882  12.976  1.00 61.98 ? 42  GLN B CG  1 
ATOM   847  C CD  . GLN B 1 58  ? 1.464   14.030  13.900  1.00 56.99 ? 42  GLN B CD  1 
ATOM   848  O OE1 . GLN B 1 58  ? 1.007   13.779  15.016  1.00 51.88 ? 42  GLN B OE1 1 
ATOM   849  N NE2 . GLN B 1 58  ? 1.683   15.287  13.470  1.00 50.29 ? 42  GLN B NE2 1 
ATOM   850  N N   . TYR B 1 59  ? 2.597   11.447  9.635   1.00 49.41 ? 43  TYR B N   1 
ATOM   851  C CA  . TYR B 1 59  ? 3.908   11.593  8.958   1.00 53.27 ? 43  TYR B CA  1 
ATOM   852  C C   . TYR B 1 59  ? 3.984   10.968  7.557   1.00 53.41 ? 43  TYR B C   1 
ATOM   853  O O   . TYR B 1 59  ? 5.068   10.857  6.983   1.00 53.69 ? 43  TYR B O   1 
ATOM   854  C CB  . TYR B 1 59  ? 4.991   10.939  9.826   1.00 57.69 ? 43  TYR B CB  1 
ATOM   855  C CG  . TYR B 1 59  ? 5.097   11.565  11.193  1.00 64.50 ? 43  TYR B CG  1 
ATOM   856  C CD1 . TYR B 1 59  ? 5.624   12.863  11.348  1.00 64.33 ? 43  TYR B CD1 1 
ATOM   857  C CD2 . TYR B 1 59  ? 4.653   10.878  12.334  1.00 65.30 ? 43  TYR B CD2 1 
ATOM   858  C CE1 . TYR B 1 59  ? 5.712   13.456  12.602  1.00 70.48 ? 43  TYR B CE1 1 
ATOM   859  C CE2 . TYR B 1 59  ? 4.740   11.456  13.593  1.00 69.99 ? 43  TYR B CE2 1 
ATOM   860  C CZ  . TYR B 1 59  ? 5.264   12.745  13.729  1.00 72.42 ? 43  TYR B CZ  1 
ATOM   861  O OH  . TYR B 1 59  ? 5.333   13.316  14.981  1.00 61.53 ? 43  TYR B OH  1 
ATOM   862  N N   . CYS B 1 60  ? 2.843   10.553  7.017   1.00 48.68 ? 44  CYS B N   1 
ATOM   863  C CA  . CYS B 1 60  ? 2.785   9.736   5.814   1.00 44.79 ? 44  CYS B CA  1 
ATOM   864  C C   . CYS B 1 60  ? 1.659   10.339  5.007   1.00 43.43 ? 44  CYS B C   1 
ATOM   865  O O   . CYS B 1 60  ? 0.541   9.771   4.950   1.00 41.27 ? 44  CYS B O   1 
ATOM   866  C CB  . CYS B 1 60  ? 2.455   8.290   6.175   1.00 43.10 ? 44  CYS B CB  1 
ATOM   867  S SG  . CYS B 1 60  ? 3.610   7.473   7.297   1.00 42.80 ? 44  CYS B SG  1 
ATOM   868  N N   . PRO B 1 61  ? 1.915   11.522  4.426   1.00 37.03 ? 45  PRO B N   1 
ATOM   869  C CA  . PRO B 1 61  ? 0.843   12.252  3.697   1.00 38.58 ? 45  PRO B CA  1 
ATOM   870  C C   . PRO B 1 61  ? 0.147   11.526  2.497   1.00 37.90 ? 45  PRO B C   1 
ATOM   871  O O   . PRO B 1 61  ? -0.987  11.835  2.161   1.00 43.70 ? 45  PRO B O   1 
ATOM   872  C CB  . PRO B 1 61  ? 1.560   13.540  3.213   1.00 36.95 ? 45  PRO B CB  1 
ATOM   873  C CG  . PRO B 1 61  ? 2.966   13.458  3.685   1.00 35.14 ? 45  PRO B CG  1 
ATOM   874  C CD  . PRO B 1 61  ? 3.068   12.388  4.724   1.00 33.99 ? 45  PRO B CD  1 
ATOM   875  N N   . CYS B 1 62  ? 0.802   10.549  1.895   1.00 34.01 ? 46  CYS B N   1 
ATOM   876  C CA  . CYS B 1 62  ? 0.334   9.968   0.689   1.00 33.12 ? 46  CYS B CA  1 
ATOM   877  C C   . CYS B 1 62  ? -0.669  8.867   0.917   1.00 32.28 ? 46  CYS B C   1 
ATOM   878  O O   . CYS B 1 62  ? -0.675  8.226   1.953   1.00 34.88 ? 46  CYS B O   1 
ATOM   879  C CB  . CYS B 1 62  ? 1.502   9.496   -0.140  1.00 34.04 ? 46  CYS B CB  1 
ATOM   880  S SG  . CYS B 1 62  ? 2.539   10.937  -0.431  1.00 40.36 ? 46  CYS B SG  1 
ATOM   881  N N   . LEU B 1 63  ? -1.539  8.706   -0.080  1.00 28.64 ? 47  LEU B N   1 
ATOM   882  C CA  . LEU B 1 63  ? -2.726  7.926   -0.009  1.00 28.76 ? 47  LEU B CA  1 
ATOM   883  C C   . LEU B 1 63  ? -2.633  6.950   -1.127  1.00 30.52 ? 47  LEU B C   1 
ATOM   884  O O   . LEU B 1 63  ? -2.211  7.278   -2.210  1.00 27.11 ? 47  LEU B O   1 
ATOM   885  C CB  . LEU B 1 63  ? -3.972  8.822   -0.117  1.00 31.57 ? 47  LEU B CB  1 
ATOM   886  C CG  . LEU B 1 63  ? -4.225  9.515   1.247   1.00 33.18 ? 47  LEU B CG  1 
ATOM   887  C CD1 . LEU B 1 63  ? -4.379  11.021  1.205   1.00 34.62 ? 47  LEU B CD1 1 
ATOM   888  C CD2 . LEU B 1 63  ? -5.377  8.867   1.974   1.00 32.37 ? 47  LEU B CD2 1 
ATOM   889  N N   . TYR B 1 64  ? -2.963  5.701   -0.807  1.00 36.70 ? 48  TYR B N   1 
ATOM   890  C CA  . TYR B 1 64  ? -2.667  4.566   -1.629  1.00 32.28 ? 48  TYR B CA  1 
ATOM   891  C C   . TYR B 1 64  ? -3.850  3.654   -1.578  1.00 33.33 ? 48  TYR B C   1 
ATOM   892  O O   . TYR B 1 64  ? -4.493  3.496   -0.527  1.00 40.11 ? 48  TYR B O   1 
ATOM   893  C CB  . TYR B 1 64  ? -1.505  3.789   -1.037  1.00 33.44 ? 48  TYR B CB  1 
ATOM   894  C CG  . TYR B 1 64  ? -0.174  4.430   -1.074  1.00 30.76 ? 48  TYR B CG  1 
ATOM   895  C CD1 . TYR B 1 64  ? 0.603   4.371   -2.228  1.00 31.87 ? 48  TYR B CD1 1 
ATOM   896  C CD2 . TYR B 1 64  ? 0.351   5.040   0.054   1.00 30.80 ? 48  TYR B CD2 1 
ATOM   897  C CE1 . TYR B 1 64  ? 1.855   4.963   -2.285  1.00 32.48 ? 48  TYR B CE1 1 
ATOM   898  C CE2 . TYR B 1 64  ? 1.598   5.655   0.006   1.00 34.61 ? 48  TYR B CE2 1 
ATOM   899  C CZ  . TYR B 1 64  ? 2.338   5.613   -1.177  1.00 31.27 ? 48  TYR B CZ  1 
ATOM   900  O OH  . TYR B 1 64  ? 3.577   6.148   -1.207  1.00 31.73 ? 48  TYR B OH  1 
ATOM   901  N N   . ILE B 1 65  ? -4.078  3.004   -2.697  1.00 31.04 ? 49  ILE B N   1 
ATOM   902  C CA  . ILE B 1 65  ? -5.006  1.930   -2.829  1.00 29.74 ? 49  ILE B CA  1 
ATOM   903  C C   . ILE B 1 65  ? -4.363  0.679   -2.241  1.00 28.00 ? 49  ILE B C   1 
ATOM   904  O O   . ILE B 1 65  ? -3.422  0.157   -2.831  1.00 29.50 ? 49  ILE B O   1 
ATOM   905  C CB  . ILE B 1 65  ? -5.303  1.764   -4.327  1.00 35.34 ? 49  ILE B CB  1 
ATOM   906  C CG1 . ILE B 1 65  ? -6.051  3.014   -4.827  1.00 35.30 ? 49  ILE B CG1 1 
ATOM   907  C CG2 . ILE B 1 65  ? -6.129  0.516   -4.616  1.00 38.27 ? 49  ILE B CG2 1 
ATOM   908  C CD1 . ILE B 1 65  ? -5.985  3.237   -6.333  1.00 37.08 ? 49  ILE B CD1 1 
ATOM   909  N N   . VAL B 1 66  ? -4.833  0.225   -1.072  1.00 27.73 ? 50  VAL B N   1 
ATOM   910  C CA  . VAL B 1 66  ? -4.256  -0.946  -0.379  1.00 30.72 ? 50  VAL B CA  1 
ATOM   911  C C   . VAL B 1 66  ? -4.753  -2.325  -0.877  1.00 34.24 ? 50  VAL B C   1 
ATOM   912  O O   . VAL B 1 66  ? -3.937  -3.221  -1.012  1.00 39.18 ? 50  VAL B O   1 
ATOM   913  C CB  . VAL B 1 66  ? -4.346  -0.795  1.160   1.00 33.59 ? 50  VAL B CB  1 
ATOM   914  C CG1 . VAL B 1 66  ? -3.753  -1.994  1.939   1.00 32.41 ? 50  VAL B CG1 1 
ATOM   915  C CG2 . VAL B 1 66  ? -3.633  0.497   1.595   1.00 33.41 ? 50  VAL B CG2 1 
ATOM   916  N N   . GLN B 1 67  ? -6.050  -2.479  -1.177  1.00 36.77 ? 51  GLN B N   1 
ATOM   917  C CA  . GLN B 1 67  ? -6.630  -3.702  -1.749  1.00 36.69 ? 51  GLN B CA  1 
ATOM   918  C C   . GLN B 1 67  ? -7.661  -3.363  -2.812  1.00 36.96 ? 51  GLN B C   1 
ATOM   919  O O   . GLN B 1 67  ? -8.432  -2.419  -2.642  1.00 37.31 ? 51  GLN B O   1 
ATOM   920  C CB  . GLN B 1 67  ? -7.403  -4.530  -0.721  1.00 38.52 ? 51  GLN B CB  1 
ATOM   921  C CG  . GLN B 1 67  ? -6.672  -4.942  0.549   1.00 43.96 ? 51  GLN B CG  1 
ATOM   922  C CD  . GLN B 1 67  ? -7.601  -4.905  1.781   1.00 49.29 ? 51  GLN B CD  1 
ATOM   923  O OE1 . GLN B 1 67  ? -8.208  -5.945  2.127   1.00 44.41 ? 51  GLN B OE1 1 
ATOM   924  N NE2 . GLN B 1 67  ? -7.747  -3.697  2.424   1.00 35.18 ? 51  GLN B NE2 1 
ATOM   925  N N   . VAL B 1 68  ? -7.711  -4.182  -3.862  1.00 35.04 ? 52  VAL B N   1 
ATOM   926  C CA  . VAL B 1 68  ? -8.812  -4.204  -4.788  1.00 34.59 ? 52  VAL B CA  1 
ATOM   927  C C   . VAL B 1 68  ? -9.600  -5.480  -4.602  1.00 33.24 ? 52  VAL B C   1 
ATOM   928  O O   . VAL B 1 68  ? -9.182  -6.560  -4.945  1.00 37.63 ? 52  VAL B O   1 
ATOM   929  C CB  . VAL B 1 68  ? -8.335  -4.084  -6.234  1.00 39.75 ? 52  VAL B CB  1 
ATOM   930  C CG1 . VAL B 1 68  ? -9.553  -3.960  -7.204  1.00 40.66 ? 52  VAL B CG1 1 
ATOM   931  C CG2 . VAL B 1 68  ? -7.382  -2.893  -6.340  1.00 39.67 ? 52  VAL B CG2 1 
ATOM   932  N N   . PHE B 1 69  ? -10.782 -5.361  -4.067  1.00 36.21 ? 53  PHE B N   1 
ATOM   933  C CA  . PHE B 1 69  ? -11.552 -6.544  -3.718  1.00 34.95 ? 53  PHE B CA  1 
ATOM   934  C C   . PHE B 1 69  ? -12.096 -7.185  -4.982  1.00 33.59 ? 53  PHE B C   1 
ATOM   935  O O   . PHE B 1 69  ? -12.494 -6.488  -5.908  1.00 32.79 ? 53  PHE B O   1 
ATOM   936  C CB  . PHE B 1 69  ? -12.725 -6.132  -2.842  1.00 34.10 ? 53  PHE B CB  1 
ATOM   937  C CG  . PHE B 1 69  ? -12.332 -5.643  -1.484  1.00 34.64 ? 53  PHE B CG  1 
ATOM   938  C CD1 . PHE B 1 69  ? -11.794 -6.538  -0.547  1.00 35.49 ? 53  PHE B CD1 1 
ATOM   939  C CD2 . PHE B 1 69  ? -12.584 -4.321  -1.096  1.00 31.58 ? 53  PHE B CD2 1 
ATOM   940  C CE1 . PHE B 1 69  ? -11.471 -6.110  0.727   1.00 34.59 ? 53  PHE B CE1 1 
ATOM   941  C CE2 . PHE B 1 69  ? -12.310 -3.914  0.181   1.00 34.08 ? 53  PHE B CE2 1 
ATOM   942  C CZ  . PHE B 1 69  ? -11.719 -4.792  1.084   1.00 34.97 ? 53  PHE B CZ  1 
ATOM   943  N N   . ASP B 1 70  ? -12.128 -8.506  -5.000  1.00 35.16 ? 54  ASP B N   1 
ATOM   944  C CA  . ASP B 1 70  ? -12.630 -9.254  -6.147  1.00 35.12 ? 54  ASP B CA  1 
ATOM   945  C C   . ASP B 1 70  ? -14.083 -8.939  -6.378  1.00 36.25 ? 54  ASP B C   1 
ATOM   946  O O   . ASP B 1 70  ? -14.888 -8.853  -5.456  1.00 33.70 ? 54  ASP B O   1 
ATOM   947  C CB  . ASP B 1 70  ? -12.561 -10.773 -5.916  1.00 36.62 ? 54  ASP B CB  1 
ATOM   948  C CG  . ASP B 1 70  ? -11.147 -11.318 -5.814  1.00 38.42 ? 54  ASP B CG  1 
ATOM   949  O OD1 . ASP B 1 70  ? -10.176 -10.601 -6.173  1.00 36.10 ? 54  ASP B OD1 1 
ATOM   950  O OD2 . ASP B 1 70  ? -11.037 -12.494 -5.355  1.00 36.67 ? 54  ASP B OD2 1 
ATOM   951  N N   . ASN B 1 71  ? -14.440 -8.840  -7.640  1.00 39.49 ? 55  ASN B N   1 
ATOM   952  C CA  . ASN B 1 71  ? -15.835 -8.888  -8.013  1.00 39.84 ? 55  ASN B CA  1 
ATOM   953  C C   . ASN B 1 71  ? -16.517 -7.577  -7.648  1.00 37.45 ? 55  ASN B C   1 
ATOM   954  O O   . ASN B 1 71  ? -17.678 -7.597  -7.303  1.00 38.25 ? 55  ASN B O   1 
ATOM   955  C CB  . ASN B 1 71  ? -16.534 -10.116 -7.383  1.00 41.63 ? 55  ASN B CB  1 
ATOM   956  C CG  . ASN B 1 71  ? -17.372 -10.879 -8.390  1.00 48.81 ? 55  ASN B CG  1 
ATOM   957  O OD1 . ASN B 1 71  ? -18.086 -10.279 -9.186  1.00 48.36 ? 55  ASN B OD1 1 
ATOM   958  N ND2 . ASN B 1 71  ? -17.247 -12.218 -8.392  1.00 51.25 ? 55  ASN B ND2 1 
ATOM   959  N N   . THR B 1 72  ? -15.787 -6.450  -7.755  1.00 33.15 ? 56  THR B N   1 
ATOM   960  C CA  . THR B 1 72  ? -16.320 -5.097  -7.555  1.00 30.70 ? 56  THR B CA  1 
ATOM   961  C C   . THR B 1 72  ? -16.032 -4.288  -8.788  1.00 31.12 ? 56  THR B C   1 
ATOM   962  O O   . THR B 1 72  ? -15.194 -4.681  -9.587  1.00 34.02 ? 56  THR B O   1 
ATOM   963  C CB  . THR B 1 72  ? -15.641 -4.394  -6.351  1.00 28.79 ? 56  THR B CB  1 
ATOM   964  O OG1 . THR B 1 72  ? -14.254 -4.208  -6.658  1.00 31.77 ? 56  THR B OG1 1 
ATOM   965  C CG2 . THR B 1 72  ? -15.820 -5.201  -5.033  1.00 25.93 ? 56  THR B CG2 1 
ATOM   966  N N   . PRO B 1 73  ? -16.684 -3.132  -8.948  1.00 33.19 ? 57  PRO B N   1 
ATOM   967  C CA  . PRO B 1 73  ? -16.381 -2.328  -10.177 1.00 33.52 ? 57  PRO B CA  1 
ATOM   968  C C   . PRO B 1 73  ? -14.895 -1.965  -10.392 1.00 33.17 ? 57  PRO B C   1 
ATOM   969  O O   . PRO B 1 73  ? -14.398 -1.934  -11.539 1.00 35.07 ? 57  PRO B O   1 
ATOM   970  C CB  . PRO B 1 73  ? -17.223 -1.046  -9.998  1.00 31.98 ? 57  PRO B CB  1 
ATOM   971  C CG  . PRO B 1 73  ? -18.200 -1.337  -8.905  1.00 32.72 ? 57  PRO B CG  1 
ATOM   972  C CD  . PRO B 1 73  ? -17.737 -2.524  -8.104  1.00 32.52 ? 57  PRO B CD  1 
ATOM   973  N N   . ALA B 1 74  ? -14.209 -1.647  -9.301  1.00 33.18 ? 58  ALA B N   1 
ATOM   974  C CA  . ALA B 1 74  ? -12.744 -1.438  -9.338  1.00 32.70 ? 58  ALA B CA  1 
ATOM   975  C C   . ALA B 1 74  ? -12.012 -2.655  -9.891  1.00 34.17 ? 58  ALA B C   1 
ATOM   976  O O   . ALA B 1 74  ? -11.108 -2.543  -10.723 1.00 37.06 ? 58  ALA B O   1 
ATOM   977  C CB  . ALA B 1 74  ? -12.218 -1.127  -7.955  1.00 28.92 ? 58  ALA B CB  1 
ATOM   978  N N   . ALA B 1 75  ? -12.404 -3.820  -9.395  1.00 33.44 ? 59  ALA B N   1 
ATOM   979  C CA  . ALA B 1 75  ? -11.761 -5.034  -9.780  1.00 33.45 ? 59  ALA B CA  1 
ATOM   980  C C   . ALA B 1 75  ? -11.994 -5.321  -11.255 1.00 36.73 ? 59  ALA B C   1 
ATOM   981  O O   . ALA B 1 75  ? -11.097 -5.777  -11.937 1.00 38.24 ? 59  ALA B O   1 
ATOM   982  C CB  . ALA B 1 75  ? -12.283 -6.164  -8.940  1.00 34.83 ? 59  ALA B CB  1 
ATOM   983  N N   . LEU B 1 76  ? -13.204 -5.053  -11.739 1.00 37.32 ? 60  LEU B N   1 
ATOM   984  C CA  . LEU B 1 76  ? -13.548 -5.397  -13.093 1.00 39.74 ? 60  LEU B CA  1 
ATOM   985  C C   . LEU B 1 76  ? -13.005 -4.393  -14.151 1.00 39.12 ? 60  LEU B C   1 
ATOM   986  O O   . LEU B 1 76  ? -12.523 -4.837  -15.203 1.00 38.65 ? 60  LEU B O   1 
ATOM   987  C CB  . LEU B 1 76  ? -15.048 -5.771  -13.179 1.00 39.15 ? 60  LEU B CB  1 
ATOM   988  C CG  . LEU B 1 76  ? -15.208 -7.159  -12.452 1.00 40.17 ? 60  LEU B CG  1 
ATOM   989  C CD1 . LEU B 1 76  ? -16.632 -7.520  -12.023 1.00 42.56 ? 60  LEU B CD1 1 
ATOM   990  C CD2 . LEU B 1 76  ? -14.618 -8.293  -13.260 1.00 35.27 ? 60  LEU B CD2 1 
ATOM   991  N N   . ASP B 1 77  ? -12.979 -3.088  -13.873 1.00 36.24 ? 61  ASP B N   1 
ATOM   992  C CA  . ASP B 1 77  ? -12.327 -2.132  -14.817 1.00 34.56 ? 61  ASP B CA  1 
ATOM   993  C C   . ASP B 1 77  ? -10.850 -2.463  -15.011 1.00 38.07 ? 61  ASP B C   1 
ATOM   994  O O   . ASP B 1 77  ? -10.360 -2.470  -16.144 1.00 42.40 ? 61  ASP B O   1 
ATOM   995  C CB  . ASP B 1 77  ? -12.489 -0.672  -14.379 1.00 32.56 ? 61  ASP B CB  1 
ATOM   996  C CG  . ASP B 1 77  ? -11.523 0.266   -15.090 1.00 34.54 ? 61  ASP B CG  1 
ATOM   997  O OD1 . ASP B 1 77  ? -10.333 0.374   -14.682 1.00 34.16 ? 61  ASP B OD1 1 
ATOM   998  O OD2 . ASP B 1 77  ? -11.939 0.914   -16.062 1.00 36.39 ? 61  ASP B OD2 1 
ATOM   999  N N   . GLY B 1 78  ? -10.144 -2.706  -13.907 1.00 35.01 ? 62  GLY B N   1 
ATOM   1000 C CA  . GLY B 1 78  ? -8.771  -3.224  -13.941 1.00 33.47 ? 62  GLY B CA  1 
ATOM   1001 C C   . GLY B 1 78  ? -7.692  -2.171  -14.179 1.00 32.17 ? 62  GLY B C   1 
ATOM   1002 O O   . GLY B 1 78  ? -6.518  -2.496  -14.481 1.00 29.22 ? 62  GLY B O   1 
ATOM   1003 N N   . THR B 1 79  ? -8.065  -0.907  -14.061 1.00 30.88 ? 63  THR B N   1 
ATOM   1004 C CA  . THR B 1 79  ? -7.076  0.146   -14.272 1.00 32.76 ? 63  THR B CA  1 
ATOM   1005 C C   . THR B 1 79  ? -6.189  0.203   -13.071 1.00 31.11 ? 63  THR B C   1 
ATOM   1006 O O   . THR B 1 79  ? -4.994  0.255   -13.262 1.00 30.99 ? 63  THR B O   1 
ATOM   1007 C CB  . THR B 1 79  ? -7.674  1.550   -14.555 1.00 32.65 ? 63  THR B CB  1 
ATOM   1008 O OG1 . THR B 1 79  ? -8.264  1.534   -15.851 1.00 32.17 ? 63  THR B OG1 1 
ATOM   1009 C CG2 . THR B 1 79  ? -6.569  2.629   -14.529 1.00 32.84 ? 63  THR B CG2 1 
ATOM   1010 N N   . VAL B 1 80  ? -6.779  0.220   -11.860 1.00 29.99 ? 64  VAL B N   1 
ATOM   1011 C CA  . VAL B 1 80  ? -6.001  0.450   -10.624 1.00 28.32 ? 64  VAL B CA  1 
ATOM   1012 C C   . VAL B 1 80  ? -5.658  -0.865  -9.985  1.00 29.50 ? 64  VAL B C   1 
ATOM   1013 O O   . VAL B 1 80  ? -6.242  -1.888  -10.272 1.00 25.73 ? 64  VAL B O   1 
ATOM   1014 C CB  . VAL B 1 80  ? -6.715  1.371   -9.561  1.00 27.82 ? 64  VAL B CB  1 
ATOM   1015 C CG1 . VAL B 1 80  ? -6.920  2.785   -10.079 1.00 29.27 ? 64  VAL B CG1 1 
ATOM   1016 C CG2 . VAL B 1 80  ? -8.018  0.789   -9.031  1.00 27.26 ? 64  VAL B CG2 1 
ATOM   1017 N N   . ALA B 1 81  ? -4.703  -0.802  -9.068  1.00 34.83 ? 65  ALA B N   1 
ATOM   1018 C CA  . ALA B 1 81  ? -4.166  -1.959  -8.402  1.00 33.17 ? 65  ALA B CA  1 
ATOM   1019 C C   . ALA B 1 81  ? -3.610  -1.554  -7.037  1.00 34.56 ? 65  ALA B C   1 
ATOM   1020 O O   . ALA B 1 81  ? -3.302  -0.365  -6.815  1.00 34.26 ? 65  ALA B O   1 
ATOM   1021 C CB  . ALA B 1 81  ? -3.044  -2.514  -9.255  1.00 35.41 ? 65  ALA B CB  1 
ATOM   1022 N N   . ALA B 1 82  ? -3.505  -2.559  -6.150  1.00 30.07 ? 66  ALA B N   1 
ATOM   1023 C CA  . ALA B 1 82  ? -2.669  -2.543  -4.945  1.00 28.22 ? 66  ALA B CA  1 
ATOM   1024 C C   . ALA B 1 82  ? -1.377  -1.812  -5.158  1.00 26.38 ? 66  ALA B C   1 
ATOM   1025 O O   . ALA B 1 82  ? -0.653  -2.166  -6.057  1.00 29.57 ? 66  ALA B O   1 
ATOM   1026 C CB  . ALA B 1 82  ? -2.368  -3.978  -4.480  1.00 25.45 ? 66  ALA B CB  1 
ATOM   1027 N N   . GLY B 1 83  ? -1.116  -0.787  -4.349  1.00 24.97 ? 67  GLY B N   1 
ATOM   1028 C CA  . GLY B 1 83  ? 0.119   0.003   -4.446  1.00 24.25 ? 67  GLY B CA  1 
ATOM   1029 C C   . GLY B 1 83  ? 0.016   1.327   -5.201  1.00 24.16 ? 67  GLY B C   1 
ATOM   1030 O O   . GLY B 1 83  ? 0.917   2.185   -5.091  1.00 25.97 ? 67  GLY B O   1 
ATOM   1031 N N   . ASP B 1 84  ? -1.059  1.534   -5.948  1.00 23.46 ? 68  ASP B N   1 
ATOM   1032 C CA  . ASP B 1 84  ? -1.204  2.785   -6.667  1.00 26.45 ? 68  ASP B CA  1 
ATOM   1033 C C   . ASP B 1 84  ? -1.640  3.917   -5.732  1.00 28.11 ? 68  ASP B C   1 
ATOM   1034 O O   . ASP B 1 84  ? -2.391  3.696   -4.787  1.00 26.82 ? 68  ASP B O   1 
ATOM   1035 C CB  . ASP B 1 84  ? -2.171  2.654   -7.864  1.00 26.80 ? 68  ASP B CB  1 
ATOM   1036 C CG  . ASP B 1 84  ? -1.755  1.568   -8.841  1.00 25.24 ? 68  ASP B CG  1 
ATOM   1037 O OD1 . ASP B 1 84  ? -0.516  1.379   -9.021  1.00 23.99 ? 68  ASP B OD1 1 
ATOM   1038 O OD2 . ASP B 1 84  ? -2.666  0.891   -9.381  1.00 25.72 ? 68  ASP B OD2 1 
ATOM   1039 N N   . GLU B 1 85  ? -1.175  5.125   -6.052  1.00 27.33 ? 69  GLU B N   1 
ATOM   1040 C CA  . GLU B 1 85  ? -1.338  6.272   -5.228  1.00 28.77 ? 69  GLU B CA  1 
ATOM   1041 C C   . GLU B 1 85  ? -2.580  6.994   -5.696  1.00 31.00 ? 69  GLU B C   1 
ATOM   1042 O O   . GLU B 1 85  ? -2.865  7.004   -6.890  1.00 31.32 ? 69  GLU B O   1 
ATOM   1043 C CB  . GLU B 1 85  ? -0.130  7.187   -5.387  1.00 30.75 ? 69  GLU B CB  1 
ATOM   1044 C CG  . GLU B 1 85  ? 0.088   8.146   -4.233  1.00 30.70 ? 69  GLU B CG  1 
ATOM   1045 C CD  . GLU B 1 85  ? 0.851   9.365   -4.647  1.00 32.39 ? 69  GLU B CD  1 
ATOM   1046 O OE1 . GLU B 1 85  ? 1.663   9.191   -5.571  1.00 30.70 ? 69  GLU B OE1 1 
ATOM   1047 O OE2 . GLU B 1 85  ? 0.614   10.488  -4.084  1.00 34.76 ? 69  GLU B OE2 1 
ATOM   1048 N N   . ILE B 1 86  ? -3.301  7.610   -4.755  1.00 31.83 ? 70  ILE B N   1 
ATOM   1049 C CA  . ILE B 1 86  ? -4.498  8.389   -5.036  1.00 30.28 ? 70  ILE B CA  1 
ATOM   1050 C C   . ILE B 1 86  ? -4.108  9.844   -4.963  1.00 29.20 ? 70  ILE B C   1 
ATOM   1051 O O   . ILE B 1 86  ? -3.686  10.311  -3.930  1.00 23.54 ? 70  ILE B O   1 
ATOM   1052 C CB  . ILE B 1 86  ? -5.593  8.068   -4.007  1.00 35.08 ? 70  ILE B CB  1 
ATOM   1053 C CG1 . ILE B 1 86  ? -6.066  6.634   -4.232  1.00 39.11 ? 70  ILE B CG1 1 
ATOM   1054 C CG2 . ILE B 1 86  ? -6.791  9.022   -4.079  1.00 33.89 ? 70  ILE B CG2 1 
ATOM   1055 C CD1 . ILE B 1 86  ? -6.602  5.991   -2.973  1.00 42.23 ? 70  ILE B CD1 1 
ATOM   1056 N N   . THR B 1 87  ? -4.252  10.553  -6.081  1.00 31.57 ? 71  THR B N   1 
ATOM   1057 C CA  . THR B 1 87  ? -3.906  11.983  -6.168  1.00 32.80 ? 71  THR B CA  1 
ATOM   1058 C C   . THR B 1 87  ? -5.149  12.877  -6.144  1.00 36.05 ? 71  THR B C   1 
ATOM   1059 O O   . THR B 1 87  ? -5.034  14.095  -5.934  1.00 40.39 ? 71  THR B O   1 
ATOM   1060 C CB  . THR B 1 87  ? -3.089  12.284  -7.472  1.00 34.18 ? 71  THR B CB  1 
ATOM   1061 O OG1 . THR B 1 87  ? -3.740  11.766  -8.636  1.00 33.49 ? 71  THR B OG1 1 
ATOM   1062 C CG2 . THR B 1 87  ? -1.727  11.594  -7.422  1.00 35.86 ? 71  THR B CG2 1 
ATOM   1063 N N   . GLY B 1 88  ? -6.338  12.297  -6.369  1.00 33.64 ? 72  GLY B N   1 
ATOM   1064 C CA  . GLY B 1 88  ? -7.536  13.130  -6.563  1.00 31.61 ? 72  GLY B CA  1 
ATOM   1065 C C   . GLY B 1 88  ? -8.853  12.387  -6.613  1.00 29.30 ? 72  GLY B C   1 
ATOM   1066 O O   . GLY B 1 88  ? -8.880  11.232  -6.977  1.00 29.97 ? 72  GLY B O   1 
ATOM   1067 N N   . VAL B 1 89  ? -9.936  13.063  -6.249  1.00 29.24 ? 73  VAL B N   1 
ATOM   1068 C CA  . VAL B 1 89  ? -11.305 12.536  -6.431  1.00 32.41 ? 73  VAL B CA  1 
ATOM   1069 C C   . VAL B 1 89  ? -12.159 13.577  -7.142  1.00 31.76 ? 73  VAL B C   1 
ATOM   1070 O O   . VAL B 1 89  ? -12.277 14.681  -6.625  1.00 33.01 ? 73  VAL B O   1 
ATOM   1071 C CB  . VAL B 1 89  ? -11.899 12.214  -5.049  1.00 34.07 ? 73  VAL B CB  1 
ATOM   1072 C CG1 . VAL B 1 89  ? -13.405 12.336  -4.997  1.00 35.78 ? 73  VAL B CG1 1 
ATOM   1073 C CG2 . VAL B 1 89  ? -11.415 10.856  -4.552  1.00 35.39 ? 73  VAL B CG2 1 
ATOM   1074 N N   . ASN B 1 90  ? -12.787 13.204  -8.271  1.00 32.83 ? 74  ASN B N   1 
ATOM   1075 C CA  . ASN B 1 90  ? -13.664 14.088  -9.096  1.00 32.25 ? 74  ASN B CA  1 
ATOM   1076 C C   . ASN B 1 90  ? -13.054 15.490  -9.250  1.00 30.53 ? 74  ASN B C   1 
ATOM   1077 O O   . ASN B 1 90  ? -13.675 16.480  -8.959  1.00 26.93 ? 74  ASN B O   1 
ATOM   1078 C CB  . ASN B 1 90  ? -15.116 14.156  -8.535  1.00 31.91 ? 74  ASN B CB  1 
ATOM   1079 C CG  . ASN B 1 90  ? -16.044 13.101  -9.162  1.00 34.46 ? 74  ASN B CG  1 
ATOM   1080 O OD1 . ASN B 1 90  ? -15.615 11.986  -9.482  1.00 35.96 ? 74  ASN B OD1 1 
ATOM   1081 N ND2 . ASN B 1 90  ? -17.299 13.451  -9.357  1.00 28.02 ? 74  ASN B ND2 1 
ATOM   1082 N N   . GLY B 1 91  ? -11.779 15.537  -9.599  1.00 28.46 ? 75  GLY B N   1 
ATOM   1083 C CA  . GLY B 1 91  ? -11.126 16.785  -9.974  1.00 30.01 ? 75  GLY B CA  1 
ATOM   1084 C C   . GLY B 1 91  ? -10.611 17.636  -8.835  1.00 29.79 ? 75  GLY B C   1 
ATOM   1085 O O   . GLY B 1 91  ? -10.273 18.815  -9.058  1.00 24.87 ? 75  GLY B O   1 
ATOM   1086 N N   . ARG B 1 92  ? -10.563 17.038  -7.636  1.00 32.90 ? 76  ARG B N   1 
ATOM   1087 C CA  . ARG B 1 92  ? -10.124 17.679  -6.392  1.00 33.93 ? 76  ARG B CA  1 
ATOM   1088 C C   . ARG B 1 92  ? -8.958  16.905  -5.728  1.00 32.69 ? 76  ARG B C   1 
ATOM   1089 O O   . ARG B 1 92  ? -9.008  15.696  -5.593  1.00 33.46 ? 76  ARG B O   1 
ATOM   1090 C CB  . ARG B 1 92  ? -11.304 17.822  -5.451  1.00 36.07 ? 76  ARG B CB  1 
ATOM   1091 C CG  . ARG B 1 92  ? -12.066 19.123  -5.699  1.00 45.20 ? 76  ARG B CG  1 
ATOM   1092 C CD  . ARG B 1 92  ? -13.570 19.063  -5.426  1.00 46.83 ? 76  ARG B CD  1 
ATOM   1093 N NE  . ARG B 1 92  ? -14.089 20.363  -4.965  1.00 52.09 ? 76  ARG B NE  1 
ATOM   1094 C CZ  . ARG B 1 92  ? -15.340 20.622  -4.525  1.00 53.65 ? 76  ARG B CZ  1 
ATOM   1095 N NH1 . ARG B 1 92  ? -15.643 21.854  -4.104  1.00 50.53 ? 76  ARG B NH1 1 
ATOM   1096 N NH2 . ARG B 1 92  ? -16.296 19.690  -4.494  1.00 49.73 ? 76  ARG B NH2 1 
ATOM   1097 N N   . SER B 1 93  ? -7.917  17.629  -5.319  1.00 30.80 ? 77  SER B N   1 
ATOM   1098 C CA  . SER B 1 93  ? -6.803  17.060  -4.631  1.00 31.33 ? 77  SER B CA  1 
ATOM   1099 C C   . SER B 1 93  ? -7.277  16.333  -3.429  1.00 35.61 ? 77  SER B C   1 
ATOM   1100 O O   . SER B 1 93  ? -8.381  16.650  -2.929  1.00 29.58 ? 77  SER B O   1 
ATOM   1101 C CB  . SER B 1 93  ? -5.869  18.142  -4.133  1.00 33.99 ? 77  SER B CB  1 
ATOM   1102 O OG  . SER B 1 93  ? -4.684  17.567  -3.586  1.00 33.91 ? 77  SER B OG  1 
ATOM   1103 N N   . ILE B 1 94  ? -6.428  15.390  -2.972  1.00 35.10 ? 78  ILE B N   1 
ATOM   1104 C CA  . ILE B 1 94  ? -6.535  14.778  -1.638  1.00 35.86 ? 78  ILE B CA  1 
ATOM   1105 C C   . ILE B 1 94  ? -5.464  15.277  -0.639  1.00 36.64 ? 78  ILE B C   1 
ATOM   1106 O O   . ILE B 1 94  ? -5.414  14.848  0.540   1.00 34.91 ? 78  ILE B O   1 
ATOM   1107 C CB  . ILE B 1 94  ? -6.541  13.204  -1.725  1.00 37.95 ? 78  ILE B CB  1 
ATOM   1108 C CG1 . ILE B 1 94  ? -5.297  12.587  -2.416  1.00 38.39 ? 78  ILE B CG1 1 
ATOM   1109 C CG2 . ILE B 1 94  ? -7.750  12.714  -2.516  1.00 33.85 ? 78  ILE B CG2 1 
ATOM   1110 C CD1 . ILE B 1 94  ? -3.917  13.066  -2.021  1.00 34.71 ? 78  ILE B CD1 1 
ATOM   1111 N N   . LYS B 1 95  ? -4.617  16.190  -1.112  1.00 42.25 ? 79  LYS B N   1 
ATOM   1112 C CA  . LYS B 1 95  ? -3.450  16.683  -0.373  1.00 45.95 ? 79  LYS B CA  1 
ATOM   1113 C C   . LYS B 1 95  ? -3.815  17.087  1.046   1.00 48.73 ? 79  LYS B C   1 
ATOM   1114 O O   . LYS B 1 95  ? -4.639  17.995  1.258   1.00 44.78 ? 79  LYS B O   1 
ATOM   1115 C CB  . LYS B 1 95  ? -2.781  17.866  -1.108  1.00 51.78 ? 79  LYS B CB  1 
ATOM   1116 C CG  . LYS B 1 95  ? -1.593  18.511  -0.387  1.00 51.73 ? 79  LYS B CG  1 
ATOM   1117 C CD  . LYS B 1 95  ? -0.547  19.034  -1.364  1.00 55.53 ? 79  LYS B CD  1 
ATOM   1118 C CE  . LYS B 1 95  ? 0.618   19.721  -0.657  1.00 59.05 ? 79  LYS B CE  1 
ATOM   1119 N NZ  . LYS B 1 95  ? 0.239   21.111  -0.252  1.00 64.16 ? 79  LYS B NZ  1 
ATOM   1120 N N   . GLY B 1 96  ? -3.207  16.373  2.001   1.00 49.65 ? 80  GLY B N   1 
ATOM   1121 C CA  . GLY B 1 96  ? -3.284  16.699  3.416   1.00 47.73 ? 80  GLY B CA  1 
ATOM   1122 C C   . GLY B 1 96  ? -4.495  16.090  4.072   1.00 46.98 ? 80  GLY B C   1 
ATOM   1123 O O   . GLY B 1 96  ? -4.797  16.412  5.201   1.00 50.10 ? 80  GLY B O   1 
ATOM   1124 N N   . LYS B 1 97  ? -5.184  15.185  3.397   1.00 45.98 ? 81  LYS B N   1 
ATOM   1125 C CA  . LYS B 1 97  ? -6.368  14.590  4.003   1.00 46.72 ? 81  LYS B CA  1 
ATOM   1126 C C   . LYS B 1 97  ? -6.129  13.210  4.557   1.00 40.20 ? 81  LYS B C   1 
ATOM   1127 O O   . LYS B 1 97  ? -5.197  12.572  4.191   1.00 39.34 ? 81  LYS B O   1 
ATOM   1128 C CB  . LYS B 1 97  ? -7.515  14.650  3.031   1.00 49.01 ? 81  LYS B CB  1 
ATOM   1129 C CG  . LYS B 1 97  ? -7.719  16.105  2.669   1.00 52.97 ? 81  LYS B CG  1 
ATOM   1130 C CD  . LYS B 1 97  ? -9.110  16.410  2.208   1.00 57.70 ? 81  LYS B CD  1 
ATOM   1131 C CE  . LYS B 1 97  ? -9.443  17.856  2.459   1.00 56.10 ? 81  LYS B CE  1 
ATOM   1132 N NZ  . LYS B 1 97  ? -10.697 18.141  1.741   1.00 57.63 ? 81  LYS B NZ  1 
ATOM   1133 N N   . THR B 1 98  ? -6.950  12.817  5.516   1.00 40.40 ? 82  THR B N   1 
ATOM   1134 C CA  . THR B 1 98  ? -6.858  11.522  6.146   1.00 36.51 ? 82  THR B CA  1 
ATOM   1135 C C   . THR B 1 98  ? -7.559  10.554  5.244   1.00 37.54 ? 82  THR B C   1 
ATOM   1136 O O   . THR B 1 98  ? -8.315  10.957  4.353   1.00 39.98 ? 82  THR B O   1 
ATOM   1137 C CB  . THR B 1 98  ? -7.585  11.465  7.489   1.00 35.65 ? 82  THR B CB  1 
ATOM   1138 O OG1 . THR B 1 98  ? -8.993  11.405  7.261   1.00 29.03 ? 82  THR B OG1 1 
ATOM   1139 C CG2 . THR B 1 98  ? -7.176  12.645  8.415   1.00 31.78 ? 82  THR B CG2 1 
ATOM   1140 N N   . LYS B 1 99  ? -7.282  9.278   5.448   1.00 38.44 ? 83  LYS B N   1 
ATOM   1141 C CA  . LYS B 1 99  ? -7.966  8.243   4.662   1.00 43.48 ? 83  LYS B CA  1 
ATOM   1142 C C   . LYS B 1 99  ? -9.493  8.268   4.834   1.00 43.12 ? 83  LYS B C   1 
ATOM   1143 O O   . LYS B 1 99  ? -10.201 7.867   3.924   1.00 42.03 ? 83  LYS B O   1 
ATOM   1144 C CB  . LYS B 1 99  ? -7.400  6.835   4.930   1.00 44.75 ? 83  LYS B CB  1 
ATOM   1145 C CG  . LYS B 1 99  ? -7.385  6.381   6.399   1.00 48.79 ? 83  LYS B CG  1 
ATOM   1146 C CD  . LYS B 1 99  ? -6.217  5.450   6.717   1.00 47.98 ? 83  LYS B CD  1 
ATOM   1147 C CE  . LYS B 1 99  ? -5.751  5.535   8.150   1.00 50.71 ? 83  LYS B CE  1 
ATOM   1148 N NZ  . LYS B 1 99  ? -6.809  5.078   9.091   1.00 51.60 ? 83  LYS B NZ  1 
ATOM   1149 N N   . VAL B 1 100 ? -9.976  8.746   5.986   1.00 41.75 ? 84  VAL B N   1 
ATOM   1150 C CA  . VAL B 1 100 ? -11.408 8.851   6.285   1.00 40.17 ? 84  VAL B CA  1 
ATOM   1151 C C   . VAL B 1 100 ? -11.998 9.967   5.474   1.00 40.56 ? 84  VAL B C   1 
ATOM   1152 O O   . VAL B 1 100 ? -13.047 9.799   4.850   1.00 42.59 ? 84  VAL B O   1 
ATOM   1153 C CB  . VAL B 1 100 ? -11.664 9.032   7.829   1.00 40.04 ? 84  VAL B CB  1 
ATOM   1154 C CG1 . VAL B 1 100 ? -13.065 9.555   8.164   1.00 41.39 ? 84  VAL B CG1 1 
ATOM   1155 C CG2 . VAL B 1 100 ? -11.432 7.696   8.492   1.00 38.07 ? 84  VAL B CG2 1 
ATOM   1156 N N   . GLU B 1 101 ? -11.318 11.104  5.467   1.00 42.40 ? 85  GLU B N   1 
ATOM   1157 C CA  . GLU B 1 101 ? -11.808 12.257  4.722   1.00 44.26 ? 85  GLU B CA  1 
ATOM   1158 C C   . GLU B 1 101 ? -11.927 11.964  3.204   1.00 42.21 ? 85  GLU B C   1 
ATOM   1159 O O   . GLU B 1 101 ? -12.855 12.448  2.538   1.00 42.08 ? 85  GLU B O   1 
ATOM   1160 C CB  . GLU B 1 101 ? -10.900 13.460  4.960   1.00 47.16 ? 85  GLU B CB  1 
ATOM   1161 C CG  . GLU B 1 101 ? -11.086 14.154  6.306   1.00 49.74 ? 85  GLU B CG  1 
ATOM   1162 C CD  . GLU B 1 101 ? -10.057 15.262  6.542   1.00 53.48 ? 85  GLU B CD  1 
ATOM   1163 O OE1 . GLU B 1 101 ? -10.440 16.339  7.029   1.00 53.01 ? 85  GLU B OE1 1 
ATOM   1164 O OE2 . GLU B 1 101 ? -8.856  15.072  6.217   1.00 52.49 ? 85  GLU B OE2 1 
ATOM   1165 N N   . VAL B 1 102 ? -10.967 11.193  2.689   1.00 38.99 ? 86  VAL B N   1 
ATOM   1166 C CA  . VAL B 1 102 ? -10.941 10.734  1.287   1.00 37.83 ? 86  VAL B CA  1 
ATOM   1167 C C   . VAL B 1 102 ? -11.981 9.627   1.063   1.00 37.95 ? 86  VAL B C   1 
ATOM   1168 O O   . VAL B 1 102 ? -12.627 9.607   0.030   1.00 35.65 ? 86  VAL B O   1 
ATOM   1169 C CB  . VAL B 1 102 ? -9.527  10.268  0.872   1.00 36.79 ? 86  VAL B CB  1 
ATOM   1170 C CG1 . VAL B 1 102 ? -9.533  9.510   -0.452  1.00 37.94 ? 86  VAL B CG1 1 
ATOM   1171 C CG2 . VAL B 1 102 ? -8.569  11.438  0.792   1.00 35.19 ? 86  VAL B CG2 1 
ATOM   1172 N N   . ALA B 1 103 ? -12.168 8.751   2.048   1.00 36.83 ? 87  ALA B N   1 
ATOM   1173 C CA  . ALA B 1 103 ? -13.274 7.805   2.029   1.00 39.03 ? 87  ALA B CA  1 
ATOM   1174 C C   . ALA B 1 103 ? -14.665 8.494   1.949   1.00 43.19 ? 87  ALA B C   1 
ATOM   1175 O O   . ALA B 1 103 ? -15.578 7.959   1.327   1.00 44.87 ? 87  ALA B O   1 
ATOM   1176 C CB  . ALA B 1 103 ? -13.196 6.875   3.228   1.00 36.05 ? 87  ALA B CB  1 
ATOM   1177 N N   . LYS B 1 104 ? -14.793 9.674   2.560   1.00 45.06 ? 88  LYS B N   1 
ATOM   1178 C CA  . LYS B 1 104 ? -16.024 10.448  2.581   1.00 47.70 ? 88  LYS B CA  1 
ATOM   1179 C C   . LYS B 1 104 ? -16.199 11.131  1.239   1.00 47.03 ? 88  LYS B C   1 
ATOM   1180 O O   . LYS B 1 104 ? -17.261 11.068  0.607   1.00 46.96 ? 88  LYS B O   1 
ATOM   1181 C CB  . LYS B 1 104 ? -15.952 11.484  3.712   1.00 59.45 ? 88  LYS B CB  1 
ATOM   1182 C CG  . LYS B 1 104 ? -17.163 12.383  3.940   1.00 68.47 ? 88  LYS B CG  1 
ATOM   1183 C CD  . LYS B 1 104 ? -18.447 11.601  4.162   1.00 74.16 ? 88  LYS B CD  1 
ATOM   1184 C CE  . LYS B 1 104 ? -19.595 12.521  4.560   1.00 76.80 ? 88  LYS B CE  1 
ATOM   1185 N NZ  . LYS B 1 104 ? -20.906 11.827  4.368   1.00 77.70 ? 88  LYS B NZ  1 
ATOM   1186 N N   . MET B 1 105 ? -15.140 11.763  0.776   1.00 42.55 ? 89  MET B N   1 
ATOM   1187 C CA  . MET B 1 105 ? -15.130 12.294  -0.573  1.00 41.67 ? 89  MET B CA  1 
ATOM   1188 C C   . MET B 1 105 ? -15.635 11.294  -1.634  1.00 46.12 ? 89  MET B C   1 
ATOM   1189 O O   . MET B 1 105 ? -16.234 11.676  -2.633  1.00 44.83 ? 89  MET B O   1 
ATOM   1190 C CB  . MET B 1 105 ? -13.717 12.684  -0.936  1.00 41.41 ? 89  MET B CB  1 
ATOM   1191 C CG  . MET B 1 105 ? -13.326 14.084  -0.551  1.00 41.11 ? 89  MET B CG  1 
ATOM   1192 S SD  . MET B 1 105 ? -11.636 14.255  -1.165  1.00 44.98 ? 89  MET B SD  1 
ATOM   1193 C CE  . MET B 1 105 ? -10.847 14.418  0.428   1.00 44.91 ? 89  MET B CE  1 
ATOM   1194 N N   . ILE B 1 106 ? -15.369 10.012  -1.438  1.00 45.93 ? 90  ILE B N   1 
ATOM   1195 C CA  . ILE B 1 106 ? -15.822 9.018   -2.377  1.00 45.15 ? 90  ILE B CA  1 
ATOM   1196 C C   . ILE B 1 106 ? -17.261 8.567   -2.105  1.00 45.12 ? 90  ILE B C   1 
ATOM   1197 O O   . ILE B 1 106 ? -17.989 8.288   -3.048  1.00 43.56 ? 90  ILE B O   1 
ATOM   1198 C CB  . ILE B 1 106 ? -14.819 7.841   -2.475  1.00 44.73 ? 90  ILE B CB  1 
ATOM   1199 C CG1 . ILE B 1 106 ? -13.502 8.331   -3.096  1.00 45.71 ? 90  ILE B CG1 1 
ATOM   1200 C CG2 . ILE B 1 106 ? -15.343 6.718   -3.357  1.00 43.02 ? 90  ILE B CG2 1 
ATOM   1201 C CD1 . ILE B 1 106 ? -12.329 7.376   -2.926  1.00 45.18 ? 90  ILE B CD1 1 
ATOM   1202 N N   . GLN B 1 107 ? -17.674 8.466   -0.848  1.00 46.05 ? 91  GLN B N   1 
ATOM   1203 C CA  . GLN B 1 107 ? -19.047 8.026   -0.550  1.00 49.08 ? 91  GLN B CA  1 
ATOM   1204 C C   . GLN B 1 107 ? -20.011 9.034   -1.118  1.00 45.42 ? 91  GLN B C   1 
ATOM   1205 O O   . GLN B 1 107 ? -20.939 8.677   -1.821  1.00 45.79 ? 91  GLN B O   1 
ATOM   1206 C CB  . GLN B 1 107 ? -19.301 7.908   0.958   1.00 57.51 ? 91  GLN B CB  1 
ATOM   1207 C CG  . GLN B 1 107 ? -18.912 6.562   1.533   1.00 67.26 ? 91  GLN B CG  1 
ATOM   1208 C CD  . GLN B 1 107 ? -18.440 6.604   2.993   1.00 76.25 ? 91  GLN B CD  1 
ATOM   1209 O OE1 . GLN B 1 107 ? -18.879 7.445   3.783   1.00 80.66 ? 91  GLN B OE1 1 
ATOM   1210 N NE2 . GLN B 1 107 ? -17.534 5.685   3.353   1.00 70.12 ? 91  GLN B NE2 1 
ATOM   1211 N N   . GLU B 1 108 ? -19.778 10.294  -0.772  1.00 41.42 ? 92  GLU B N   1 
ATOM   1212 C CA  . GLU B 1 108 ? -20.615 11.397  -1.199  1.00 43.88 ? 92  GLU B CA  1 
ATOM   1213 C C   . GLU B 1 108 ? -20.863 11.465  -2.713  1.00 40.91 ? 92  GLU B C   1 
ATOM   1214 O O   . GLU B 1 108 ? -21.925 11.841  -3.130  1.00 42.36 ? 92  GLU B O   1 
ATOM   1215 C CB  . GLU B 1 108 ? -20.009 12.712  -0.763  1.00 47.43 ? 92  GLU B CB  1 
ATOM   1216 C CG  . GLU B 1 108 ? -20.378 13.196  0.633   1.00 51.46 ? 92  GLU B CG  1 
ATOM   1217 C CD  . GLU B 1 108 ? -19.811 14.599  0.872   1.00 57.55 ? 92  GLU B CD  1 
ATOM   1218 O OE1 . GLU B 1 108 ? -19.130 15.133  -0.041  1.00 54.96 ? 92  GLU B OE1 1 
ATOM   1219 O OE2 . GLU B 1 108 ? -20.020 15.164  1.962   1.00 60.16 ? 92  GLU B OE2 1 
ATOM   1220 N N   . VAL B 1 109 ? -19.887 11.115  -3.526  1.00 42.87 ? 93  VAL B N   1 
ATOM   1221 C CA  . VAL B 1 109 ? -20.126 10.958  -4.949  1.00 41.41 ? 93  VAL B CA  1 
ATOM   1222 C C   . VAL B 1 109 ? -21.018 9.706   -5.178  1.00 40.88 ? 93  VAL B C   1 
ATOM   1223 O O   . VAL B 1 109 ? -20.734 8.616   -4.643  1.00 39.42 ? 93  VAL B O   1 
ATOM   1224 C CB  . VAL B 1 109 ? -18.783 10.945  -5.721  1.00 43.59 ? 93  VAL B CB  1 
ATOM   1225 C CG1 . VAL B 1 109 ? -18.984 10.595  -7.185  1.00 43.23 ? 93  VAL B CG1 1 
ATOM   1226 C CG2 . VAL B 1 109 ? -18.120 12.311  -5.636  1.00 43.41 ? 93  VAL B CG2 1 
ATOM   1227 N N   . LYS B 1 110 ? -22.123 9.881   -5.921  1.00 39.54 ? 94  LYS B N   1 
ATOM   1228 C CA  . LYS B 1 110 ? -23.029 8.770   -6.279  1.00 40.02 ? 94  LYS B CA  1 
ATOM   1229 C C   . LYS B 1 110 ? -22.985 8.422   -7.743  1.00 38.75 ? 94  LYS B C   1 
ATOM   1230 O O   . LYS B 1 110 ? -22.601 9.247   -8.592  1.00 44.37 ? 94  LYS B O   1 
ATOM   1231 C CB  . LYS B 1 110 ? -24.474 9.078   -5.917  1.00 44.89 ? 94  LYS B CB  1 
ATOM   1232 C CG  . LYS B 1 110 ? -24.656 9.573   -4.498  1.00 49.18 ? 94  LYS B CG  1 
ATOM   1233 C CD  . LYS B 1 110 ? -23.993 8.676   -3.445  1.00 51.16 ? 94  LYS B CD  1 
ATOM   1234 C CE  . LYS B 1 110 ? -24.361 9.146   -2.046  1.00 49.99 ? 94  LYS B CE  1 
ATOM   1235 N NZ  . LYS B 1 110 ? -25.417 8.247   -1.554  1.00 56.49 ? 94  LYS B NZ  1 
ATOM   1236 N N   . GLY B 1 111 ? -23.324 7.168   -8.019  1.00 36.42 ? 95  GLY B N   1 
ATOM   1237 C CA  . GLY B 1 111 ? -23.444 6.655   -9.348  1.00 35.47 ? 95  GLY B CA  1 
ATOM   1238 C C   . GLY B 1 111 ? -22.115 6.312   -9.980  1.00 34.64 ? 95  GLY B C   1 
ATOM   1239 O O   . GLY B 1 111 ? -21.920 5.194   -10.401 1.00 32.06 ? 95  GLY B O   1 
ATOM   1240 N N   . GLU B 1 112 ? -21.226 7.302   -10.088 1.00 34.34 ? 96  GLU B N   1 
ATOM   1241 C CA  . GLU B 1 112 ? -19.883 7.110   -10.606 1.00 34.06 ? 96  GLU B CA  1 
ATOM   1242 C C   . GLU B 1 112 ? -18.942 8.094   -9.937  1.00 32.93 ? 96  GLU B C   1 
ATOM   1243 O O   . GLU B 1 112 ? -19.383 9.074   -9.350  1.00 30.35 ? 96  GLU B O   1 
ATOM   1244 C CB  . GLU B 1 112 ? -19.834 7.276   -12.137 1.00 35.66 ? 96  GLU B CB  1 
ATOM   1245 C CG  . GLU B 1 112 ? -20.008 8.724   -12.626 1.00 36.74 ? 96  GLU B CG  1 
ATOM   1246 C CD  . GLU B 1 112 ? -20.026 8.885   -14.132 1.00 40.31 ? 96  GLU B CD  1 
ATOM   1247 O OE1 . GLU B 1 112 ? -20.332 7.892   -14.846 1.00 43.37 ? 96  GLU B OE1 1 
ATOM   1248 O OE2 . GLU B 1 112 ? -19.731 10.022  -14.610 1.00 43.06 ? 96  GLU B OE2 1 
ATOM   1249 N N   . VAL B 1 113 ? -17.642 7.812   -10.069 1.00 31.86 ? 97  VAL B N   1 
ATOM   1250 C CA  . VAL B 1 113 ? -16.595 8.551   -9.367  1.00 28.14 ? 97  VAL B CA  1 
ATOM   1251 C C   . VAL B 1 113 ? -15.284 8.469   -10.201 1.00 30.20 ? 97  VAL B C   1 
ATOM   1252 O O   . VAL B 1 113 ? -14.976 7.426   -10.818 1.00 27.84 ? 97  VAL B O   1 
ATOM   1253 C CB  . VAL B 1 113 ? -16.495 8.065   -7.900  1.00 26.38 ? 97  VAL B CB  1 
ATOM   1254 C CG1 . VAL B 1 113 ? -15.860 6.697   -7.774  1.00 25.54 ? 97  VAL B CG1 1 
ATOM   1255 C CG2 . VAL B 1 113 ? -15.771 9.068   -7.026  1.00 28.49 ? 97  VAL B CG2 1 
ATOM   1256 N N   . THR B 1 114 ? -14.583 9.594   -10.329 1.00 28.21 ? 98  THR B N   1 
ATOM   1257 C CA  . THR B 1 114 ? -13.368 9.598   -11.078 1.00 29.43 ? 98  THR B CA  1 
ATOM   1258 C C   . THR B 1 114 ? -12.201 9.626   -10.097 1.00 31.16 ? 98  THR B C   1 
ATOM   1259 O O   . THR B 1 114 ? -11.980 10.614  -9.409  1.00 26.98 ? 98  THR B O   1 
ATOM   1260 C CB  . THR B 1 114 ? -13.317 10.697  -12.151 1.00 31.78 ? 98  THR B CB  1 
ATOM   1261 O OG1 . THR B 1 114 ? -14.248 10.370  -13.185 1.00 31.65 ? 98  THR B OG1 1 
ATOM   1262 C CG2 . THR B 1 114 ? -11.963 10.726  -12.808 1.00 34.42 ? 98  THR B CG2 1 
ATOM   1263 N N   . ILE B 1 115 ? -11.481 8.502   -10.035 1.00 30.67 ? 99  ILE B N   1 
ATOM   1264 C CA  . ILE B 1 115 ? -10.326 8.388   -9.172  1.00 32.87 ? 99  ILE B CA  1 
ATOM   1265 C C   . ILE B 1 115 ? -9.045  8.822   -9.915  1.00 32.10 ? 99  ILE B C   1 
ATOM   1266 O O   . ILE B 1 115 ? -8.597  8.114   -10.864 1.00 31.26 ? 99  ILE B O   1 
ATOM   1267 C CB  . ILE B 1 115 ? -10.150 6.921   -8.664  1.00 34.29 ? 99  ILE B CB  1 
ATOM   1268 C CG1 . ILE B 1 115 ? -11.408 6.419   -7.919  1.00 34.43 ? 99  ILE B CG1 1 
ATOM   1269 C CG2 . ILE B 1 115 ? -8.916  6.827   -7.779  1.00 31.26 ? 99  ILE B CG2 1 
ATOM   1270 C CD1 . ILE B 1 115 ? -11.862 7.296   -6.735  1.00 35.13 ? 99  ILE B CD1 1 
ATOM   1271 N N   . HIS B 1 116 ? -8.449  9.934   -9.465  1.00 28.01 ? 100 HIS B N   1 
ATOM   1272 C CA  . HIS B 1 116 ? -7.111  10.333  -9.957  1.00 32.47 ? 100 HIS B CA  1 
ATOM   1273 C C   . HIS B 1 116 ? -5.992  9.545   -9.205  1.00 32.33 ? 100 HIS B C   1 
ATOM   1274 O O   . HIS B 1 116 ? -5.979  9.491   -7.937  1.00 31.66 ? 100 HIS B O   1 
ATOM   1275 C CB  . HIS B 1 116 ? -6.885  11.857  -9.873  1.00 31.06 ? 100 HIS B CB  1 
ATOM   1276 C CG  . HIS B 1 116 ? -7.943  12.671  -10.573 1.00 37.16 ? 100 HIS B CG  1 
ATOM   1277 N ND1 . HIS B 1 116 ? -9.302  12.453  -10.409 1.00 40.04 ? 100 HIS B ND1 1 
ATOM   1278 C CD2 . HIS B 1 116 ? -7.835  13.713  -11.434 1.00 34.95 ? 100 HIS B CD2 1 
ATOM   1279 C CE1 . HIS B 1 116 ? -9.974  13.294  -11.175 1.00 34.11 ? 100 HIS B CE1 1 
ATOM   1280 N NE2 . HIS B 1 116 ? -9.108  14.089  -11.775 1.00 32.15 ? 100 HIS B NE2 1 
ATOM   1281 N N   . TYR B 1 117 ? -5.076  8.950   -9.982  1.00 31.76 ? 101 TYR B N   1 
ATOM   1282 C CA  . TYR B 1 117 ? -4.010  8.096   -9.461  1.00 31.09 ? 101 TYR B CA  1 
ATOM   1283 C C   . TYR B 1 117 ? -2.638  8.226   -10.175 1.00 30.25 ? 101 TYR B C   1 
ATOM   1284 O O   . TYR B 1 117 ? -2.454  8.894   -11.209 1.00 27.76 ? 101 TYR B O   1 
ATOM   1285 C CB  . TYR B 1 117 ? -4.482  6.626   -9.521  1.00 32.85 ? 101 TYR B CB  1 
ATOM   1286 C CG  . TYR B 1 117 ? -4.610  6.178   -10.958 1.00 33.38 ? 101 TYR B CG  1 
ATOM   1287 C CD1 . TYR B 1 117 ? -3.494  5.762   -11.685 1.00 33.14 ? 101 TYR B CD1 1 
ATOM   1288 C CD2 . TYR B 1 117 ? -5.839  6.248   -11.616 1.00 35.24 ? 101 TYR B CD2 1 
ATOM   1289 C CE1 . TYR B 1 117 ? -3.610  5.430   -13.020 1.00 33.57 ? 101 TYR B CE1 1 
ATOM   1290 C CE2 . TYR B 1 117 ? -5.959  5.899   -12.959 1.00 32.79 ? 101 TYR B CE2 1 
ATOM   1291 C CZ  . TYR B 1 117 ? -4.833  5.499   -13.625 1.00 33.28 ? 101 TYR B CZ  1 
ATOM   1292 O OH  . TYR B 1 117 ? -4.904  5.185   -14.908 1.00 42.85 ? 101 TYR B OH  1 
ATOM   1293 N N   . ASN B 1 118 ? -1.688  7.510   -9.594  1.00 31.28 ? 102 ASN B N   1 
ATOM   1294 C CA  . ASN B 1 118 ? -0.368  7.277   -10.136 1.00 33.72 ? 102 ASN B CA  1 
ATOM   1295 C C   . ASN B 1 118 ? -0.166  5.785   -10.097 1.00 31.59 ? 102 ASN B C   1 
ATOM   1296 O O   . ASN B 1 118 ? -0.199  5.199   -9.004  1.00 33.60 ? 102 ASN B O   1 
ATOM   1297 C CB  . ASN B 1 118 ? 0.724   7.896   -9.202  1.00 37.91 ? 102 ASN B CB  1 
ATOM   1298 C CG  . ASN B 1 118 ? 0.831   9.408   -9.289  1.00 36.77 ? 102 ASN B CG  1 
ATOM   1299 O OD1 . ASN B 1 118 ? 0.608   9.985   -10.334 1.00 35.48 ? 102 ASN B OD1 1 
ATOM   1300 N ND2 . ASN B 1 118 ? 1.203   10.052  -8.163  1.00 35.84 ? 102 ASN B ND2 1 
ATOM   1301 N N   . LYS B 1 119 ? 0.027   5.146   -11.238 1.00 32.23 ? 103 LYS B N   1 
ATOM   1302 C CA  . LYS B 1 119 ? 0.652   3.810   -11.233 1.00 34.56 ? 103 LYS B CA  1 
ATOM   1303 C C   . LYS B 1 119 ? 2.125   3.830   -10.737 1.00 37.20 ? 103 LYS B C   1 
ATOM   1304 O O   . LYS B 1 119 ? 2.950   4.637   -11.175 1.00 38.18 ? 103 LYS B O   1 
ATOM   1305 C CB  . LYS B 1 119 ? 0.583   3.162   -12.586 1.00 35.28 ? 103 LYS B CB  1 
ATOM   1306 C CG  . LYS B 1 119 ? -0.848  2.690   -12.920 1.00 42.58 ? 103 LYS B CG  1 
ATOM   1307 C CD  . LYS B 1 119 ? -0.805  1.369   -13.709 1.00 46.16 ? 103 LYS B CD  1 
ATOM   1308 C CE  . LYS B 1 119 ? -2.016  0.483   -13.492 1.00 43.33 ? 103 LYS B CE  1 
ATOM   1309 N NZ  . LYS B 1 119 ? -2.367  0.262   -12.062 1.00 39.52 ? 103 LYS B NZ  1 
ATOM   1310 N N   . LEU B 1 120 ? 2.443   2.916   -9.835  1.00 35.71 ? 104 LEU B N   1 
ATOM   1311 C CA  . LEU B 1 120 ? 3.709   2.957   -9.085  1.00 37.38 ? 104 LEU B CA  1 
ATOM   1312 C C   . LEU B 1 120 ? 4.386   1.602   -9.124  1.00 34.48 ? 104 LEU B C   1 
ATOM   1313 O O   . LEU B 1 120 ? 3.720   0.601   -9.282  1.00 31.42 ? 104 LEU B O   1 
ATOM   1314 C CB  . LEU B 1 120 ? 3.430   3.337   -7.620  1.00 35.70 ? 104 LEU B CB  1 
ATOM   1315 C CG  . LEU B 1 120 ? 2.984   4.778   -7.392  1.00 34.82 ? 104 LEU B CG  1 
ATOM   1316 C CD1 . LEU B 1 120 ? 2.897   5.083   -5.887  1.00 37.93 ? 104 LEU B CD1 1 
ATOM   1317 C CD2 . LEU B 1 120 ? 3.966   5.702   -8.064  1.00 32.96 ? 104 LEU B CD2 1 
ATOM   1318 N N   . GLN B 1 121 ? 5.710   1.607   -9.047  1.00 36.57 ? 105 GLN B N   1 
ATOM   1319 C CA  . GLN B 1 121 ? 6.516   0.380   -9.020  1.00 40.27 ? 105 GLN B CA  1 
ATOM   1320 C C   . GLN B 1 121 ? 6.693   -0.038  -7.584  1.00 34.81 ? 105 GLN B C   1 
ATOM   1321 O O   . GLN B 1 121 ? 6.712   0.786   -6.687  1.00 30.35 ? 105 GLN B O   1 
ATOM   1322 C CB  . GLN B 1 121 ? 7.933   0.616   -9.588  1.00 43.87 ? 105 GLN B CB  1 
ATOM   1323 C CG  . GLN B 1 121 ? 8.008   1.025   -11.060 1.00 54.36 ? 105 GLN B CG  1 
ATOM   1324 C CD  . GLN B 1 121 ? 7.086   0.207   -11.978 1.00 62.84 ? 105 GLN B CD  1 
ATOM   1325 O OE1 . GLN B 1 121 ? 7.240   -1.018  -12.137 1.00 63.72 ? 105 GLN B OE1 1 
ATOM   1326 N NE2 . GLN B 1 121 ? 6.117   0.888   -12.579 1.00 64.06 ? 105 GLN B NE2 1 
ATOM   1327 N N   . GLN B 1 122 ? 6.910   -1.318  -7.386  1.00 33.51 ? 106 GLN B N   1 
ATOM   1328 C CA  . GLN B 1 122 ? 7.353   -1.816  -6.098  1.00 32.45 ? 106 GLN B CA  1 
ATOM   1329 C C   . GLN B 1 122 ? 8.687   -2.565  -6.237  1.00 30.93 ? 106 GLN B C   1 
ATOM   1330 O O   . GLN B 1 122 ? 9.091   -2.881  -7.338  1.00 28.58 ? 106 GLN B O   1 
ATOM   1331 C CB  . GLN B 1 122 ? 6.237   -2.684  -5.476  1.00 30.58 ? 106 GLN B CB  1 
ATOM   1332 C CG  . GLN B 1 122 ? 5.005   -1.859  -5.016  1.00 28.03 ? 106 GLN B CG  1 
ATOM   1333 C CD  . GLN B 1 122 ? 4.030   -1.519  -6.154  1.00 28.59 ? 106 GLN B CD  1 
ATOM   1334 O OE1 . GLN B 1 122 ? 3.738   -2.382  -6.997  1.00 29.34 ? 106 GLN B OE1 1 
ATOM   1335 N NE2 . GLN B 1 122 ? 3.464   -0.287  -6.145  1.00 26.49 ? 106 GLN B NE2 1 
ATOM   1336 N N   . SER B 1 123 ? 9.375   -2.821  -5.123  1.00 30.27 ? 107 SER B N   1 
ATOM   1337 C CA  . SER B 1 123 ? 10.571  -3.676  -5.128  1.00 30.00 ? 107 SER B CA  1 
ATOM   1338 C C   . SER B 1 123 ? 10.315  -4.990  -4.452  1.00 30.70 ? 107 SER B C   1 
ATOM   1339 O O   . SER B 1 123 ? 10.026  -5.017  -3.274  1.00 27.03 ? 107 SER B O   1 
ATOM   1340 C CB  . SER B 1 123 ? 11.703  -2.982  -4.411  1.00 30.75 ? 107 SER B CB  1 
ATOM   1341 O OG  . SER B 1 123 ? 12.221  -2.007  -5.271  1.00 30.93 ? 107 SER B OG  1 
ATOM   1342 N N   . ALA B 1 124 ? 10.419  -6.071  -5.225  1.00 35.87 ? 108 ALA B N   1 
ATOM   1343 C CA  . ALA B 1 124 ? 10.080  -7.421  -4.760  1.00 38.72 ? 108 ALA B CA  1 
ATOM   1344 C C   . ALA B 1 124 ? 11.269  -8.066  -4.052  1.00 42.03 ? 108 ALA B C   1 
ATOM   1345 O O   . ALA B 1 124 ? 12.398  -7.900  -4.497  1.00 51.22 ? 108 ALA B O   1 
ATOM   1346 C CB  . ALA B 1 124 ? 9.600   -8.281  -5.920  1.00 36.52 ? 108 ALA B CB  1 
ATOM   1347 N N   . VAL B 1 125 ? 10.999  -8.815  -2.978  1.00 41.16 ? 109 VAL B N   1 
ATOM   1348 C CA  . VAL B 1 125 ? 11.987  -9.087  -1.916  1.00 39.28 ? 109 VAL B CA  1 
ATOM   1349 C C   . VAL B 1 125 ? 11.639  -10.350 -1.097  1.00 41.42 ? 109 VAL B C   1 
ATOM   1350 O O   . VAL B 1 125 ? 10.550  -10.957 -1.175  1.00 37.35 ? 109 VAL B O   1 
ATOM   1351 C CB  . VAL B 1 125 ? 12.086  -7.826  -0.994  1.00 42.22 ? 109 VAL B CB  1 
ATOM   1352 C CG1 . VAL B 1 125 ? 11.982  -8.124  0.491   1.00 41.79 ? 109 VAL B CG1 1 
ATOM   1353 C CG2 . VAL B 1 125 ? 13.315  -6.989  -1.289  1.00 41.04 ? 109 VAL B CG2 1 
ATOM   1354 O OXT . VAL B 1 125 ? 12.468  -10.807 -0.291  1.00 40.78 ? 109 VAL B OXT 1 
HETATM 1355 O O   . HOH C 2 .   ? 1.498   7.143   3.152   1.00 43.95 ? 201 HOH A O   1 
HETATM 1356 O O   . HOH C 2 .   ? 12.012  11.050  13.870  1.00 44.10 ? 202 HOH A O   1 
HETATM 1357 O O   . HOH C 2 .   ? 1.322   -12.891 6.297   1.00 40.15 ? 203 HOH A O   1 
HETATM 1358 O O   . HOH C 2 .   ? 11.476  -10.712 15.818  1.00 50.22 ? 204 HOH A O   1 
HETATM 1359 O O   . HOH C 2 .   ? -2.650  -3.477  6.579   1.00 35.09 ? 205 HOH A O   1 
HETATM 1360 O O   . HOH C 2 .   ? -6.637  -3.153  8.693   1.00 50.47 ? 206 HOH A O   1 
HETATM 1361 O O   . HOH C 2 .   ? 15.859  -5.650  19.825  1.00 52.15 ? 207 HOH A O   1 
HETATM 1362 O O   . HOH C 2 .   ? 18.261  -18.043 9.595   1.00 43.13 ? 208 HOH A O   1 
HETATM 1363 O O   . HOH C 2 .   ? 0.451   -14.142 -4.460  1.00 40.56 ? 209 HOH A O   1 
HETATM 1364 O O   . HOH C 2 .   ? -1.364  -22.751 -3.734  1.00 47.93 ? 210 HOH A O   1 
HETATM 1365 O O   . HOH C 2 .   ? 5.805   15.390  1.080   1.00 44.99 ? 211 HOH A O   1 
HETATM 1366 O O   . HOH C 2 .   ? -3.791  -7.162  8.997   1.00 44.06 ? 212 HOH A O   1 
HETATM 1367 O O   . HOH C 2 .   ? 3.929   8.897   2.801   1.00 20.86 ? 213 HOH A O   1 
HETATM 1368 O O   . HOH C 2 .   ? 11.792  13.997  -1.046  1.00 72.13 ? 214 HOH A O   1 
HETATM 1369 O O   . HOH D 2 .   ? -17.448 -14.052 -10.152 1.00 51.26 ? 201 HOH B O   1 
HETATM 1370 O O   . HOH D 2 .   ? 5.098   6.935   -3.131  1.00 51.76 ? 202 HOH B O   1 
HETATM 1371 O O   . HOH D 2 .   ? 4.734   3.137   -12.392 1.00 48.48 ? 203 HOH B O   1 
HETATM 1372 O O   . HOH D 2 .   ? -1.337  -2.880  -0.761  1.00 36.47 ? 204 HOH B O   1 
HETATM 1373 O O   . HOH D 2 .   ? 3.254   1.615   -3.998  1.00 40.35 ? 205 HOH B O   1 
HETATM 1374 O O   . HOH D 2 .   ? -18.611 3.867   1.609   1.00 53.17 ? 206 HOH B O   1 
HETATM 1375 O O   . HOH D 2 .   ? -21.350 -4.524  -2.411  1.00 43.61 ? 207 HOH B O   1 
HETATM 1376 O O   . HOH D 2 .   ? -23.072 7.113   -13.440 1.00 42.24 ? 208 HOH B O   1 
HETATM 1377 O O   . HOH D 2 .   ? 13.882  -5.647  -5.402  1.00 47.92 ? 209 HOH B O   1 
HETATM 1378 O O   . HOH D 2 .   ? -9.664  0.040   -11.648 1.00 34.18 ? 210 HOH B O   1 
HETATM 1379 O O   . HOH D 2 .   ? -1.171  14.534  0.930   1.00 37.17 ? 211 HOH B O   1 
HETATM 1380 O O   . HOH D 2 .   ? 15.397  -10.599 0.184   1.00 52.75 ? 212 HOH B O   1 
HETATM 1381 O O   . HOH D 2 .   ? 2.557   12.746  -4.152  1.00 43.13 ? 213 HOH B O   1 
HETATM 1382 O O   . HOH D 2 .   ? -11.301 22.144  -5.525  1.00 48.99 ? 214 HOH B O   1 
HETATM 1383 O O   . HOH D 2 .   ? -24.210 12.244  -0.581  1.00 66.50 ? 215 HOH B O   1 
HETATM 1384 O O   . HOH D 2 .   ? 9.189   2.029   -13.882 1.00 49.81 ? 216 HOH B O   1 
HETATM 1385 O O   . HOH D 2 .   ? -8.836  20.523  3.582   1.00 62.07 ? 217 HOH B O   1 
# 
